data_4BEN
#
_entry.id   4BEN
#
_cell.length_a   103.623
_cell.length_b   91.911
_cell.length_c   106.924
_cell.angle_alpha   90.00
_cell.angle_beta   94.50
_cell.angle_gamma   90.00
#
_symmetry.space_group_name_H-M   'P 1 21 1'
#
loop_
_entity.id
_entity.type
_entity.pdbx_description
1 polymer 'D-ALANYL-D-ALANINE CARBOXYPEPTIDASE'
2 non-polymer '(5R)-5-[(1S,2R)-1-formyl-2-hydroxypropyl]-3-[(2-{[(E)-iminomethyl]amino}ethyl)sulfanyl]-4,5-dihydro-1H-pyrrole-2-carbox ylic acid'
3 non-polymer 'MAGNESIUM ION'
4 non-polymer 'SULFATE ION'
5 non-polymer GLYCEROL
6 non-polymer '2-(N-MORPHOLINO)-ETHANESULFONIC ACID'
7 water water
#
_entity_poly.entity_id   1
_entity_poly.type   'polypeptide(L)'
_entity_poly.pdbx_seq_one_letter_code
;RLTELREDIDAILEDPALEGAVSGVVVVDTATGEELYSRDGGEQLLPASNMKLFTAAAALEVLGADHSFGTEVAAESAPG
RRGEVQDLYLVGRGDPTLSAEDLDAMAAEVAASGVRTVRGDLYADDTWFDSERLVDDWWPEDEPYAYSAQISALTVAHGE
RFDTGVTEVSVTPAAEGEPADVDLGAAEGYAELDNRAVTGAAGSANTLVIDRPVGTNTIAVTGSLPADAAPVTALRTVDE
PAALAGHLFEEALESNGVTVKGDVGLGGVPADWQDAEVLADHTSAELSEILVPFMKFSNNGHAEMLVKSIGQETAGAGTW
DAGLVGVEEALSGLGVDTAGLVLNDGSGLSRGNLVTADTVVDLLGQAGSAPWAQTWSASLPVAGESDPFVGGTLANRMRG
TAAEGVVEAKTGTMSGVSALSGYVPGPEGELAFSIVNNGHSGPAPLAVQDAIAVRLAEYAGHQAPE
;
_entity_poly.pdbx_strand_id   A,B,C,D
#
loop_
_chem_comp.id
_chem_comp.type
_chem_comp.name
_chem_comp.formula
GOL non-polymer GLYCEROL 'C3 H8 O3'
IM2 non-polymer '(5R)-5-[(1S,2R)-1-formyl-2-hydroxypropyl]-3-[(2-{[(E)-iminomethyl]amino}ethyl)sulfanyl]-4,5-dihydro-1H-pyrrole-2-carbox ylic acid' 'C12 H19 N3 O4 S'
MES non-polymer '2-(N-MORPHOLINO)-ETHANESULFONIC ACID' 'C6 H13 N O4 S'
MG non-polymer 'MAGNESIUM ION' 'Mg 2'
SO4 non-polymer 'SULFATE ION' 'O4 S -2'
#
# COMPACT_ATOMS: atom_id res chain seq x y z
N ARG A 1 1.29 -66.37 66.91
CA ARG A 1 0.88 -64.95 66.73
C ARG A 1 1.18 -64.47 65.31
N LEU A 2 2.37 -64.81 64.81
CA LEU A 2 2.81 -64.44 63.46
C LEU A 2 2.15 -65.30 62.40
N THR A 3 1.79 -66.53 62.77
CA THR A 3 1.17 -67.48 61.86
C THR A 3 -0.32 -67.17 61.67
N GLU A 4 -0.95 -66.63 62.72
CA GLU A 4 -2.35 -66.19 62.69
C GLU A 4 -2.52 -65.07 61.67
N LEU A 5 -1.56 -64.15 61.67
CA LEU A 5 -1.60 -62.96 60.80
C LEU A 5 -1.58 -63.35 59.33
N ARG A 6 -0.69 -64.27 58.99
CA ARG A 6 -0.56 -64.77 57.61
C ARG A 6 -1.85 -65.46 57.15
N GLU A 7 -2.44 -66.28 58.03
CA GLU A 7 -3.73 -66.91 57.76
C GLU A 7 -4.83 -65.89 57.54
N ASP A 8 -4.89 -64.89 58.41
CA ASP A 8 -5.90 -63.83 58.35
C ASP A 8 -5.77 -62.95 57.09
N ILE A 9 -4.53 -62.64 56.69
CA ILE A 9 -4.32 -61.88 55.45
C ILE A 9 -4.63 -62.73 54.21
N ASP A 10 -4.18 -63.98 54.23
CA ASP A 10 -4.51 -64.98 53.20
C ASP A 10 -6.03 -65.02 52.93
N ALA A 11 -6.82 -65.01 54.00
CA ALA A 11 -8.27 -65.07 53.91
C ALA A 11 -8.89 -63.76 53.43
N ILE A 12 -8.32 -62.64 53.84
CA ILE A 12 -8.77 -61.33 53.37
C ILE A 12 -8.58 -61.25 51.86
N LEU A 13 -7.47 -61.80 51.38
CA LEU A 13 -7.15 -61.73 49.96
C LEU A 13 -7.96 -62.69 49.07
N GLU A 14 -8.84 -63.50 49.67
CA GLU A 14 -9.74 -64.40 48.90
C GLU A 14 -11.07 -63.72 48.55
N ASP A 15 -11.29 -62.52 49.08
CA ASP A 15 -12.48 -61.73 48.77
C ASP A 15 -12.80 -61.74 47.27
N PRO A 16 -14.09 -61.86 46.91
CA PRO A 16 -14.51 -61.85 45.50
C PRO A 16 -14.33 -60.51 44.78
N ALA A 17 -14.04 -59.45 45.52
CA ALA A 17 -13.76 -58.15 44.91
C ALA A 17 -12.42 -58.16 44.17
N LEU A 18 -11.58 -59.15 44.51
CA LEU A 18 -10.26 -59.34 43.91
C LEU A 18 -10.20 -60.45 42.84
N GLU A 19 -11.36 -60.84 42.31
CA GLU A 19 -11.43 -61.85 41.27
C GLU A 19 -10.76 -61.41 39.96
N GLY A 20 -9.75 -62.18 39.53
CA GLY A 20 -8.97 -61.88 38.33
C GLY A 20 -7.94 -60.76 38.46
N ALA A 21 -7.80 -60.23 39.67
CA ALA A 21 -6.86 -59.17 39.98
C ALA A 21 -5.54 -59.73 40.42
N VAL A 22 -4.48 -58.97 40.19
CA VAL A 22 -3.18 -59.26 40.80
C VAL A 22 -2.98 -58.26 41.94
N SER A 23 -2.49 -58.75 43.08
CA SER A 23 -2.35 -57.92 44.26
C SER A 23 -1.00 -58.10 44.91
N GLY A 24 -0.17 -57.05 44.87
CA GLY A 24 1.11 -57.05 45.58
C GLY A 24 0.90 -56.65 47.02
N VAL A 25 1.26 -57.51 47.97
CA VAL A 25 1.11 -57.21 49.39
C VAL A 25 2.35 -57.57 50.17
N VAL A 26 2.97 -56.57 50.78
CA VAL A 26 4.18 -56.75 51.55
C VAL A 26 4.07 -56.03 52.90
N VAL A 27 4.45 -56.73 53.97
CA VAL A 27 4.50 -56.14 55.28
C VAL A 27 5.83 -56.46 55.96
N VAL A 28 6.47 -55.43 56.47
CA VAL A 28 7.79 -55.56 57.06
C VAL A 28 7.86 -54.85 58.42
N ASP A 29 8.42 -55.51 59.43
CA ASP A 29 8.77 -54.87 60.69
C ASP A 29 9.95 -53.99 60.40
N THR A 30 9.85 -52.70 60.68
CA THR A 30 10.93 -51.80 60.29
C THR A 30 12.00 -51.63 61.37
N ALA A 31 11.74 -52.18 62.55
CA ALA A 31 12.71 -52.16 63.62
C ALA A 31 13.76 -53.26 63.40
N THR A 32 13.38 -54.31 62.68
CA THR A 32 14.26 -55.47 62.50
C THR A 32 14.51 -55.84 61.04
N GLY A 33 13.64 -55.38 60.14
CA GLY A 33 13.72 -55.77 58.74
C GLY A 33 13.04 -57.10 58.50
N GLU A 34 12.34 -57.60 59.50
CA GLU A 34 11.62 -58.87 59.40
C GLU A 34 10.43 -58.75 58.44
N GLU A 35 10.41 -59.63 57.45
CA GLU A 35 9.31 -59.71 56.52
C GLU A 35 8.15 -60.49 57.14
N LEU A 36 7.13 -59.79 57.59
CA LEU A 36 5.95 -60.42 58.21
C LEU A 36 5.04 -61.11 57.19
N TYR A 37 4.90 -60.54 56.00
CA TYR A 37 4.01 -61.07 54.98
C TYR A 37 4.52 -60.61 53.62
N SER A 38 4.43 -61.49 52.63
CA SER A 38 4.88 -61.20 51.27
C SER A 38 4.14 -62.06 50.28
N ARG A 39 3.38 -61.41 49.39
CA ARG A 39 2.83 -62.05 48.20
C ARG A 39 2.92 -61.19 46.95
N ASP A 40 3.44 -61.78 45.87
CA ASP A 40 3.69 -61.08 44.62
C ASP A 40 4.40 -59.74 44.85
N GLY A 41 5.39 -59.76 45.74
CA GLY A 41 6.14 -58.58 46.16
C GLY A 41 6.98 -57.94 45.07
N GLY A 42 7.40 -58.74 44.10
CA GLY A 42 8.29 -58.31 43.05
C GLY A 42 7.56 -58.10 41.74
N GLU A 43 6.25 -58.31 41.79
CA GLU A 43 5.42 -58.12 40.61
C GLU A 43 5.29 -56.62 40.24
N GLN A 44 5.51 -56.30 38.97
CA GLN A 44 5.37 -54.94 38.49
C GLN A 44 3.91 -54.58 38.31
N LEU A 45 3.48 -53.49 38.95
CA LEU A 45 2.07 -53.06 38.93
C LEU A 45 1.94 -51.55 38.81
N LEU A 46 0.83 -51.09 38.22
CA LEU A 46 0.51 -49.67 38.24
C LEU A 46 0.22 -49.22 39.69
N PRO A 47 0.84 -48.11 40.12
CA PRO A 47 0.68 -47.60 41.45
C PRO A 47 -0.48 -46.61 41.63
N ALA A 48 -1.03 -46.09 40.54
CA ALA A 48 -1.86 -44.88 40.64
C ALA A 48 -1.15 -43.84 41.54
N SER A 49 -1.89 -43.19 42.44
CA SER A 49 -1.35 -42.11 43.29
C SER A 49 -0.32 -42.51 44.34
N ASN A 50 -0.11 -43.79 44.55
CA ASN A 50 1.02 -44.19 45.35
C ASN A 50 2.38 -43.73 44.73
N MET A 51 2.36 -43.36 43.45
CA MET A 51 3.52 -42.80 42.79
C MET A 51 4.01 -41.57 43.56
N LYS A 52 3.06 -40.82 44.14
CA LYS A 52 3.40 -39.61 44.90
C LYS A 52 4.41 -39.83 46.03
N LEU A 53 4.42 -41.04 46.61
CA LEU A 53 5.39 -41.41 47.64
C LEU A 53 6.81 -41.23 47.14
N PHE A 54 7.07 -41.72 45.92
CA PHE A 54 8.37 -41.58 45.33
C PHE A 54 8.69 -40.11 45.06
N THR A 55 7.73 -39.38 44.49
CA THR A 55 7.88 -37.98 44.16
C THR A 55 8.17 -37.10 45.38
N ALA A 56 7.45 -37.33 46.48
CA ALA A 56 7.62 -36.52 47.70
C ALA A 56 8.96 -36.75 48.35
N ALA A 57 9.41 -38.01 48.35
CA ALA A 57 10.66 -38.33 49.00
C ALA A 57 11.81 -37.75 48.19
N ALA A 58 11.72 -37.78 46.86
CA ALA A 58 12.78 -37.23 46.02
C ALA A 58 12.83 -35.70 46.16
N ALA A 59 11.67 -35.06 46.28
CA ALA A 59 11.58 -33.60 46.39
C ALA A 59 12.26 -33.15 47.68
N LEU A 60 12.02 -33.91 48.74
CA LEU A 60 12.66 -33.63 50.01
C LEU A 60 14.18 -33.87 49.94
N GLU A 61 14.60 -34.91 49.19
CA GLU A 61 16.03 -35.15 48.96
C GLU A 61 16.70 -34.03 48.17
N VAL A 62 16.07 -33.66 47.05
CA VAL A 62 16.67 -32.73 46.09
C VAL A 62 16.51 -31.27 46.53
N LEU A 63 15.31 -30.89 46.93
CA LEU A 63 14.99 -29.48 47.20
C LEU A 63 15.22 -29.11 48.64
N GLY A 64 14.97 -30.09 49.53
CA GLY A 64 15.10 -29.86 50.97
C GLY A 64 13.78 -29.41 51.59
N ALA A 65 13.59 -29.75 52.87
CA ALA A 65 12.40 -29.35 53.63
C ALA A 65 12.20 -27.83 53.75
N ASP A 66 13.29 -27.08 53.62
CA ASP A 66 13.27 -25.62 53.76
C ASP A 66 13.06 -24.86 52.44
N HIS A 67 12.97 -25.60 51.33
CA HIS A 67 12.91 -24.99 50.02
C HIS A 67 11.59 -24.20 49.83
N SER A 68 11.70 -22.98 49.34
CA SER A 68 10.52 -22.20 48.99
C SER A 68 10.57 -21.78 47.54
N PHE A 69 9.44 -21.28 47.03
CA PHE A 69 9.31 -20.98 45.60
C PHE A 69 8.97 -19.49 45.38
N GLY A 70 9.54 -18.87 44.35
CA GLY A 70 9.45 -17.42 44.14
C GLY A 70 8.61 -17.07 42.92
N THR A 71 7.97 -15.89 42.98
CA THR A 71 7.26 -15.31 41.86
C THR A 71 7.64 -13.82 41.90
N GLU A 72 7.88 -13.20 40.75
CA GLU A 72 8.24 -11.79 40.76
C GLU A 72 7.66 -11.00 39.57
N VAL A 73 7.73 -9.68 39.68
CA VAL A 73 7.21 -8.81 38.62
C VAL A 73 8.36 -7.92 38.15
N ALA A 74 8.54 -7.83 36.83
CA ALA A 74 9.70 -7.15 36.30
C ALA A 74 9.42 -6.20 35.14
N ALA A 75 10.13 -5.06 35.14
CA ALA A 75 10.08 -4.05 34.08
C ALA A 75 11.51 -3.78 33.63
N GLU A 76 11.69 -3.23 32.43
CA GLU A 76 13.06 -3.03 31.91
C GLU A 76 13.89 -2.06 32.78
N SER A 77 13.23 -1.03 33.29
CA SER A 77 13.82 -0.16 34.28
C SER A 77 12.72 0.23 35.26
N ALA A 78 13.10 0.79 36.40
CA ALA A 78 12.16 1.35 37.37
C ALA A 78 11.27 2.46 36.79
N PRO A 79 10.14 2.75 37.46
CA PRO A 79 9.24 3.80 36.99
C PRO A 79 9.81 5.21 37.22
N GLY A 80 9.36 6.18 36.42
CA GLY A 80 9.90 7.54 36.52
C GLY A 80 9.22 8.49 37.49
N ARG A 81 9.57 9.77 37.38
CA ARG A 81 8.84 10.86 38.02
C ARG A 81 7.37 10.69 37.65
N ARG A 82 7.16 10.43 36.36
CA ARG A 82 5.84 10.23 35.77
C ARG A 82 5.22 8.88 36.17
N GLY A 83 6.03 7.99 36.75
CA GLY A 83 5.58 6.68 37.18
C GLY A 83 5.09 5.79 36.04
N GLU A 84 5.84 5.78 34.94
CA GLU A 84 5.48 4.98 33.78
C GLU A 84 6.49 3.88 33.57
N VAL A 85 5.99 2.73 33.08
CA VAL A 85 6.82 1.65 32.55
C VAL A 85 6.22 1.23 31.23
N GLN A 86 6.97 0.49 30.44
CA GLN A 86 6.44 -0.03 29.19
C GLN A 86 5.87 -1.42 29.42
N ASP A 87 6.57 -2.45 28.99
CA ASP A 87 6.08 -3.81 29.19
C ASP A 87 6.36 -4.25 30.61
N LEU A 88 5.51 -5.12 31.14
CA LEU A 88 5.68 -5.70 32.48
C LEU A 88 5.61 -7.23 32.43
N TYR A 89 6.46 -7.90 33.22
CA TYR A 89 6.47 -9.37 33.23
C TYR A 89 6.14 -9.90 34.59
N LEU A 90 5.15 -10.79 34.65
CA LEU A 90 4.89 -11.62 35.82
C LEU A 90 5.60 -12.94 35.60
N VAL A 91 6.58 -13.22 36.46
CA VAL A 91 7.45 -14.36 36.31
C VAL A 91 7.21 -15.39 37.38
N GLY A 92 6.83 -16.58 36.95
CA GLY A 92 6.53 -17.67 37.87
C GLY A 92 7.69 -18.65 37.88
N ARG A 93 8.18 -18.99 39.08
CA ARG A 93 9.19 -20.03 39.21
C ARG A 93 8.72 -21.26 39.97
N GLY A 94 7.52 -21.74 39.63
CA GLY A 94 7.09 -23.04 40.09
C GLY A 94 6.40 -23.09 41.45
N ASP A 95 5.82 -21.96 41.89
CA ASP A 95 5.04 -21.98 43.15
C ASP A 95 3.69 -22.72 42.93
N PRO A 96 3.43 -23.81 43.69
CA PRO A 96 2.18 -24.56 43.49
C PRO A 96 1.05 -24.08 44.42
N THR A 97 1.30 -23.02 45.16
CA THR A 97 0.38 -22.51 46.18
C THR A 97 0.21 -21.01 46.03
N LEU A 98 0.28 -20.50 44.80
CA LEU A 98 0.17 -19.07 44.55
C LEU A 98 -1.29 -18.68 44.34
N SER A 99 -1.83 -17.86 45.23
CA SER A 99 -3.24 -17.51 45.23
C SER A 99 -3.50 -16.17 44.53
N ALA A 100 -4.77 -15.94 44.22
CA ALA A 100 -5.29 -14.64 43.78
C ALA A 100 -4.91 -13.52 44.76
N GLU A 101 -4.92 -13.85 46.05
CA GLU A 101 -4.52 -12.88 47.05
C GLU A 101 -3.05 -12.51 47.00
N ASP A 102 -2.18 -13.50 46.73
CA ASP A 102 -0.77 -13.21 46.48
C ASP A 102 -0.57 -12.30 45.25
N LEU A 103 -1.39 -12.46 44.22
CA LEU A 103 -1.39 -11.54 43.08
C LEU A 103 -1.76 -10.14 43.53
N ASP A 104 -2.82 -9.99 44.32
CA ASP A 104 -3.23 -8.66 44.81
C ASP A 104 -2.11 -7.99 45.61
N ALA A 105 -1.44 -8.76 46.45
CA ALA A 105 -0.35 -8.21 47.24
C ALA A 105 0.83 -7.79 46.35
N MET A 106 1.14 -8.55 45.31
CA MET A 106 2.18 -8.11 44.37
C MET A 106 1.74 -6.89 43.58
N ALA A 107 0.46 -6.85 43.20
CA ALA A 107 -0.09 -5.66 42.56
C ALA A 107 0.04 -4.39 43.45
N ALA A 108 -0.25 -4.51 44.74
CA ALA A 108 -0.04 -3.39 45.68
C ALA A 108 1.42 -2.98 45.71
N GLU A 109 2.35 -3.94 45.74
CA GLU A 109 3.79 -3.62 45.68
C GLU A 109 4.17 -2.85 44.43
N VAL A 110 3.63 -3.25 43.27
CA VAL A 110 3.90 -2.54 42.03
C VAL A 110 3.50 -1.06 42.12
N ALA A 111 2.31 -0.81 42.69
CA ALA A 111 1.82 0.54 42.95
C ALA A 111 2.73 1.28 43.92
N ALA A 112 3.05 0.64 45.04
CA ALA A 112 3.95 1.19 46.04
C ALA A 112 5.35 1.48 45.48
N SER A 113 5.73 0.79 44.42
CA SER A 113 7.06 1.00 43.88
C SER A 113 7.07 2.23 42.98
N GLY A 114 5.90 2.85 42.78
CA GLY A 114 5.78 4.08 42.01
C GLY A 114 5.16 3.95 40.63
N VAL A 115 4.78 2.74 40.23
CA VAL A 115 4.09 2.54 38.94
C VAL A 115 2.64 3.01 39.01
N ARG A 116 2.25 3.79 38.01
CA ARG A 116 0.89 4.28 37.88
C ARG A 116 0.30 3.73 36.59
N THR A 117 1.15 3.62 35.58
CA THR A 117 0.72 3.23 34.25
C THR A 117 1.67 2.25 33.59
N VAL A 118 1.13 1.12 33.17
CA VAL A 118 1.83 0.18 32.31
C VAL A 118 1.46 0.57 30.88
N ARG A 119 2.38 1.27 30.22
CA ARG A 119 2.13 1.84 28.91
C ARG A 119 2.15 0.77 27.83
N GLY A 120 2.91 -0.30 28.07
CA GLY A 120 2.99 -1.43 27.13
C GLY A 120 2.09 -2.61 27.51
N ASP A 121 2.57 -3.82 27.23
CA ASP A 121 1.81 -5.04 27.49
C ASP A 121 2.23 -5.75 28.77
N LEU A 122 1.34 -6.60 29.31
CA LEU A 122 1.60 -7.45 30.45
C LEU A 122 1.81 -8.88 29.97
N TYR A 123 2.97 -9.45 30.26
CA TYR A 123 3.27 -10.79 29.80
C TYR A 123 3.39 -11.72 30.99
N ALA A 124 2.89 -12.93 30.81
CA ALA A 124 2.97 -13.96 31.83
C ALA A 124 4.09 -14.87 31.43
N ASP A 125 5.13 -14.92 32.25
CA ASP A 125 6.33 -15.68 31.95
C ASP A 125 6.39 -16.96 32.80
N ASP A 126 6.20 -18.09 32.13
CA ASP A 126 6.26 -19.41 32.79
C ASP A 126 7.42 -20.23 32.22
N THR A 127 8.41 -19.56 31.64
CA THR A 127 9.51 -20.22 30.93
C THR A 127 10.49 -21.00 31.85
N TRP A 128 10.35 -20.84 33.17
CA TRP A 128 11.16 -21.59 34.15
C TRP A 128 10.93 -23.09 34.00
N PHE A 129 9.72 -23.47 33.58
CA PHE A 129 9.45 -24.82 33.14
C PHE A 129 9.23 -24.79 31.62
N ASP A 130 9.31 -25.95 30.98
CA ASP A 130 8.93 -26.08 29.58
C ASP A 130 7.41 -25.93 29.39
N SER A 131 6.97 -25.90 28.14
CA SER A 131 5.56 -25.70 27.84
C SER A 131 4.85 -27.02 27.51
N GLU A 132 5.40 -28.14 27.99
CA GLU A 132 4.72 -29.42 27.80
C GLU A 132 3.68 -29.49 28.91
N ARG A 133 2.41 -29.29 28.55
CA ARG A 133 1.35 -29.09 29.56
C ARG A 133 0.80 -30.37 30.18
N LEU A 134 0.76 -31.43 29.39
CA LEU A 134 0.21 -32.73 29.80
C LEU A 134 1.18 -33.84 29.48
N VAL A 135 1.17 -34.91 30.26
CA VAL A 135 2.01 -36.09 30.00
C VAL A 135 1.43 -36.82 28.76
N ASP A 136 2.32 -37.32 27.90
CA ASP A 136 1.93 -38.01 26.65
C ASP A 136 0.75 -38.99 26.79
N ASP A 137 0.86 -39.93 27.71
CA ASP A 137 -0.13 -40.98 27.81
C ASP A 137 -1.34 -40.66 28.71
N TRP A 138 -1.44 -39.42 29.21
CA TRP A 138 -2.64 -39.00 29.90
C TRP A 138 -3.80 -38.95 28.89
N TRP A 139 -5.01 -39.21 29.38
CA TRP A 139 -6.20 -39.33 28.56
C TRP A 139 -6.92 -38.00 28.35
N PRO A 140 -7.13 -37.63 27.08
CA PRO A 140 -7.76 -36.35 26.71
C PRO A 140 -9.13 -36.12 27.31
N GLU A 141 -9.90 -37.18 27.52
CA GLU A 141 -11.22 -37.03 28.16
C GLU A 141 -11.18 -36.54 29.60
N ASP A 142 -10.04 -36.73 30.26
CA ASP A 142 -9.82 -36.27 31.65
C ASP A 142 -9.54 -34.77 31.78
N GLU A 143 -9.12 -34.15 30.69
CA GLU A 143 -8.61 -32.78 30.68
C GLU A 143 -9.45 -31.68 31.36
N PRO A 144 -10.81 -31.79 31.31
CA PRO A 144 -11.60 -30.77 31.98
C PRO A 144 -11.46 -30.71 33.50
N TYR A 145 -10.93 -31.78 34.13
CA TYR A 145 -11.09 -32.01 35.57
C TYR A 145 -9.84 -31.65 36.36
N ALA A 146 -10.01 -31.08 37.55
CA ALA A 146 -8.90 -30.53 38.33
C ALA A 146 -7.63 -31.41 38.38
N TYR A 147 -7.82 -32.71 38.45
CA TYR A 147 -6.69 -33.62 38.64
C TYR A 147 -5.87 -33.79 37.37
N SER A 148 -6.39 -33.28 36.25
CA SER A 148 -5.69 -33.25 34.94
C SER A 148 -5.31 -31.83 34.46
N ALA A 149 -5.23 -30.89 35.41
CA ALA A 149 -4.85 -29.51 35.11
C ALA A 149 -3.52 -29.48 34.36
N GLN A 150 -3.41 -28.52 33.43
CA GLN A 150 -2.16 -28.30 32.70
C GLN A 150 -1.05 -27.85 33.64
N ILE A 151 0.18 -28.24 33.29
CA ILE A 151 1.30 -27.95 34.13
C ILE A 151 2.05 -26.75 33.63
N SER A 152 2.30 -25.82 34.54
CA SER A 152 3.04 -24.61 34.18
C SER A 152 3.85 -24.16 35.38
N ALA A 153 4.94 -23.43 35.13
CA ALA A 153 5.69 -22.74 36.19
C ALA A 153 4.91 -21.57 36.81
N LEU A 154 3.95 -21.03 36.06
CA LEU A 154 3.14 -19.92 36.59
C LEU A 154 1.68 -20.35 36.55
N THR A 155 1.11 -20.66 37.73
CA THR A 155 -0.29 -21.10 37.81
C THR A 155 -0.96 -20.55 39.08
N VAL A 156 -2.23 -20.15 38.99
CA VAL A 156 -2.95 -19.71 40.18
C VAL A 156 -3.64 -20.90 40.87
N ALA A 157 -3.36 -21.08 42.17
CA ALA A 157 -3.88 -22.19 42.97
C ALA A 157 -5.17 -21.80 43.64
N HIS A 158 -6.18 -22.65 43.51
CA HIS A 158 -7.48 -22.33 44.11
C HIS A 158 -7.68 -22.91 45.50
N GLY A 159 -8.09 -22.05 46.45
CA GLY A 159 -8.60 -22.49 47.73
C GLY A 159 -7.52 -22.93 48.69
N GLU A 160 -7.93 -23.39 49.87
CA GLU A 160 -6.96 -23.84 50.88
C GLU A 160 -6.29 -25.19 50.54
N ARG A 161 -6.81 -25.91 49.55
CA ARG A 161 -6.17 -27.13 49.06
C ARG A 161 -5.19 -26.86 47.91
N PHE A 162 -5.27 -25.65 47.36
CA PHE A 162 -4.31 -25.17 46.34
C PHE A 162 -4.36 -26.02 45.08
N ASP A 163 -5.56 -26.16 44.55
CA ASP A 163 -5.76 -26.83 43.28
C ASP A 163 -5.37 -25.86 42.19
N THR A 164 -4.40 -26.23 41.38
CA THR A 164 -3.82 -25.32 40.40
C THR A 164 -4.49 -25.38 39.02
N GLY A 165 -4.41 -24.28 38.29
CA GLY A 165 -4.76 -24.27 36.85
C GLY A 165 -6.23 -24.54 36.64
N VAL A 166 -7.05 -24.15 37.63
CA VAL A 166 -8.49 -24.31 37.54
C VAL A 166 -9.25 -23.02 37.83
N THR A 167 -10.53 -23.04 37.45
CA THR A 167 -11.45 -22.01 37.83
C THR A 167 -12.65 -22.69 38.47
N GLU A 168 -13.33 -21.97 39.37
CA GLU A 168 -14.56 -22.51 39.98
C GLU A 168 -15.83 -22.03 39.24
N VAL A 169 -16.50 -22.94 38.56
CA VAL A 169 -17.76 -22.66 37.88
C VAL A 169 -18.96 -22.85 38.83
N SER A 170 -19.84 -21.85 38.91
CA SER A 170 -21.02 -21.91 39.74
C SER A 170 -22.27 -21.72 38.90
N VAL A 171 -23.18 -22.68 38.96
CA VAL A 171 -24.41 -22.62 38.20
C VAL A 171 -25.58 -22.54 39.18
N THR A 172 -26.43 -21.53 38.97
CA THR A 172 -27.54 -21.17 39.86
C THR A 172 -28.83 -21.23 39.02
N PRO A 173 -29.88 -21.89 39.53
CA PRO A 173 -31.12 -21.87 38.77
C PRO A 173 -31.79 -20.49 38.76
N ALA A 174 -32.61 -20.24 37.76
CA ALA A 174 -33.42 -19.03 37.69
C ALA A 174 -34.90 -19.44 37.81
N ALA A 175 -35.81 -18.71 37.16
CA ALA A 175 -37.17 -19.20 37.05
C ALA A 175 -37.19 -20.39 36.09
N GLU A 176 -38.15 -21.31 36.28
CA GLU A 176 -38.37 -22.42 35.36
C GLU A 176 -38.45 -21.94 33.93
N GLY A 177 -37.62 -22.51 33.06
CA GLY A 177 -37.65 -22.17 31.64
C GLY A 177 -36.66 -21.09 31.24
N GLU A 178 -36.19 -20.32 32.21
CA GLU A 178 -35.09 -19.39 32.02
C GLU A 178 -33.74 -20.12 32.02
N PRO A 179 -32.78 -19.61 31.23
CA PRO A 179 -31.46 -20.22 31.31
C PRO A 179 -30.91 -20.22 32.74
N ALA A 180 -30.11 -21.25 33.05
CA ALA A 180 -29.39 -21.25 34.31
C ALA A 180 -28.32 -20.15 34.26
N ASP A 181 -28.02 -19.54 35.40
CA ASP A 181 -26.96 -18.54 35.44
C ASP A 181 -25.66 -19.26 35.70
N VAL A 182 -24.69 -19.01 34.84
CA VAL A 182 -23.35 -19.59 34.95
C VAL A 182 -22.32 -18.50 35.27
N ASP A 183 -21.55 -18.77 36.31
CA ASP A 183 -20.52 -17.87 36.81
C ASP A 183 -19.19 -18.64 36.65
N LEU A 184 -18.27 -18.09 35.86
CA LEU A 184 -17.04 -18.79 35.50
C LEU A 184 -15.93 -18.64 36.55
N GLY A 185 -16.19 -17.88 37.61
CA GLY A 185 -15.20 -17.68 38.67
C GLY A 185 -14.02 -16.89 38.14
N ALA A 186 -12.80 -17.31 38.48
CA ALA A 186 -11.60 -16.55 38.11
C ALA A 186 -11.38 -16.42 36.60
N ALA A 187 -11.84 -17.42 35.86
CA ALA A 187 -11.76 -17.40 34.42
C ALA A 187 -12.77 -16.47 33.72
N GLU A 188 -13.58 -15.71 34.47
CA GLU A 188 -14.45 -14.71 33.87
C GLU A 188 -13.55 -13.74 33.11
N GLY A 189 -13.88 -13.55 31.83
CA GLY A 189 -13.13 -12.66 30.96
C GLY A 189 -11.90 -13.33 30.38
N TYR A 190 -11.67 -14.60 30.74
CA TYR A 190 -10.54 -15.36 30.20
C TYR A 190 -11.05 -16.50 29.31
N ALA A 191 -11.80 -17.43 29.90
CA ALA A 191 -12.37 -18.58 29.20
C ALA A 191 -13.63 -18.14 28.49
N GLU A 192 -13.99 -18.79 27.39
CA GLU A 192 -15.25 -18.49 26.73
C GLU A 192 -16.38 -19.24 27.39
N LEU A 193 -17.59 -18.72 27.23
CA LEU A 193 -18.76 -19.37 27.80
C LEU A 193 -19.72 -19.84 26.74
N ASP A 194 -20.04 -21.13 26.75
CA ASP A 194 -21.14 -21.64 25.94
C ASP A 194 -22.21 -22.23 26.86
N ASN A 195 -23.17 -21.39 27.24
CA ASN A 195 -24.20 -21.80 28.20
C ASN A 195 -25.49 -22.15 27.49
N ARG A 196 -25.77 -23.45 27.43
CA ARG A 196 -26.98 -23.99 26.84
C ARG A 196 -27.90 -24.54 27.91
N ALA A 197 -27.51 -24.42 29.18
CA ALA A 197 -28.29 -24.98 30.26
C ALA A 197 -29.54 -24.16 30.61
N VAL A 198 -30.61 -24.88 30.98
CA VAL A 198 -31.87 -24.28 31.34
C VAL A 198 -32.22 -24.63 32.78
N THR A 199 -33.19 -23.92 33.32
CA THR A 199 -33.74 -24.18 34.62
C THR A 199 -34.99 -25.01 34.43
N GLY A 200 -35.02 -26.15 35.08
CA GLY A 200 -36.18 -27.05 34.97
C GLY A 200 -37.16 -26.73 36.08
N ALA A 201 -38.30 -27.41 36.06
CA ALA A 201 -39.32 -27.26 37.07
C ALA A 201 -38.78 -27.64 38.44
N ALA A 202 -39.31 -27.05 39.49
CA ALA A 202 -39.08 -27.54 40.84
C ALA A 202 -39.31 -29.08 40.90
N GLY A 203 -38.40 -29.80 41.53
CA GLY A 203 -38.56 -31.27 41.64
C GLY A 203 -38.14 -32.08 40.41
N SER A 204 -37.85 -31.41 39.30
CA SER A 204 -37.34 -32.12 38.12
C SER A 204 -35.94 -32.69 38.36
N ALA A 205 -35.49 -33.51 37.41
CA ALA A 205 -34.22 -34.20 37.54
C ALA A 205 -33.09 -33.24 37.16
N ASN A 206 -32.02 -33.30 37.92
CA ASN A 206 -30.80 -32.56 37.64
C ASN A 206 -29.96 -33.32 36.58
N THR A 207 -29.81 -32.74 35.41
CA THR A 207 -29.01 -33.32 34.33
C THR A 207 -27.89 -32.38 33.88
N LEU A 208 -27.61 -31.37 34.67
CA LEU A 208 -26.60 -30.38 34.34
C LEU A 208 -25.21 -30.98 34.11
N VAL A 209 -24.58 -30.60 32.99
CA VAL A 209 -23.21 -31.02 32.63
C VAL A 209 -22.33 -29.76 32.39
N ILE A 210 -21.13 -29.77 32.95
CA ILE A 210 -20.14 -28.71 32.79
C ILE A 210 -18.89 -29.34 32.18
N ASP A 211 -18.54 -28.87 30.99
CA ASP A 211 -17.45 -29.43 30.21
C ASP A 211 -16.53 -28.32 29.77
N ARG A 212 -15.29 -28.70 29.45
CA ARG A 212 -14.42 -27.91 28.59
C ARG A 212 -14.02 -28.81 27.40
N PRO A 213 -14.62 -28.56 26.22
CA PRO A 213 -14.39 -29.43 25.05
C PRO A 213 -12.91 -29.45 24.67
N VAL A 214 -12.44 -30.62 24.25
CA VAL A 214 -11.01 -30.86 24.06
C VAL A 214 -10.38 -29.85 23.09
N GLY A 215 -9.26 -29.27 23.51
CA GLY A 215 -8.52 -28.35 22.65
C GLY A 215 -9.16 -26.97 22.50
N THR A 216 -10.03 -26.61 23.45
CA THR A 216 -10.64 -25.28 23.51
C THR A 216 -10.43 -24.65 24.87
N ASN A 217 -10.76 -23.37 24.96
CA ASN A 217 -10.83 -22.65 26.24
C ASN A 217 -12.25 -22.23 26.51
N THR A 218 -13.19 -23.12 26.20
CA THR A 218 -14.62 -22.85 26.38
C THR A 218 -15.23 -23.74 27.48
N ILE A 219 -15.89 -23.11 28.46
CA ILE A 219 -16.72 -23.86 29.38
C ILE A 219 -18.10 -24.08 28.75
N ALA A 220 -18.40 -25.32 28.41
CA ALA A 220 -19.66 -25.64 27.79
C ALA A 220 -20.61 -26.24 28.82
N VAL A 221 -21.74 -25.58 29.02
CA VAL A 221 -22.72 -26.05 29.99
C VAL A 221 -24.01 -26.47 29.33
N THR A 222 -24.41 -27.72 29.59
CA THR A 222 -25.66 -28.26 29.02
C THR A 222 -26.53 -28.85 30.11
N GLY A 223 -27.74 -29.21 29.70
CA GLY A 223 -28.70 -29.87 30.58
C GLY A 223 -29.57 -28.91 31.34
N SER A 224 -30.13 -29.39 32.44
CA SER A 224 -31.21 -28.71 33.12
C SER A 224 -31.01 -28.79 34.63
N LEU A 225 -31.11 -27.64 35.30
CA LEU A 225 -31.00 -27.53 36.77
C LEU A 225 -32.39 -27.18 37.35
N PRO A 226 -32.88 -27.98 38.33
CA PRO A 226 -34.18 -27.72 38.95
C PRO A 226 -34.26 -26.35 39.62
N ALA A 227 -35.39 -25.66 39.43
CA ALA A 227 -35.63 -24.33 40.01
C ALA A 227 -35.35 -24.30 41.51
N ASP A 228 -35.58 -25.44 42.16
CA ASP A 228 -35.44 -25.53 43.60
C ASP A 228 -34.12 -26.11 44.05
N ALA A 229 -33.21 -26.33 43.11
CA ALA A 229 -31.92 -26.93 43.46
C ALA A 229 -30.99 -25.92 44.08
N ALA A 230 -30.16 -26.39 45.01
CA ALA A 230 -29.02 -25.63 45.49
C ALA A 230 -28.06 -25.36 44.30
N PRO A 231 -27.41 -24.19 44.30
CA PRO A 231 -26.41 -23.93 43.26
C PRO A 231 -25.32 -25.01 43.21
N VAL A 232 -24.79 -25.25 42.02
CA VAL A 232 -23.81 -26.29 41.76
C VAL A 232 -22.42 -25.68 41.52
N THR A 233 -21.39 -26.12 42.24
CA THR A 233 -20.02 -25.66 41.96
C THR A 233 -19.14 -26.79 41.45
N ALA A 234 -18.29 -26.46 40.48
CA ALA A 234 -17.30 -27.42 40.00
C ALA A 234 -16.01 -26.73 39.61
N LEU A 235 -14.91 -27.38 39.92
CA LEU A 235 -13.59 -26.95 39.46
C LEU A 235 -13.38 -27.47 38.06
N ARG A 236 -13.04 -26.56 37.16
CA ARG A 236 -12.72 -26.97 35.81
C ARG A 236 -11.38 -26.38 35.39
N THR A 237 -10.61 -27.13 34.62
CA THR A 237 -9.32 -26.64 34.15
C THR A 237 -9.48 -25.57 33.10
N VAL A 238 -8.48 -24.71 32.95
CA VAL A 238 -8.43 -23.83 31.78
C VAL A 238 -7.24 -24.21 30.88
N ASP A 239 -7.28 -23.75 29.63
CA ASP A 239 -6.13 -23.76 28.76
C ASP A 239 -5.14 -22.72 29.28
N GLU A 240 -3.85 -23.05 29.23
CA GLU A 240 -2.76 -22.09 29.58
C GLU A 240 -2.92 -21.41 30.96
N PRO A 241 -2.62 -22.13 32.06
CA PRO A 241 -2.73 -21.52 33.38
C PRO A 241 -1.97 -20.20 33.55
N ALA A 242 -0.84 -20.05 32.84
CA ALA A 242 -0.04 -18.84 32.99
C ALA A 242 -0.80 -17.61 32.46
N ALA A 243 -1.54 -17.79 31.38
CA ALA A 243 -2.32 -16.68 30.80
C ALA A 243 -3.53 -16.33 31.67
N LEU A 244 -4.10 -17.33 32.37
CA LEU A 244 -5.13 -17.01 33.37
C LEU A 244 -4.49 -16.16 34.49
N ALA A 245 -3.31 -16.56 34.96
CA ALA A 245 -2.56 -15.80 35.98
C ALA A 245 -2.29 -14.34 35.51
N GLY A 246 -1.82 -14.19 34.27
CA GLY A 246 -1.70 -12.88 33.63
C GLY A 246 -3.00 -12.10 33.67
N HIS A 247 -4.11 -12.77 33.34
CA HIS A 247 -5.44 -12.10 33.32
C HIS A 247 -5.77 -11.58 34.74
N LEU A 248 -5.62 -12.43 35.74
CA LEU A 248 -5.95 -12.08 37.10
C LEU A 248 -5.02 -10.98 37.62
N PHE A 249 -3.77 -11.01 37.18
CA PHE A 249 -2.84 -10.00 37.58
C PHE A 249 -3.18 -8.63 37.00
N GLU A 250 -3.62 -8.61 35.75
CA GLU A 250 -4.09 -7.35 35.16
C GLU A 250 -5.20 -6.74 36.02
N GLU A 251 -6.16 -7.58 36.42
CA GLU A 251 -7.25 -7.15 37.28
C GLU A 251 -6.71 -6.64 38.61
N ALA A 252 -5.74 -7.33 39.18
CA ALA A 252 -5.21 -6.91 40.47
C ALA A 252 -4.49 -5.56 40.38
N LEU A 253 -3.76 -5.34 39.29
CA LEU A 253 -3.10 -4.06 39.04
C LEU A 253 -4.12 -2.93 38.95
N GLU A 254 -5.13 -3.13 38.11
CA GLU A 254 -6.24 -2.16 37.96
C GLU A 254 -6.90 -1.85 39.30
N SER A 255 -7.12 -2.89 40.10
CA SER A 255 -7.71 -2.76 41.43
C SER A 255 -6.77 -2.10 42.46
N ASN A 256 -5.47 -2.03 42.16
CA ASN A 256 -4.54 -1.30 43.02
C ASN A 256 -4.08 0.02 42.41
N GLY A 257 -4.89 0.55 41.49
CA GLY A 257 -4.65 1.86 40.88
C GLY A 257 -3.62 1.91 39.77
N VAL A 258 -3.35 0.77 39.13
CA VAL A 258 -2.38 0.70 38.05
C VAL A 258 -3.08 0.39 36.75
N THR A 259 -3.00 1.31 35.81
CA THR A 259 -3.66 1.22 34.54
C THR A 259 -2.81 0.45 33.56
N VAL A 260 -3.35 -0.62 33.00
CA VAL A 260 -2.65 -1.38 31.96
C VAL A 260 -3.22 -0.96 30.61
N LYS A 261 -2.38 -0.37 29.75
CA LYS A 261 -2.83 0.16 28.46
C LYS A 261 -2.84 -0.89 27.35
N GLY A 262 -1.91 -1.85 27.42
CA GLY A 262 -1.75 -2.82 26.35
C GLY A 262 -2.53 -4.11 26.52
N ASP A 263 -2.02 -5.19 25.91
CA ASP A 263 -2.64 -6.50 25.94
C ASP A 263 -2.00 -7.44 26.98
N VAL A 264 -2.56 -8.64 27.15
CA VAL A 264 -2.06 -9.65 28.08
C VAL A 264 -1.76 -10.89 27.28
N GLY A 265 -0.56 -11.45 27.43
CA GLY A 265 -0.23 -12.68 26.72
C GLY A 265 0.88 -13.44 27.41
N LEU A 266 1.35 -14.52 26.79
CA LEU A 266 2.51 -15.25 27.25
C LEU A 266 3.75 -14.63 26.62
N GLY A 267 4.84 -14.63 27.39
CA GLY A 267 6.13 -14.18 26.91
C GLY A 267 7.16 -14.24 28.02
N GLY A 268 8.40 -14.51 27.63
CA GLY A 268 9.51 -14.54 28.57
C GLY A 268 10.26 -13.21 28.55
N VAL A 269 10.74 -12.81 29.73
CA VAL A 269 11.61 -11.62 29.88
C VAL A 269 12.69 -11.64 28.78
N PRO A 270 12.79 -10.58 27.96
CA PRO A 270 13.74 -10.62 26.84
C PRO A 270 15.18 -10.76 27.30
N ALA A 271 15.97 -11.47 26.49
CA ALA A 271 17.40 -11.65 26.75
C ALA A 271 18.15 -10.30 26.70
N ASP A 272 17.68 -9.39 25.85
CA ASP A 272 18.34 -8.09 25.68
C ASP A 272 18.11 -7.10 26.85
N TRP A 273 17.24 -7.48 27.78
CA TRP A 273 17.02 -6.71 29.02
C TRP A 273 18.25 -6.77 29.92
N GLN A 274 18.86 -5.61 30.13
CA GLN A 274 20.17 -5.50 30.78
C GLN A 274 20.17 -5.76 32.29
N ASP A 275 19.34 -5.03 33.02
CA ASP A 275 19.29 -5.15 34.46
C ASP A 275 17.84 -4.94 34.87
N ALA A 276 17.05 -6.00 34.70
CA ALA A 276 15.62 -5.94 34.97
C ALA A 276 15.34 -5.39 36.35
N GLU A 277 14.40 -4.46 36.43
CA GLU A 277 13.92 -3.97 37.71
C GLU A 277 12.79 -4.83 38.28
N VAL A 278 13.09 -5.48 39.41
CA VAL A 278 12.13 -6.28 40.13
C VAL A 278 11.26 -5.34 40.94
N LEU A 279 9.99 -5.22 40.54
CA LEU A 279 9.05 -4.27 41.12
C LEU A 279 8.18 -4.87 42.23
N ALA A 280 8.13 -6.20 42.29
CA ALA A 280 7.37 -6.92 43.32
C ALA A 280 7.81 -8.38 43.34
N ASP A 281 7.64 -9.03 44.48
CA ASP A 281 7.85 -10.48 44.54
C ASP A 281 7.09 -11.13 45.69
N HIS A 282 7.09 -12.46 45.63
CA HIS A 282 6.44 -13.29 46.61
C HIS A 282 7.21 -14.59 46.82
N THR A 283 7.24 -15.03 48.07
CA THR A 283 7.90 -16.27 48.44
C THR A 283 6.83 -17.19 49.02
N SER A 284 6.72 -18.40 48.46
CA SER A 284 5.82 -19.42 48.99
C SER A 284 6.24 -19.82 50.42
N ALA A 285 5.35 -20.50 51.13
CA ALA A 285 5.69 -21.35 52.29
C ALA A 285 6.76 -22.39 51.88
N GLU A 286 7.44 -22.96 52.86
CA GLU A 286 8.50 -23.95 52.58
C GLU A 286 7.91 -25.28 52.25
N LEU A 287 8.70 -26.13 51.61
CA LEU A 287 8.19 -27.40 51.06
C LEU A 287 7.58 -28.26 52.15
N SER A 288 8.17 -28.25 53.35
CA SER A 288 7.63 -29.06 54.45
C SER A 288 6.12 -28.81 54.69
N GLU A 289 5.71 -27.55 54.63
CA GLU A 289 4.30 -27.19 54.78
C GLU A 289 3.46 -27.50 53.52
N ILE A 290 4.02 -27.26 52.35
CA ILE A 290 3.35 -27.57 51.08
C ILE A 290 3.08 -29.07 50.93
N LEU A 291 3.93 -29.91 51.51
CA LEU A 291 3.77 -31.36 51.46
C LEU A 291 2.42 -31.81 52.05
N VAL A 292 1.88 -31.03 52.97
CA VAL A 292 0.58 -31.35 53.61
C VAL A 292 -0.61 -31.37 52.60
N PRO A 293 -0.96 -30.21 51.99
CA PRO A 293 -2.08 -30.29 51.06
C PRO A 293 -1.80 -31.17 49.86
N PHE A 294 -0.54 -31.23 49.45
CA PHE A 294 -0.12 -32.10 48.35
C PHE A 294 -0.44 -33.57 48.62
N MET A 295 0.11 -34.12 49.72
CA MET A 295 0.00 -35.56 50.00
C MET A 295 -1.32 -35.94 50.69
N LYS A 296 -1.86 -35.08 51.56
CA LYS A 296 -3.15 -35.40 52.24
C LYS A 296 -4.29 -35.56 51.20
N PHE A 297 -4.31 -34.68 50.21
CA PHE A 297 -5.38 -34.72 49.20
C PHE A 297 -4.95 -35.25 47.83
N SER A 298 -3.68 -35.65 47.70
CA SER A 298 -3.18 -36.33 46.47
C SER A 298 -3.23 -35.37 45.27
N ASN A 299 -2.56 -34.24 45.40
CA ASN A 299 -2.68 -33.15 44.40
C ASN A 299 -1.74 -33.41 43.23
N ASN A 300 -2.31 -33.76 42.07
CA ASN A 300 -1.55 -34.14 40.88
C ASN A 300 -0.69 -32.98 40.35
N GLY A 301 -1.26 -31.77 40.33
CA GLY A 301 -0.51 -30.57 39.87
C GLY A 301 0.74 -30.34 40.70
N HIS A 302 0.62 -30.38 42.02
CA HIS A 302 1.76 -30.27 42.91
C HIS A 302 2.82 -31.30 42.58
N ALA A 303 2.40 -32.55 42.34
CA ALA A 303 3.40 -33.58 42.06
C ALA A 303 4.17 -33.28 40.80
N GLU A 304 3.48 -32.95 39.69
CA GLU A 304 4.21 -32.72 38.43
C GLU A 304 5.10 -31.49 38.54
N MET A 305 4.64 -30.44 39.23
CA MET A 305 5.41 -29.23 39.42
C MET A 305 6.68 -29.52 40.22
N LEU A 306 6.58 -30.39 41.22
CA LEU A 306 7.78 -30.78 41.99
C LEU A 306 8.79 -31.58 41.16
N VAL A 307 8.27 -32.44 40.28
CA VAL A 307 9.14 -33.14 39.32
C VAL A 307 9.92 -32.14 38.48
N LYS A 308 9.21 -31.14 37.92
CA LYS A 308 9.90 -30.19 37.06
C LYS A 308 10.85 -29.30 37.86
N SER A 309 10.48 -28.98 39.11
CA SER A 309 11.36 -28.26 40.04
C SER A 309 12.61 -29.07 40.35
N ILE A 310 12.45 -30.38 40.50
CA ILE A 310 13.59 -31.31 40.56
C ILE A 310 14.46 -31.22 39.32
N GLY A 311 13.83 -31.23 38.13
CA GLY A 311 14.58 -31.09 36.89
C GLY A 311 15.34 -29.77 36.89
N GLN A 312 14.68 -28.70 37.34
CA GLN A 312 15.37 -27.41 37.44
C GLN A 312 16.57 -27.44 38.39
N GLU A 313 16.40 -28.02 39.56
CA GLU A 313 17.49 -28.04 40.55
C GLU A 313 18.68 -28.93 40.15
N THR A 314 18.43 -30.09 39.58
CA THR A 314 19.52 -31.03 39.21
C THR A 314 20.19 -30.72 37.86
N ALA A 315 19.49 -30.03 36.98
CA ALA A 315 19.91 -30.01 35.58
C ALA A 315 19.59 -28.72 34.88
N GLY A 316 18.92 -27.79 35.56
CA GLY A 316 18.56 -26.51 34.95
C GLY A 316 17.50 -26.73 33.88
N ALA A 317 16.75 -27.82 34.02
CA ALA A 317 15.78 -28.18 33.00
C ALA A 317 14.46 -28.49 33.68
N GLY A 318 13.47 -27.63 33.50
CA GLY A 318 12.15 -27.83 34.11
C GLY A 318 11.29 -28.72 33.23
N THR A 319 11.59 -30.01 33.25
CA THR A 319 11.15 -30.96 32.24
C THR A 319 10.83 -32.28 32.97
N TRP A 320 9.92 -33.09 32.40
CA TRP A 320 9.65 -34.45 32.94
C TRP A 320 10.83 -35.38 32.74
N ASP A 321 11.43 -35.34 31.55
CA ASP A 321 12.59 -36.20 31.30
C ASP A 321 13.64 -36.01 32.37
N ALA A 322 13.97 -34.75 32.64
CA ALA A 322 15.02 -34.42 33.57
C ALA A 322 14.58 -34.63 35.01
N GLY A 323 13.34 -34.24 35.31
CA GLY A 323 12.81 -34.36 36.65
C GLY A 323 12.68 -35.81 37.09
N LEU A 324 12.25 -36.68 36.16
CA LEU A 324 12.03 -38.08 36.47
C LEU A 324 13.32 -38.83 36.67
N VAL A 325 14.35 -38.53 35.87
CA VAL A 325 15.70 -39.03 36.16
C VAL A 325 16.16 -38.57 37.58
N GLY A 326 15.93 -37.28 37.87
CA GLY A 326 16.28 -36.72 39.20
C GLY A 326 15.59 -37.45 40.35
N VAL A 327 14.33 -37.80 40.16
CA VAL A 327 13.56 -38.56 41.18
C VAL A 327 14.26 -39.92 41.39
N GLU A 328 14.54 -40.61 40.29
CA GLU A 328 15.16 -41.92 40.32
C GLU A 328 16.53 -41.90 40.99
N GLU A 329 17.36 -40.91 40.63
CA GLU A 329 18.67 -40.71 41.26
C GLU A 329 18.58 -40.35 42.72
N ALA A 330 17.66 -39.47 43.09
CA ALA A 330 17.46 -39.17 44.52
C ALA A 330 17.11 -40.47 45.30
N LEU A 331 16.20 -41.25 44.74
CA LEU A 331 15.76 -42.50 45.42
C LEU A 331 16.92 -43.49 45.56
N SER A 332 17.72 -43.65 44.49
CA SER A 332 18.93 -44.48 44.56
C SER A 332 19.89 -44.01 45.65
N GLY A 333 20.13 -42.69 45.69
CA GLY A 333 21.03 -42.07 46.65
C GLY A 333 20.54 -42.30 48.07
N LEU A 334 19.25 -42.61 48.19
CA LEU A 334 18.65 -42.88 49.50
C LEU A 334 18.82 -44.35 49.92
N GLY A 335 19.25 -45.18 48.98
CA GLY A 335 19.47 -46.60 49.22
C GLY A 335 18.33 -47.49 48.76
N VAL A 336 17.42 -46.92 47.98
CA VAL A 336 16.27 -47.64 47.42
C VAL A 336 16.72 -48.36 46.13
N ASP A 337 16.44 -49.66 46.04
CA ASP A 337 16.62 -50.40 44.80
C ASP A 337 15.52 -50.02 43.78
N THR A 338 15.89 -49.28 42.74
CA THR A 338 14.92 -48.78 41.76
C THR A 338 14.75 -49.63 40.48
N ALA A 339 15.28 -50.86 40.48
CA ALA A 339 15.15 -51.76 39.31
C ALA A 339 13.71 -52.02 38.83
N GLY A 340 12.78 -52.17 39.77
CA GLY A 340 11.38 -52.45 39.44
C GLY A 340 10.53 -51.23 39.09
N LEU A 341 11.13 -50.04 39.15
CA LEU A 341 10.43 -48.78 38.97
C LEU A 341 10.47 -48.31 37.54
N VAL A 342 9.30 -47.97 37.01
CA VAL A 342 9.21 -47.24 35.75
C VAL A 342 8.47 -45.95 36.04
N LEU A 343 9.15 -44.83 35.82
CA LEU A 343 8.58 -43.54 36.16
C LEU A 343 8.15 -42.80 34.90
N ASN A 344 6.85 -42.55 34.75
CA ASN A 344 6.38 -41.73 33.63
C ASN A 344 5.74 -40.38 34.05
N ASP A 345 5.49 -40.21 35.36
CA ASP A 345 5.02 -38.92 35.92
C ASP A 345 5.20 -38.93 37.41
N GLY A 346 4.85 -37.81 38.06
CA GLY A 346 5.08 -37.71 39.49
C GLY A 346 3.81 -38.00 40.29
N SER A 347 2.65 -37.74 39.66
CA SER A 347 1.37 -37.84 40.38
C SER A 347 0.82 -39.24 40.39
N GLY A 348 1.16 -40.04 39.38
CA GLY A 348 0.62 -41.40 39.29
C GLY A 348 -0.58 -41.48 38.38
N LEU A 349 -0.98 -40.34 37.78
CA LEU A 349 -2.09 -40.36 36.84
C LEU A 349 -1.76 -41.22 35.60
N SER A 350 -0.47 -41.23 35.22
CA SER A 350 -0.04 -41.97 34.03
C SER A 350 -0.08 -43.47 34.23
N ARG A 351 -0.68 -44.15 33.25
CA ARG A 351 -0.71 -45.61 33.17
C ARG A 351 0.60 -46.22 32.71
N GLY A 352 1.61 -45.38 32.48
CA GLY A 352 2.92 -45.84 32.07
C GLY A 352 3.84 -46.01 33.28
N ASN A 353 3.33 -45.71 34.47
CA ASN A 353 4.08 -45.87 35.71
C ASN A 353 4.10 -47.34 36.14
N LEU A 354 5.19 -47.82 36.72
CA LEU A 354 5.19 -49.15 37.35
C LEU A 354 5.97 -49.16 38.66
N VAL A 355 5.45 -49.87 39.65
CA VAL A 355 6.17 -50.11 40.90
C VAL A 355 6.10 -51.58 41.26
N THR A 356 6.79 -51.97 42.34
CA THR A 356 6.52 -53.25 42.96
C THR A 356 6.24 -52.95 44.42
N ALA A 357 5.47 -53.81 45.08
CA ALA A 357 5.17 -53.63 46.49
C ALA A 357 6.44 -53.67 47.32
N ASP A 358 7.39 -54.55 46.94
CA ASP A 358 8.71 -54.56 47.57
C ASP A 358 9.45 -53.22 47.47
N THR A 359 9.39 -52.58 46.30
CA THR A 359 10.03 -51.28 46.11
C THR A 359 9.35 -50.22 47.00
N VAL A 360 8.05 -50.35 47.17
CA VAL A 360 7.34 -49.40 47.98
C VAL A 360 7.79 -49.48 49.43
N VAL A 361 7.81 -50.70 49.97
CA VAL A 361 8.22 -50.96 51.34
C VAL A 361 9.68 -50.57 51.59
N ASP A 362 10.54 -50.85 50.61
CA ASP A 362 11.93 -50.40 50.63
C ASP A 362 11.98 -48.88 50.86
N LEU A 363 11.25 -48.14 50.02
CA LEU A 363 11.20 -46.69 50.15
C LEU A 363 10.67 -46.27 51.54
N LEU A 364 9.58 -46.90 52.00
CA LEU A 364 9.04 -46.62 53.33
C LEU A 364 10.08 -46.74 54.45
N GLY A 365 10.92 -47.77 54.40
CA GLY A 365 12.04 -47.93 55.33
C GLY A 365 13.12 -46.85 55.23
N GLN A 366 13.57 -46.57 54.01
CA GLN A 366 14.59 -45.53 53.79
C GLN A 366 14.09 -44.14 54.19
N ALA A 367 12.86 -43.83 53.84
CA ALA A 367 12.30 -42.53 54.16
C ALA A 367 12.11 -42.40 55.68
N GLY A 368 11.78 -43.50 56.34
CA GLY A 368 11.58 -43.50 57.80
C GLY A 368 12.83 -43.13 58.59
N SER A 369 14.00 -43.37 58.00
CA SER A 369 15.24 -43.06 58.73
C SER A 369 16.00 -41.87 58.13
N ALA A 370 15.35 -41.14 57.23
CA ALA A 370 15.94 -39.96 56.62
C ALA A 370 15.87 -38.81 57.61
N PRO A 371 16.72 -37.78 57.45
CA PRO A 371 16.68 -36.60 58.30
C PRO A 371 15.30 -35.92 58.25
N TRP A 372 14.59 -36.06 57.13
CA TRP A 372 13.32 -35.38 56.97
C TRP A 372 12.12 -36.28 57.29
N ALA A 373 12.38 -37.40 57.98
CA ALA A 373 11.35 -38.42 58.23
C ALA A 373 10.03 -37.90 58.79
N GLN A 374 10.12 -36.97 59.73
CA GLN A 374 8.91 -36.42 60.38
C GLN A 374 8.03 -35.54 59.46
N THR A 375 8.66 -34.68 58.67
CA THR A 375 8.01 -33.85 57.70
C THR A 375 7.24 -34.72 56.71
N TRP A 376 7.93 -35.74 56.20
CA TRP A 376 7.38 -36.75 55.30
C TRP A 376 6.19 -37.46 55.95
N SER A 377 6.40 -37.97 57.15
CA SER A 377 5.37 -38.70 57.88
C SER A 377 4.12 -37.84 58.14
N ALA A 378 4.34 -36.60 58.58
CA ALA A 378 3.21 -35.69 58.88
C ALA A 378 2.34 -35.42 57.65
N SER A 379 2.89 -35.60 56.45
CA SER A 379 2.10 -35.28 55.22
C SER A 379 1.08 -36.34 54.84
N LEU A 380 1.25 -37.55 55.38
CA LEU A 380 0.43 -38.70 54.98
C LEU A 380 -0.93 -38.68 55.65
N PRO A 381 -1.97 -39.09 54.91
CA PRO A 381 -3.28 -39.26 55.53
C PRO A 381 -3.25 -40.15 56.76
N VAL A 382 -4.00 -39.78 57.79
CA VAL A 382 -4.07 -40.58 59.02
C VAL A 382 -5.42 -41.26 59.07
N ALA A 383 -5.41 -42.59 59.16
CA ALA A 383 -6.68 -43.36 59.10
C ALA A 383 -7.77 -42.80 60.04
N GLY A 384 -8.91 -42.45 59.46
CA GLY A 384 -10.15 -42.19 60.22
C GLY A 384 -10.25 -40.83 60.89
N GLU A 385 -9.28 -39.96 60.61
CA GLU A 385 -9.25 -38.64 61.25
C GLU A 385 -10.19 -37.68 60.51
N SER A 386 -11.15 -37.12 61.25
CA SER A 386 -12.23 -36.36 60.59
C SER A 386 -11.84 -34.95 60.05
N ASP A 387 -10.85 -34.30 60.68
CA ASP A 387 -10.27 -33.04 60.12
C ASP A 387 -9.63 -33.32 58.72
N PRO A 388 -10.17 -32.71 57.65
CA PRO A 388 -9.70 -33.08 56.30
C PRO A 388 -8.20 -32.85 56.08
N PHE A 389 -7.64 -31.82 56.71
CA PHE A 389 -6.19 -31.59 56.66
C PHE A 389 -5.37 -32.58 57.50
N VAL A 390 -6.05 -33.44 58.25
CA VAL A 390 -5.38 -34.49 59.01
C VAL A 390 -5.69 -35.85 58.40
N GLY A 391 -6.97 -36.14 58.19
CA GLY A 391 -7.37 -37.45 57.69
C GLY A 391 -7.11 -37.59 56.20
N GLY A 392 -7.16 -36.46 55.47
CA GLY A 392 -7.01 -36.46 54.01
C GLY A 392 -7.95 -37.45 53.32
N THR A 393 -7.43 -38.19 52.34
CA THR A 393 -8.22 -39.19 51.61
C THR A 393 -8.57 -40.41 52.47
N LEU A 394 -8.09 -40.44 53.70
CA LEU A 394 -8.47 -41.51 54.63
C LEU A 394 -9.46 -41.07 55.72
N ALA A 395 -9.97 -39.85 55.60
CA ALA A 395 -10.83 -39.24 56.63
C ALA A 395 -12.06 -40.07 56.96
N ASN A 396 -12.71 -40.62 55.94
CA ASN A 396 -13.90 -41.42 56.17
C ASN A 396 -13.67 -42.91 55.87
N ARG A 397 -12.46 -43.38 56.20
CA ARG A 397 -12.14 -44.80 56.15
C ARG A 397 -11.59 -45.24 57.49
N MET A 398 -11.94 -46.46 57.89
CA MET A 398 -11.38 -47.09 59.08
C MET A 398 -11.73 -46.45 60.43
N ARG A 399 -12.76 -45.60 60.45
CA ARG A 399 -13.26 -45.04 61.70
C ARG A 399 -13.76 -46.15 62.61
N GLY A 400 -13.50 -46.02 63.90
CA GLY A 400 -13.97 -46.98 64.89
C GLY A 400 -13.30 -48.35 64.76
N THR A 401 -12.11 -48.36 64.16
CA THR A 401 -11.27 -49.55 64.10
C THR A 401 -9.94 -49.25 64.78
N ALA A 402 -9.13 -50.29 64.99
CA ALA A 402 -7.81 -50.12 65.59
C ALA A 402 -6.88 -49.24 64.77
N ALA A 403 -7.19 -49.06 63.49
CA ALA A 403 -6.39 -48.24 62.59
C ALA A 403 -6.62 -46.75 62.80
N GLU A 404 -7.75 -46.40 63.39
CA GLU A 404 -8.12 -44.97 63.56
C GLU A 404 -7.12 -44.21 64.42
N GLY A 405 -6.58 -43.15 63.85
CA GLY A 405 -5.61 -42.31 64.53
C GLY A 405 -4.20 -42.85 64.53
N VAL A 406 -3.99 -44.03 63.93
CA VAL A 406 -2.72 -44.76 64.06
C VAL A 406 -2.04 -45.02 62.71
N VAL A 407 -2.77 -45.63 61.77
CA VAL A 407 -2.21 -45.89 60.44
C VAL A 407 -2.06 -44.58 59.65
N GLU A 408 -0.86 -44.39 59.09
CA GLU A 408 -0.54 -43.26 58.19
C GLU A 408 -0.23 -43.90 56.85
N ALA A 409 -0.97 -43.52 55.80
CA ALA A 409 -0.78 -44.20 54.52
C ALA A 409 -1.22 -43.38 53.35
N LYS A 410 -0.59 -43.60 52.20
CA LYS A 410 -1.01 -42.94 50.96
C LYS A 410 -1.96 -43.85 50.19
N THR A 411 -2.99 -43.22 49.62
CA THR A 411 -4.00 -43.88 48.83
C THR A 411 -3.72 -43.73 47.35
N GLY A 412 -4.55 -44.36 46.53
CA GLY A 412 -4.48 -44.17 45.11
C GLY A 412 -5.53 -45.05 44.47
N THR A 413 -6.37 -44.48 43.61
CA THR A 413 -7.35 -45.26 42.86
C THR A 413 -7.59 -44.64 41.49
N MET A 414 -7.55 -45.46 40.47
CA MET A 414 -8.21 -45.15 39.19
C MET A 414 -8.87 -46.42 38.66
N SER A 415 -9.44 -46.37 37.47
CA SER A 415 -10.08 -47.55 36.89
C SER A 415 -9.14 -48.76 36.88
N GLY A 416 -9.57 -49.84 37.52
CA GLY A 416 -8.77 -51.07 37.58
C GLY A 416 -7.47 -51.03 38.38
N VAL A 417 -7.26 -49.97 39.15
CA VAL A 417 -6.03 -49.80 39.95
C VAL A 417 -6.34 -49.16 41.29
N SER A 418 -5.84 -49.74 42.37
CA SER A 418 -6.01 -49.13 43.69
C SER A 418 -4.80 -49.51 44.54
N ALA A 419 -4.45 -48.66 45.51
CA ALA A 419 -3.28 -48.89 46.34
C ALA A 419 -3.41 -48.22 47.69
N LEU A 420 -2.79 -48.83 48.71
CA LEU A 420 -2.69 -48.27 50.04
C LEU A 420 -1.37 -48.74 50.62
N SER A 421 -0.50 -47.80 50.99
CA SER A 421 0.84 -48.15 51.50
C SER A 421 1.24 -47.13 52.54
N GLY A 422 1.86 -47.57 53.64
CA GLY A 422 2.31 -46.66 54.67
C GLY A 422 2.79 -47.33 55.94
N TYR A 423 2.55 -46.69 57.07
CA TYR A 423 3.08 -47.17 58.33
C TYR A 423 1.99 -47.50 59.34
N VAL A 424 2.31 -48.46 60.20
CA VAL A 424 1.48 -48.82 61.34
C VAL A 424 2.42 -48.79 62.54
N PRO A 425 2.37 -47.72 63.35
CA PRO A 425 3.19 -47.60 64.55
C PRO A 425 2.64 -48.45 65.69
N GLY A 426 3.52 -49.23 66.31
CA GLY A 426 3.09 -50.12 67.36
C GLY A 426 3.91 -49.96 68.62
N PRO A 427 3.39 -50.44 69.75
CA PRO A 427 4.11 -50.54 71.02
C PRO A 427 5.47 -51.23 70.89
N GLU A 428 5.75 -51.78 69.71
CA GLU A 428 6.86 -52.72 69.54
C GLU A 428 7.85 -52.24 68.46
N GLY A 429 7.30 -51.76 67.34
CA GLY A 429 8.08 -51.26 66.23
C GLY A 429 7.14 -50.80 65.11
N GLU A 430 7.64 -49.86 64.31
CA GLU A 430 6.87 -49.32 63.20
C GLU A 430 6.83 -50.36 62.07
N LEU A 431 5.63 -50.81 61.72
CA LEU A 431 5.41 -51.66 60.55
C LEU A 431 5.28 -50.82 59.27
N ALA A 432 5.84 -51.31 58.17
CA ALA A 432 5.66 -50.70 56.84
C ALA A 432 4.92 -51.69 55.94
N PHE A 433 3.93 -51.20 55.22
CA PHE A 433 3.18 -52.07 54.34
C PHE A 433 2.88 -51.42 53.02
N SER A 434 2.70 -52.26 52.00
CA SER A 434 2.25 -51.82 50.70
C SER A 434 1.27 -52.84 50.13
N ILE A 435 0.12 -52.33 49.65
CA ILE A 435 -0.93 -53.13 49.09
C ILE A 435 -1.23 -52.50 47.74
N VAL A 436 -0.89 -53.18 46.65
CA VAL A 436 -1.18 -52.66 45.31
C VAL A 436 -2.03 -53.67 44.51
N ASN A 437 -3.23 -53.23 44.09
CA ASN A 437 -4.16 -54.10 43.36
C ASN A 437 -4.35 -53.56 41.94
N ASN A 438 -4.17 -54.43 40.96
CA ASN A 438 -4.46 -54.15 39.56
C ASN A 438 -5.38 -55.24 39.04
N GLY A 439 -6.34 -54.88 38.20
CA GLY A 439 -7.07 -55.85 37.40
C GLY A 439 -8.42 -56.31 37.93
N HIS A 440 -8.79 -55.87 39.13
CA HIS A 440 -10.14 -56.05 39.66
C HIS A 440 -11.13 -55.34 38.75
N SER A 441 -12.32 -55.90 38.61
CA SER A 441 -13.26 -55.36 37.64
C SER A 441 -14.45 -54.60 38.23
N GLY A 442 -14.57 -54.55 39.55
CA GLY A 442 -15.68 -53.84 40.17
C GLY A 442 -15.21 -52.53 40.79
N PRO A 443 -15.82 -52.15 41.93
CA PRO A 443 -15.27 -51.04 42.73
C PRO A 443 -13.85 -51.31 43.28
N ALA A 444 -13.06 -50.25 43.44
CA ALA A 444 -11.74 -50.35 44.07
C ALA A 444 -11.88 -51.09 45.39
N PRO A 445 -11.05 -52.11 45.62
CA PRO A 445 -11.19 -52.95 46.81
C PRO A 445 -10.79 -52.24 48.13
N LEU A 446 -11.45 -51.12 48.45
CA LEU A 446 -11.04 -50.33 49.62
C LEU A 446 -11.27 -51.09 50.95
N ALA A 447 -12.37 -51.85 51.02
CA ALA A 447 -12.70 -52.65 52.20
C ALA A 447 -11.61 -53.70 52.46
N VAL A 448 -11.16 -54.35 51.40
CA VAL A 448 -10.01 -55.24 51.47
C VAL A 448 -8.75 -54.56 52.01
N GLN A 449 -8.45 -53.37 51.49
CA GLN A 449 -7.29 -52.61 51.98
C GLN A 449 -7.46 -52.22 53.45
N ASP A 450 -8.62 -51.72 53.81
CA ASP A 450 -8.97 -51.42 55.22
C ASP A 450 -8.78 -52.65 56.12
N ALA A 451 -9.34 -53.80 55.74
CA ALA A 451 -9.22 -55.00 56.57
C ALA A 451 -7.78 -55.36 56.90
N ILE A 452 -6.88 -55.24 55.92
CA ILE A 452 -5.50 -55.58 56.16
C ILE A 452 -4.86 -54.56 57.11
N ALA A 453 -5.01 -53.28 56.81
CA ALA A 453 -4.43 -52.22 57.66
C ALA A 453 -4.95 -52.32 59.09
N VAL A 454 -6.24 -52.63 59.24
CA VAL A 454 -6.85 -52.83 60.56
C VAL A 454 -6.23 -54.04 61.30
N ARG A 455 -6.03 -55.13 60.56
CA ARG A 455 -5.41 -56.35 61.11
C ARG A 455 -3.99 -56.08 61.58
N LEU A 456 -3.25 -55.30 60.79
CA LEU A 456 -1.91 -54.89 61.15
C LEU A 456 -1.88 -53.98 62.38
N ALA A 457 -2.85 -53.07 62.47
CA ALA A 457 -2.99 -52.23 63.65
C ALA A 457 -3.19 -53.07 64.92
N GLU A 458 -4.07 -54.07 64.81
CA GLU A 458 -4.37 -54.98 65.93
C GLU A 458 -3.13 -55.79 66.32
N TYR A 459 -2.43 -56.30 65.32
CA TYR A 459 -1.22 -57.08 65.51
C TYR A 459 -0.16 -56.29 66.21
N ALA A 460 -0.06 -55.00 65.86
CA ALA A 460 0.86 -54.06 66.50
C ALA A 460 0.41 -53.65 67.90
N GLY A 461 -0.76 -54.12 68.31
CA GLY A 461 -1.21 -53.94 69.68
C GLY A 461 -2.28 -52.89 69.87
N HIS A 462 -2.91 -52.47 68.79
CA HIS A 462 -3.94 -51.44 68.86
C HIS A 462 -5.36 -51.97 68.95
N GLN A 463 -6.23 -51.12 69.49
CA GLN A 463 -7.64 -51.42 69.64
C GLN A 463 -8.50 -50.22 69.22
N ALA A 464 -9.67 -50.50 68.68
CA ALA A 464 -10.61 -49.48 68.19
C ALA A 464 -11.01 -48.47 69.25
N PRO A 465 -10.97 -47.16 68.90
CA PRO A 465 -11.52 -46.21 69.87
C PRO A 465 -13.02 -46.38 69.96
N GLU A 466 -13.55 -46.33 71.17
CA GLU A 466 -14.99 -46.35 71.41
C GLU A 466 -15.38 -45.14 72.26
N ARG B 1 16.48 17.44 -12.29
CA ARG B 1 15.64 16.21 -12.31
C ARG B 1 16.15 15.19 -11.31
N LEU B 2 15.21 14.40 -10.77
CA LEU B 2 15.51 13.31 -9.84
C LEU B 2 16.53 12.33 -10.36
N THR B 3 16.34 11.87 -11.60
CA THR B 3 17.13 10.79 -12.14
C THR B 3 18.58 11.21 -12.38
N GLU B 4 18.81 12.51 -12.56
CA GLU B 4 20.18 13.05 -12.71
C GLU B 4 20.95 13.06 -11.38
N LEU B 5 20.28 13.51 -10.32
CA LEU B 5 20.85 13.49 -8.98
C LEU B 5 21.19 12.07 -8.56
N ARG B 6 20.29 11.13 -8.79
CA ARG B 6 20.55 9.74 -8.44
C ARG B 6 21.81 9.23 -9.16
N GLU B 7 21.99 9.61 -10.42
CA GLU B 7 23.18 9.23 -11.17
C GLU B 7 24.46 9.86 -10.61
N ASP B 8 24.40 11.15 -10.30
CA ASP B 8 25.53 11.85 -9.68
C ASP B 8 26.00 11.22 -8.35
N ILE B 9 25.07 10.95 -7.44
CA ILE B 9 25.41 10.33 -6.17
C ILE B 9 25.96 8.91 -6.37
N ASP B 10 25.31 8.12 -7.22
CA ASP B 10 25.83 6.80 -7.60
C ASP B 10 27.30 6.93 -7.98
N ALA B 11 27.59 7.91 -8.83
CA ALA B 11 28.95 8.14 -9.35
C ALA B 11 29.96 8.58 -8.27
N ILE B 12 29.51 9.37 -7.32
CA ILE B 12 30.37 9.83 -6.24
C ILE B 12 30.74 8.63 -5.36
N LEU B 13 29.78 7.74 -5.16
CA LEU B 13 29.96 6.56 -4.32
C LEU B 13 30.89 5.51 -4.95
N GLU B 14 31.20 5.69 -6.24
CA GLU B 14 32.21 4.86 -6.92
C GLU B 14 33.66 5.30 -6.63
N ASP B 15 33.85 6.04 -5.57
CA ASP B 15 35.15 6.59 -5.20
C ASP B 15 36.09 5.47 -4.73
N PRO B 16 37.39 5.56 -5.03
CA PRO B 16 38.38 4.60 -4.53
C PRO B 16 38.40 4.39 -3.01
N ALA B 17 38.03 5.42 -2.25
CA ALA B 17 38.04 5.34 -0.78
C ALA B 17 36.96 4.39 -0.25
N LEU B 18 35.99 4.04 -1.10
CA LEU B 18 34.87 3.21 -0.69
C LEU B 18 34.89 1.80 -1.30
N GLU B 19 36.03 1.43 -1.89
CA GLU B 19 36.14 0.14 -2.51
C GLU B 19 36.04 -0.94 -1.46
N GLY B 20 35.13 -1.88 -1.68
CA GLY B 20 34.86 -2.94 -0.68
C GLY B 20 34.04 -2.55 0.57
N ALA B 21 33.45 -1.36 0.60
CA ALA B 21 32.74 -0.83 1.76
C ALA B 21 31.22 -0.89 1.61
N VAL B 22 30.51 -0.63 2.72
CA VAL B 22 29.05 -0.52 2.74
C VAL B 22 28.71 0.92 3.12
N SER B 23 27.92 1.60 2.27
CA SER B 23 27.42 2.95 2.59
C SER B 23 25.87 3.06 2.60
N GLY B 24 25.31 3.39 3.76
CA GLY B 24 23.90 3.76 3.84
C GLY B 24 23.75 5.22 3.46
N VAL B 25 23.03 5.49 2.36
CA VAL B 25 22.80 6.84 1.87
C VAL B 25 21.33 7.08 1.55
N VAL B 26 20.71 7.95 2.36
CA VAL B 26 19.32 8.33 2.23
C VAL B 26 19.15 9.86 2.22
N VAL B 27 18.30 10.36 1.31
CA VAL B 27 18.03 11.79 1.17
C VAL B 27 16.51 11.99 1.00
N VAL B 28 15.95 12.85 1.82
CA VAL B 28 14.52 13.11 1.81
C VAL B 28 14.27 14.60 1.77
N ASP B 29 13.33 15.03 0.93
CA ASP B 29 12.84 16.40 0.98
C ASP B 29 11.85 16.49 2.15
N THR B 30 12.19 17.28 3.17
CA THR B 30 11.37 17.35 4.39
C THR B 30 9.98 17.94 4.19
N ALA B 31 9.81 18.73 3.14
CA ALA B 31 8.52 19.33 2.84
C ALA B 31 7.61 18.30 2.16
N THR B 32 7.96 17.96 0.92
CA THR B 32 7.22 16.97 0.11
C THR B 32 7.14 15.59 0.76
N GLY B 33 8.03 15.31 1.71
CA GLY B 33 8.13 13.97 2.32
C GLY B 33 8.82 12.98 1.40
N GLU B 34 9.01 13.39 0.15
CA GLU B 34 9.52 12.55 -0.93
C GLU B 34 10.96 12.10 -0.67
N GLU B 35 11.26 10.92 -1.18
CA GLU B 35 12.55 10.30 -1.01
C GLU B 35 13.33 10.42 -2.32
N LEU B 36 14.32 11.30 -2.34
CA LEU B 36 15.07 11.58 -3.54
C LEU B 36 16.15 10.53 -3.85
N TYR B 37 16.84 10.05 -2.81
CA TYR B 37 17.88 9.04 -2.95
C TYR B 37 17.83 8.06 -1.80
N SER B 38 18.09 6.79 -2.09
CA SER B 38 18.13 5.73 -1.08
C SER B 38 18.95 4.52 -1.54
N ARG B 39 20.11 4.32 -0.92
CA ARG B 39 20.89 3.12 -1.12
C ARG B 39 21.21 2.51 0.25
N ASP B 40 20.87 1.24 0.42
CA ASP B 40 21.10 0.52 1.68
C ASP B 40 20.58 1.26 2.92
N GLY B 41 19.40 1.88 2.79
CA GLY B 41 18.83 2.65 3.89
C GLY B 41 18.46 1.82 5.11
N GLY B 42 18.28 0.52 4.91
CA GLY B 42 17.82 -0.38 5.97
C GLY B 42 18.94 -1.19 6.61
N GLU B 43 20.15 -0.95 6.13
CA GLU B 43 21.32 -1.68 6.59
C GLU B 43 21.78 -1.18 7.99
N GLN B 44 22.02 -2.10 8.92
CA GLN B 44 22.51 -1.72 10.24
C GLN B 44 24.03 -1.48 10.22
N LEU B 45 24.41 -0.28 10.60
CA LEU B 45 25.77 0.19 10.52
C LEU B 45 26.18 0.88 11.82
N LEU B 46 27.47 0.87 12.13
CA LEU B 46 28.04 1.64 13.24
C LEU B 46 27.97 3.12 12.90
N PRO B 47 27.47 3.93 13.83
CA PRO B 47 27.25 5.36 13.57
C PRO B 47 28.44 6.24 13.90
N ALA B 48 29.40 5.73 14.67
CA ALA B 48 30.34 6.63 15.39
C ALA B 48 29.59 7.82 15.97
N SER B 49 30.20 9.02 15.95
CA SER B 49 29.60 10.17 16.65
C SER B 49 28.25 10.66 16.19
N ASN B 50 27.74 10.11 15.10
CA ASN B 50 26.36 10.44 14.71
C ASN B 50 25.34 9.92 15.70
N MET B 51 25.75 8.96 16.55
CA MET B 51 24.90 8.56 17.69
C MET B 51 24.42 9.77 18.54
N LYS B 52 25.23 10.83 18.59
CA LYS B 52 24.86 12.03 19.43
C LYS B 52 23.58 12.72 18.95
N LEU B 53 23.21 12.49 17.69
CA LEU B 53 21.93 13.01 17.18
C LEU B 53 20.79 12.41 18.00
N PHE B 54 20.84 11.10 18.23
CA PHE B 54 19.80 10.44 18.99
C PHE B 54 19.87 10.92 20.44
N THR B 55 21.07 11.04 20.97
CA THR B 55 21.22 11.44 22.34
C THR B 55 20.65 12.82 22.57
N ALA B 56 21.11 13.80 21.79
CA ALA B 56 20.60 15.18 21.91
C ALA B 56 19.08 15.30 21.84
N ALA B 57 18.48 14.59 20.89
CA ALA B 57 17.04 14.69 20.70
C ALA B 57 16.31 14.12 21.90
N ALA B 58 16.77 12.98 22.38
CA ALA B 58 16.19 12.38 23.57
C ALA B 58 16.33 13.34 24.78
N ALA B 59 17.46 14.03 24.86
CA ALA B 59 17.76 14.92 25.99
C ALA B 59 16.82 16.11 26.01
N LEU B 60 16.60 16.71 24.84
CA LEU B 60 15.67 17.81 24.75
C LEU B 60 14.25 17.32 25.11
N GLU B 61 13.91 16.16 24.58
CA GLU B 61 12.60 15.60 24.78
C GLU B 61 12.34 15.28 26.26
N VAL B 62 13.34 14.69 26.93
CA VAL B 62 13.17 14.27 28.32
C VAL B 62 13.36 15.39 29.33
N LEU B 63 14.47 16.13 29.19
CA LEU B 63 14.90 17.14 30.15
C LEU B 63 14.37 18.55 29.83
N GLY B 64 14.13 18.83 28.55
CA GLY B 64 13.71 20.15 28.11
C GLY B 64 14.86 21.07 27.77
N ALA B 65 14.63 21.92 26.78
CA ALA B 65 15.63 22.91 26.35
C ALA B 65 16.01 23.94 27.43
N ASP B 66 15.10 24.20 28.37
CA ASP B 66 15.34 25.14 29.49
C ASP B 66 15.98 24.48 30.74
N HIS B 67 16.23 23.17 30.68
CA HIS B 67 16.76 22.42 31.81
C HIS B 67 18.18 22.86 32.15
N SER B 68 18.49 22.93 33.44
CA SER B 68 19.81 23.34 33.91
C SER B 68 20.31 22.35 34.96
N PHE B 69 21.62 22.37 35.25
CA PHE B 69 22.23 21.38 36.15
C PHE B 69 22.84 21.99 37.42
N GLY B 70 22.52 21.37 38.56
CA GLY B 70 22.92 21.89 39.85
C GLY B 70 24.20 21.28 40.38
N THR B 71 24.94 22.10 41.13
CA THR B 71 26.05 21.64 41.98
C THR B 71 25.88 22.39 43.30
N GLU B 72 26.22 21.74 44.42
CA GLU B 72 26.11 22.39 45.74
C GLU B 72 27.11 21.89 46.79
N VAL B 73 27.29 22.66 47.85
CA VAL B 73 28.12 22.26 48.96
C VAL B 73 27.24 22.16 50.21
N ALA B 74 27.29 21.03 50.89
CA ALA B 74 26.45 20.81 52.06
C ALA B 74 27.26 20.39 53.28
N ALA B 75 26.77 20.76 54.47
CA ALA B 75 27.23 20.25 55.76
C ALA B 75 26.00 19.86 56.61
N GLU B 76 26.23 19.14 57.71
CA GLU B 76 25.13 18.65 58.57
C GLU B 76 24.33 19.81 59.16
N SER B 77 25.04 20.89 59.50
CA SER B 77 24.45 22.07 60.11
C SER B 77 25.20 23.31 59.65
N ALA B 78 24.61 24.47 59.92
CA ALA B 78 25.33 25.74 59.85
C ALA B 78 26.66 25.68 60.65
N PRO B 79 27.65 26.52 60.27
CA PRO B 79 28.90 26.53 61.01
C PRO B 79 28.69 26.93 62.47
N GLY B 80 29.44 26.31 63.36
CA GLY B 80 29.35 26.58 64.80
C GLY B 80 29.90 27.94 65.23
N ARG B 81 30.02 28.12 66.55
CA ARG B 81 30.48 29.36 67.17
C ARG B 81 31.89 29.76 66.74
N ARG B 82 32.72 28.76 66.45
CA ARG B 82 34.09 28.96 65.97
C ARG B 82 34.21 28.96 64.45
N GLY B 83 33.07 29.06 63.76
CA GLY B 83 33.05 29.05 62.30
C GLY B 83 33.47 27.71 61.77
N GLU B 84 33.07 26.65 62.47
CA GLU B 84 33.49 25.29 62.13
C GLU B 84 32.32 24.38 61.72
N VAL B 85 32.53 23.62 60.66
CA VAL B 85 31.71 22.48 60.32
C VAL B 85 32.58 21.23 60.54
N GLN B 86 31.94 20.07 60.57
CA GLN B 86 32.66 18.80 60.69
C GLN B 86 33.06 18.33 59.27
N ASP B 87 32.28 17.42 58.67
CA ASP B 87 32.51 17.01 57.28
C ASP B 87 31.81 17.95 56.30
N LEU B 88 32.36 18.06 55.11
CA LEU B 88 31.77 18.91 54.08
C LEU B 88 31.68 18.16 52.77
N TYR B 89 30.57 18.33 52.05
CA TYR B 89 30.30 17.56 50.85
C TYR B 89 30.17 18.44 49.63
N LEU B 90 30.96 18.14 48.61
CA LEU B 90 30.77 18.81 47.34
C LEU B 90 29.90 17.88 46.50
N VAL B 91 28.72 18.36 46.14
CA VAL B 91 27.72 17.51 45.55
C VAL B 91 27.42 17.84 44.11
N GLY B 92 27.84 16.96 43.20
CA GLY B 92 27.54 17.14 41.78
C GLY B 92 26.23 16.48 41.31
N ARG B 93 25.48 17.17 40.48
CA ARG B 93 24.28 16.59 39.89
C ARG B 93 24.27 16.70 38.36
N GLY B 94 25.42 16.35 37.78
CA GLY B 94 25.55 16.15 36.32
C GLY B 94 25.75 17.39 35.44
N ASP B 95 26.22 18.48 36.02
CA ASP B 95 26.65 19.62 35.22
C ASP B 95 27.87 19.24 34.35
N PRO B 96 27.69 19.18 33.00
CA PRO B 96 28.83 18.88 32.14
C PRO B 96 29.70 20.11 31.80
N THR B 97 29.44 21.23 32.47
CA THR B 97 30.15 22.49 32.22
C THR B 97 30.69 23.16 33.50
N LEU B 98 30.92 22.39 34.55
CA LEU B 98 31.38 22.93 35.82
C LEU B 98 32.89 23.21 35.76
N SER B 99 33.28 24.49 35.83
CA SER B 99 34.67 24.93 35.73
C SER B 99 35.36 25.18 37.08
N ALA B 100 36.68 25.30 37.04
CA ALA B 100 37.47 25.69 38.22
C ALA B 100 37.02 27.05 38.80
N GLU B 101 36.64 27.98 37.92
CA GLU B 101 36.15 29.27 38.37
C GLU B 101 34.84 29.09 39.13
N ASP B 102 34.00 28.16 38.67
CA ASP B 102 32.78 27.85 39.39
C ASP B 102 33.09 27.34 40.79
N LEU B 103 34.12 26.49 40.87
CA LEU B 103 34.59 25.96 42.16
C LEU B 103 35.08 27.09 43.06
N ASP B 104 35.78 28.07 42.48
CA ASP B 104 36.28 29.18 43.28
C ASP B 104 35.15 30.01 43.87
N ALA B 105 34.15 30.35 43.05
CA ALA B 105 33.01 31.16 43.49
C ALA B 105 32.17 30.46 44.57
N MET B 106 32.02 29.14 44.45
CA MET B 106 31.34 28.38 45.48
C MET B 106 32.16 28.35 46.75
N ALA B 107 33.49 28.25 46.63
CA ALA B 107 34.40 28.34 47.78
C ALA B 107 34.26 29.67 48.52
N ALA B 108 34.19 30.77 47.78
CA ALA B 108 33.92 32.10 48.36
C ALA B 108 32.54 32.15 49.05
N GLU B 109 31.53 31.53 48.45
CA GLU B 109 30.21 31.45 49.10
C GLU B 109 30.27 30.72 50.46
N VAL B 110 31.08 29.67 50.54
CA VAL B 110 31.27 28.93 51.79
C VAL B 110 31.89 29.81 52.91
N ALA B 111 32.91 30.59 52.55
CA ALA B 111 33.56 31.53 53.48
C ALA B 111 32.55 32.55 53.95
N ALA B 112 31.81 33.12 53.02
CA ALA B 112 30.82 34.14 53.33
C ALA B 112 29.65 33.61 54.15
N SER B 113 29.43 32.29 54.11
CA SER B 113 28.43 31.62 54.94
C SER B 113 28.82 31.54 56.41
N GLY B 114 30.10 31.78 56.67
CA GLY B 114 30.59 31.83 58.03
C GLY B 114 31.55 30.72 58.35
N VAL B 115 31.85 29.87 57.36
CA VAL B 115 32.81 28.79 57.57
C VAL B 115 34.27 29.29 57.53
N ARG B 116 35.02 28.95 58.56
CA ARG B 116 36.45 29.23 58.63
C ARG B 116 37.25 27.93 58.58
N THR B 117 36.66 26.85 59.08
CA THR B 117 37.38 25.60 59.23
C THR B 117 36.51 24.38 58.95
N VAL B 118 37.02 23.48 58.14
CA VAL B 118 36.47 22.15 58.01
C VAL B 118 37.28 21.23 58.95
N ARG B 119 36.68 20.82 60.07
CA ARG B 119 37.37 19.99 61.05
C ARG B 119 37.44 18.51 60.66
N GLY B 120 36.44 18.04 59.92
CA GLY B 120 36.47 16.67 59.41
C GLY B 120 37.03 16.61 58.01
N ASP B 121 36.46 15.74 57.19
CA ASP B 121 36.95 15.49 55.83
C ASP B 121 36.16 16.26 54.78
N LEU B 122 36.77 16.44 53.60
CA LEU B 122 36.08 16.97 52.43
C LEU B 122 35.72 15.83 51.49
N TYR B 123 34.43 15.61 51.27
CA TYR B 123 33.97 14.50 50.45
C TYR B 123 33.44 14.97 49.13
N ALA B 124 33.84 14.28 48.07
CA ALA B 124 33.28 14.54 46.74
C ALA B 124 32.16 13.54 46.46
N ASP B 125 30.94 14.05 46.33
CA ASP B 125 29.72 13.26 46.20
C ASP B 125 29.26 13.30 44.73
N ASP B 126 29.41 12.16 44.05
CA ASP B 126 28.89 12.03 42.70
C ASP B 126 27.90 10.87 42.60
N THR B 127 27.25 10.55 43.73
CA THR B 127 26.26 9.47 43.85
C THR B 127 24.98 9.71 43.03
N TRP B 128 24.77 10.94 42.54
CA TRP B 128 23.68 11.22 41.64
C TRP B 128 23.68 10.31 40.40
N PHE B 129 24.89 10.00 39.90
CA PHE B 129 25.04 8.94 38.91
C PHE B 129 25.69 7.74 39.62
N ASP B 130 25.68 6.59 38.98
CA ASP B 130 26.38 5.43 39.51
C ASP B 130 27.91 5.60 39.29
N SER B 131 28.70 4.64 39.72
CA SER B 131 30.13 4.83 39.72
C SER B 131 30.75 4.03 38.60
N GLU B 132 29.94 3.69 37.59
CA GLU B 132 30.48 2.95 36.48
C GLU B 132 31.07 3.98 35.52
N ARG B 133 32.39 3.98 35.37
CA ARG B 133 33.06 5.12 34.72
C ARG B 133 33.13 5.04 33.19
N LEU B 134 33.03 3.84 32.64
CA LEU B 134 33.33 3.57 31.23
C LEU B 134 32.39 2.46 30.74
N VAL B 135 31.91 2.57 29.50
CA VAL B 135 31.12 1.51 28.89
C VAL B 135 32.02 0.29 28.71
N ASP B 136 31.44 -0.90 28.88
CA ASP B 136 32.19 -2.18 28.88
C ASP B 136 32.99 -2.38 27.59
N ASP B 137 32.33 -2.14 26.45
CA ASP B 137 33.02 -2.38 25.19
C ASP B 137 33.94 -1.23 24.73
N TRP B 138 34.06 -0.14 25.48
CA TRP B 138 35.12 0.86 25.16
C TRP B 138 36.52 0.24 25.30
N TRP B 139 37.50 0.82 24.61
CA TRP B 139 38.85 0.27 24.60
C TRP B 139 39.72 0.88 25.70
N PRO B 140 40.38 0.03 26.51
CA PRO B 140 41.28 0.55 27.55
C PRO B 140 42.40 1.40 26.94
N GLU B 141 42.77 1.13 25.70
CA GLU B 141 43.84 1.87 25.04
C GLU B 141 43.45 3.32 24.82
N ASP B 142 42.13 3.58 24.77
CA ASP B 142 41.62 4.95 24.55
C ASP B 142 41.57 5.77 25.84
N GLU B 143 41.62 5.10 26.98
CA GLU B 143 41.36 5.75 28.28
C GLU B 143 42.17 7.00 28.64
N PRO B 144 43.44 7.12 28.13
CA PRO B 144 44.19 8.34 28.52
C PRO B 144 43.71 9.63 27.83
N TYR B 145 42.89 9.53 26.78
CA TYR B 145 42.56 10.70 25.95
C TYR B 145 41.21 11.33 26.26
N ALA B 146 41.09 12.63 25.99
CA ALA B 146 39.93 13.40 26.40
C ALA B 146 38.58 12.76 25.98
N TYR B 147 38.56 12.16 24.79
CA TYR B 147 37.34 11.63 24.24
C TYR B 147 36.88 10.38 25.02
N SER B 148 37.75 9.83 25.87
CA SER B 148 37.39 8.67 26.68
C SER B 148 37.45 8.92 28.22
N ALA B 149 37.26 10.18 28.61
CA ALA B 149 37.21 10.55 30.05
C ALA B 149 36.18 9.74 30.79
N GLN B 150 36.53 9.38 32.03
CA GLN B 150 35.61 8.70 32.96
C GLN B 150 34.39 9.55 33.22
N ILE B 151 33.25 8.88 33.39
CA ILE B 151 31.96 9.57 33.48
C ILE B 151 31.52 9.66 34.96
N SER B 152 31.18 10.87 35.41
CA SER B 152 30.79 11.12 36.83
C SER B 152 29.72 12.20 36.92
N ALA B 153 28.88 12.15 37.96
CA ALA B 153 27.92 13.27 38.15
C ALA B 153 28.67 14.56 38.59
N LEU B 154 29.90 14.42 39.06
CA LEU B 154 30.70 15.53 39.57
C LEU B 154 32.05 15.53 38.84
N THR B 155 32.22 16.48 37.93
CA THR B 155 33.41 16.50 37.11
C THR B 155 33.75 17.93 36.76
N VAL B 156 35.06 18.23 36.69
CA VAL B 156 35.50 19.57 36.29
C VAL B 156 35.75 19.65 34.78
N ALA B 157 35.09 20.60 34.12
CA ALA B 157 35.18 20.78 32.70
C ALA B 157 36.26 21.79 32.37
N HIS B 158 37.07 21.48 31.36
CA HIS B 158 38.22 22.31 31.00
C HIS B 158 37.97 23.17 29.77
N GLY B 159 38.25 24.46 29.88
CA GLY B 159 38.22 25.36 28.71
C GLY B 159 36.83 25.80 28.30
N GLU B 160 36.75 26.57 27.22
CA GLU B 160 35.45 26.98 26.72
C GLU B 160 34.72 25.89 25.94
N ARG B 161 35.43 24.83 25.60
CA ARG B 161 34.80 23.65 25.03
C ARG B 161 34.26 22.66 26.08
N PHE B 162 34.60 22.91 27.34
CA PHE B 162 34.12 22.12 28.46
C PHE B 162 34.43 20.62 28.33
N ASP B 163 35.71 20.30 28.17
CA ASP B 163 36.19 18.90 28.20
C ASP B 163 36.28 18.43 29.65
N THR B 164 35.52 17.40 30.00
CA THR B 164 35.35 16.97 31.39
C THR B 164 36.34 15.88 31.75
N GLY B 165 36.63 15.78 33.04
CA GLY B 165 37.41 14.68 33.59
C GLY B 165 38.84 14.64 33.13
N VAL B 166 39.35 15.80 32.72
CA VAL B 166 40.70 15.88 32.18
C VAL B 166 41.59 16.85 32.94
N THR B 167 42.90 16.75 32.70
CA THR B 167 43.84 17.75 33.20
C THR B 167 44.73 18.18 32.06
N GLU B 168 45.34 19.35 32.18
CA GLU B 168 46.17 19.88 31.12
C GLU B 168 47.65 19.65 31.43
N VAL B 169 48.29 18.80 30.63
CA VAL B 169 49.68 18.47 30.82
C VAL B 169 50.49 19.36 29.87
N SER B 170 51.53 19.99 30.39
CA SER B 170 52.40 20.80 29.56
C SER B 170 53.83 20.37 29.81
N VAL B 171 54.53 20.02 28.74
CA VAL B 171 55.91 19.56 28.78
C VAL B 171 56.82 20.54 28.03
N THR B 172 57.86 21.00 28.71
CA THR B 172 58.78 22.03 28.20
C THR B 172 60.23 21.49 28.22
N PRO B 173 61.01 21.79 27.18
CA PRO B 173 62.39 21.27 27.17
C PRO B 173 63.31 21.98 28.19
N ALA B 174 64.21 21.22 28.81
CA ALA B 174 65.26 21.80 29.64
C ALA B 174 66.54 21.88 28.81
N ALA B 175 67.68 21.53 29.39
CA ALA B 175 68.91 21.43 28.60
C ALA B 175 69.03 20.07 27.92
N GLU B 176 69.74 20.03 26.78
CA GLU B 176 69.89 18.79 26.02
C GLU B 176 70.42 17.67 26.92
N GLY B 177 69.71 16.55 26.94
CA GLY B 177 70.09 15.36 27.71
C GLY B 177 69.50 15.28 29.10
N GLU B 178 69.03 16.41 29.62
CA GLU B 178 68.33 16.45 30.89
C GLU B 178 66.87 16.01 30.71
N PRO B 179 66.19 15.60 31.82
CA PRO B 179 64.76 15.37 31.75
C PRO B 179 64.01 16.62 31.32
N ALA B 180 62.97 16.42 30.51
CA ALA B 180 62.03 17.50 30.17
C ALA B 180 61.30 17.93 31.45
N ASP B 181 60.81 19.17 31.45
CA ASP B 181 60.00 19.69 32.55
C ASP B 181 58.50 19.47 32.33
N VAL B 182 57.87 18.82 33.31
CA VAL B 182 56.47 18.45 33.18
C VAL B 182 55.67 19.10 34.29
N ASP B 183 54.61 19.79 33.90
CA ASP B 183 53.61 20.26 34.81
C ASP B 183 52.28 19.59 34.47
N LEU B 184 51.58 19.14 35.50
CA LEU B 184 50.38 18.36 35.34
C LEU B 184 49.09 19.17 35.40
N GLY B 185 49.18 20.48 35.42
CA GLY B 185 47.99 21.35 35.46
C GLY B 185 47.10 21.14 36.68
N ALA B 186 45.80 21.05 36.47
CA ALA B 186 44.85 20.91 37.60
C ALA B 186 45.16 19.72 38.51
N ALA B 187 45.67 18.64 37.94
CA ALA B 187 46.01 17.42 38.69
C ALA B 187 47.39 17.39 39.41
N GLU B 188 48.10 18.52 39.48
CA GLU B 188 49.34 18.60 40.31
C GLU B 188 48.97 18.27 41.74
N GLY B 189 49.67 17.32 42.34
CA GLY B 189 49.36 16.95 43.72
C GLY B 189 48.18 16.02 43.85
N TYR B 190 47.55 15.67 42.71
CA TYR B 190 46.49 14.67 42.68
C TYR B 190 46.97 13.40 41.96
N ALA B 191 47.32 13.51 40.67
CA ALA B 191 47.93 12.41 39.91
C ALA B 191 49.42 12.28 40.24
N GLU B 192 49.95 11.09 40.04
CA GLU B 192 51.39 10.88 40.10
C GLU B 192 52.06 11.19 38.77
N LEU B 193 53.31 11.63 38.84
CA LEU B 193 54.12 11.84 37.66
C LEU B 193 55.22 10.79 37.56
N ASP B 194 55.27 10.13 36.41
CA ASP B 194 56.36 9.26 36.05
C ASP B 194 57.02 9.88 34.80
N ASN B 195 58.01 10.74 35.05
CA ASN B 195 58.76 11.45 34.02
C ASN B 195 60.04 10.70 33.60
N ARG B 196 59.96 10.00 32.47
CA ARG B 196 61.12 9.27 31.93
C ARG B 196 61.50 9.82 30.55
N ALA B 197 61.14 11.09 30.32
CA ALA B 197 61.41 11.81 29.07
C ALA B 197 62.71 12.65 29.12
N VAL B 198 63.33 12.81 27.95
CA VAL B 198 64.57 13.61 27.77
C VAL B 198 64.37 14.83 26.91
N THR B 199 65.20 15.82 27.14
CA THR B 199 65.33 16.90 26.20
C THR B 199 66.32 16.47 25.12
N GLY B 200 65.86 16.58 23.87
CA GLY B 200 66.67 16.21 22.73
C GLY B 200 67.49 17.39 22.26
N ALA B 201 68.46 17.11 21.39
CA ALA B 201 69.24 18.17 20.75
C ALA B 201 68.29 19.13 20.04
N ALA B 202 68.71 20.39 19.94
CA ALA B 202 68.03 21.33 19.08
C ALA B 202 67.88 20.75 17.66
N GLY B 203 66.69 20.89 17.08
CA GLY B 203 66.45 20.49 15.70
C GLY B 203 66.24 18.99 15.50
N SER B 204 66.12 18.24 16.59
CA SER B 204 65.91 16.77 16.50
C SER B 204 64.40 16.41 16.39
N ALA B 205 64.10 15.12 16.24
CA ALA B 205 62.71 14.67 16.07
C ALA B 205 61.97 14.69 17.42
N ASN B 206 60.73 15.12 17.41
CA ASN B 206 59.93 15.11 18.62
C ASN B 206 59.21 13.79 18.77
N THR B 207 59.70 12.97 19.69
CA THR B 207 59.11 11.65 19.94
C THR B 207 58.36 11.52 21.29
N LEU B 208 58.06 12.67 21.90
CA LEU B 208 57.38 12.74 23.21
C LEU B 208 56.05 12.00 23.21
N VAL B 209 55.85 11.13 24.21
CA VAL B 209 54.60 10.47 24.43
C VAL B 209 54.11 10.76 25.86
N ILE B 210 52.85 11.18 26.01
CA ILE B 210 52.21 11.41 27.31
C ILE B 210 51.08 10.40 27.50
N ASP B 211 51.25 9.48 28.44
CA ASP B 211 50.34 8.36 28.63
C ASP B 211 49.72 8.38 30.05
N ARG B 212 48.66 7.60 30.23
CA ARG B 212 48.24 7.20 31.56
C ARG B 212 48.13 5.66 31.55
N PRO B 213 49.14 4.98 32.09
CA PRO B 213 49.05 3.52 32.00
C PRO B 213 47.73 3.04 32.57
N VAL B 214 47.16 2.04 31.93
CA VAL B 214 45.83 1.57 32.27
C VAL B 214 45.67 1.29 33.77
N GLY B 215 44.53 1.68 34.33
CA GLY B 215 44.22 1.40 35.72
C GLY B 215 45.01 2.20 36.76
N THR B 216 45.86 3.12 36.32
CA THR B 216 46.64 3.92 37.27
C THR B 216 46.11 5.35 37.28
N ASN B 217 46.57 6.13 38.26
CA ASN B 217 46.38 7.58 38.24
C ASN B 217 47.75 8.21 38.05
N THR B 218 48.52 7.64 37.13
CA THR B 218 49.88 8.07 36.88
C THR B 218 50.01 8.62 35.45
N ILE B 219 50.48 9.84 35.34
CA ILE B 219 50.88 10.40 34.06
C ILE B 219 52.34 10.03 33.77
N ALA B 220 52.53 9.15 32.79
CA ALA B 220 53.86 8.72 32.37
C ALA B 220 54.29 9.46 31.11
N VAL B 221 55.43 10.15 31.20
CA VAL B 221 56.00 10.83 30.06
C VAL B 221 57.28 10.12 29.59
N THR B 222 57.33 9.81 28.29
CA THR B 222 58.49 9.12 27.70
C THR B 222 58.88 9.79 26.38
N GLY B 223 60.03 9.41 25.83
CA GLY B 223 60.44 9.95 24.54
C GLY B 223 61.22 11.23 24.72
N SER B 224 61.34 11.98 23.63
CA SER B 224 62.32 13.07 23.55
C SER B 224 61.71 14.33 22.93
N LEU B 225 61.90 15.46 23.62
CA LEU B 225 61.42 16.76 23.16
C LEU B 225 62.64 17.62 22.81
N PRO B 226 62.73 18.12 21.58
CA PRO B 226 63.90 18.88 21.16
C PRO B 226 64.08 20.12 22.03
N ALA B 227 65.33 20.52 22.24
CA ALA B 227 65.66 21.70 23.05
C ALA B 227 65.03 22.98 22.50
N ASP B 228 64.84 23.04 21.18
CA ASP B 228 64.24 24.22 20.52
C ASP B 228 62.73 24.14 20.17
N ALA B 229 62.04 23.11 20.69
CA ALA B 229 60.60 23.00 20.44
C ALA B 229 59.79 23.93 21.34
N ALA B 230 58.58 24.25 20.88
CA ALA B 230 57.62 25.00 21.67
C ALA B 230 57.14 24.05 22.79
N PRO B 231 56.53 24.58 23.87
CA PRO B 231 56.01 23.66 24.89
C PRO B 231 55.00 22.71 24.28
N VAL B 232 54.90 21.49 24.78
CA VAL B 232 53.83 20.57 24.34
C VAL B 232 52.67 20.64 25.33
N THR B 233 51.48 21.02 24.86
CA THR B 233 50.28 21.10 25.72
C THR B 233 49.24 20.07 25.29
N ALA B 234 48.80 19.23 26.24
CA ALA B 234 47.92 18.10 25.91
C ALA B 234 46.91 17.85 27.02
N LEU B 235 45.67 17.57 26.66
CA LEU B 235 44.71 17.12 27.68
C LEU B 235 44.78 15.63 27.89
N ARG B 236 44.82 15.24 29.15
CA ARG B 236 44.82 13.83 29.51
C ARG B 236 43.82 13.58 30.61
N THR B 237 43.24 12.40 30.61
CA THR B 237 42.27 12.03 31.63
C THR B 237 42.95 11.68 32.97
N VAL B 238 42.16 11.75 34.03
CA VAL B 238 42.57 11.26 35.35
C VAL B 238 41.58 10.18 35.80
N ASP B 239 42.01 9.36 36.77
CA ASP B 239 41.14 8.40 37.46
C ASP B 239 40.29 9.21 38.42
N GLU B 240 39.01 8.86 38.53
CA GLU B 240 38.04 9.53 39.41
C GLU B 240 37.88 11.04 39.22
N PRO B 241 37.15 11.46 38.19
CA PRO B 241 37.00 12.91 38.02
C PRO B 241 36.54 13.61 39.33
N ALA B 242 35.55 13.03 40.00
CA ALA B 242 35.00 13.59 41.22
C ALA B 242 36.01 13.87 42.29
N ALA B 243 37.01 12.98 42.44
CA ALA B 243 38.04 13.20 43.44
C ALA B 243 38.94 14.35 43.01
N LEU B 244 39.12 14.54 41.70
CA LEU B 244 39.92 15.63 41.20
C LEU B 244 39.18 16.91 41.52
N ALA B 245 37.86 16.88 41.40
CA ALA B 245 37.03 18.03 41.77
C ALA B 245 37.22 18.37 43.25
N GLY B 246 37.31 17.34 44.09
CA GLY B 246 37.53 17.52 45.52
C GLY B 246 38.85 18.21 45.76
N HIS B 247 39.92 17.63 45.19
CA HIS B 247 41.27 18.19 45.28
C HIS B 247 41.29 19.66 44.86
N LEU B 248 40.61 19.98 43.76
CA LEU B 248 40.52 21.38 43.33
C LEU B 248 39.67 22.24 44.28
N PHE B 249 38.54 21.71 44.72
CA PHE B 249 37.71 22.44 45.67
C PHE B 249 38.45 22.71 46.98
N GLU B 250 39.25 21.75 47.42
CA GLU B 250 40.07 21.96 48.61
C GLU B 250 40.99 23.17 48.46
N GLU B 251 41.72 23.21 47.34
CA GLU B 251 42.59 24.35 47.01
C GLU B 251 41.84 25.67 46.98
N ALA B 252 40.63 25.66 46.43
CA ALA B 252 39.85 26.89 46.29
C ALA B 252 39.38 27.34 47.67
N LEU B 253 39.10 26.37 48.53
CA LEU B 253 38.70 26.66 49.89
C LEU B 253 39.83 27.31 50.67
N GLU B 254 41.03 26.75 50.62
CA GLU B 254 42.20 27.35 51.28
C GLU B 254 42.45 28.78 50.76
N SER B 255 42.30 28.98 49.45
CA SER B 255 42.49 30.30 48.82
C SER B 255 41.50 31.33 49.35
N ASN B 256 40.26 30.92 49.57
CA ASN B 256 39.22 31.83 50.06
C ASN B 256 39.15 31.86 51.59
N GLY B 257 40.19 31.36 52.24
CA GLY B 257 40.37 31.50 53.68
C GLY B 257 39.78 30.42 54.56
N VAL B 258 39.42 29.28 53.96
CA VAL B 258 38.87 28.15 54.70
C VAL B 258 39.87 27.00 54.79
N THR B 259 40.17 26.57 56.01
CA THR B 259 41.14 25.51 56.27
C THR B 259 40.48 24.15 56.33
N VAL B 260 41.04 23.18 55.62
CA VAL B 260 40.52 21.82 55.64
C VAL B 260 41.45 20.92 56.44
N LYS B 261 40.99 20.46 57.60
CA LYS B 261 41.85 19.69 58.50
C LYS B 261 42.00 18.24 58.09
N GLY B 262 40.92 17.66 57.55
CA GLY B 262 40.89 16.24 57.24
C GLY B 262 41.44 15.86 55.88
N ASP B 263 40.86 14.80 55.32
CA ASP B 263 41.30 14.20 54.07
C ASP B 263 40.28 14.50 52.97
N VAL B 264 40.70 14.40 51.72
CA VAL B 264 39.80 14.58 50.60
C VAL B 264 39.52 13.23 49.95
N GLY B 265 38.26 12.91 49.72
CA GLY B 265 37.93 11.63 49.12
C GLY B 265 36.50 11.60 48.62
N LEU B 266 36.07 10.41 48.22
CA LEU B 266 34.72 10.20 47.69
C LEU B 266 33.80 9.69 48.77
N GLY B 267 32.60 10.24 48.84
CA GLY B 267 31.55 9.73 49.71
C GLY B 267 30.26 10.47 49.44
N GLY B 268 29.13 9.85 49.77
CA GLY B 268 27.82 10.48 49.56
C GLY B 268 27.26 11.11 50.82
N VAL B 269 26.51 12.20 50.67
CA VAL B 269 25.87 12.86 51.80
C VAL B 269 25.05 11.81 52.56
N PRO B 270 25.27 11.69 53.88
CA PRO B 270 24.59 10.65 54.67
C PRO B 270 23.08 10.74 54.57
N ALA B 271 22.45 9.59 54.41
CA ALA B 271 20.99 9.52 54.34
C ALA B 271 20.32 9.97 55.66
N ASP B 272 20.99 9.76 56.79
CA ASP B 272 20.46 10.17 58.09
C ASP B 272 20.60 11.68 58.43
N TRP B 273 21.12 12.47 57.50
CA TRP B 273 21.07 13.93 57.62
C TRP B 273 19.69 14.44 57.21
N GLN B 274 19.00 15.13 58.12
CA GLN B 274 17.63 15.57 57.85
C GLN B 274 17.51 17.03 57.37
N ASP B 275 18.13 17.97 58.09
CA ASP B 275 18.11 19.38 57.67
C ASP B 275 19.50 19.85 57.23
N ALA B 276 19.97 19.28 56.11
CA ALA B 276 21.28 19.60 55.56
C ALA B 276 21.42 21.09 55.32
N GLU B 277 22.60 21.64 55.61
CA GLU B 277 22.82 23.03 55.31
C GLU B 277 23.52 23.18 53.98
N VAL B 278 22.85 23.84 53.05
CA VAL B 278 23.44 24.20 51.78
C VAL B 278 24.22 25.51 51.94
N LEU B 279 25.55 25.41 51.98
CA LEU B 279 26.45 26.54 52.19
C LEU B 279 26.86 27.29 50.91
N ALA B 280 26.72 26.61 49.76
CA ALA B 280 27.03 27.18 48.44
C ALA B 280 26.32 26.39 47.36
N ASP B 281 26.05 27.05 46.24
CA ASP B 281 25.50 26.36 45.08
C ASP B 281 25.87 27.03 43.76
N HIS B 282 25.54 26.34 42.66
CA HIS B 282 25.80 26.84 41.33
C HIS B 282 24.85 26.18 40.36
N THR B 283 24.32 27.00 39.46
CA THR B 283 23.45 26.55 38.39
C THR B 283 24.16 26.76 37.04
N SER B 284 24.14 25.74 36.17
CA SER B 284 24.72 25.86 34.82
C SER B 284 23.80 26.63 33.86
N ALA B 285 24.34 26.98 32.69
CA ALA B 285 23.52 27.43 31.56
C ALA B 285 22.46 26.38 31.24
N GLU B 286 21.42 26.77 30.50
CA GLU B 286 20.37 25.83 30.10
C GLU B 286 20.83 24.85 29.02
N LEU B 287 20.11 23.73 28.91
CA LEU B 287 20.48 22.69 27.95
C LEU B 287 20.69 23.26 26.54
N SER B 288 19.79 24.16 26.14
CA SER B 288 19.79 24.76 24.80
C SER B 288 21.12 25.42 24.49
N GLU B 289 21.77 25.98 25.51
CA GLU B 289 23.09 26.58 25.36
C GLU B 289 24.21 25.52 25.48
N ILE B 290 24.03 24.54 26.36
CA ILE B 290 25.02 23.48 26.51
C ILE B 290 25.18 22.67 25.23
N LEU B 291 24.08 22.44 24.51
CA LEU B 291 24.09 21.75 23.22
C LEU B 291 25.15 22.24 22.25
N VAL B 292 25.48 23.52 22.31
CA VAL B 292 26.42 24.10 21.37
C VAL B 292 27.81 23.46 21.44
N PRO B 293 28.53 23.61 22.57
CA PRO B 293 29.82 22.92 22.67
C PRO B 293 29.74 21.42 22.49
N PHE B 294 28.66 20.81 22.98
CA PHE B 294 28.44 19.37 22.89
C PHE B 294 28.43 18.91 21.42
N MET B 295 27.55 19.48 20.62
CA MET B 295 27.38 19.05 19.22
C MET B 295 28.42 19.63 18.24
N LYS B 296 28.85 20.88 18.45
CA LYS B 296 29.82 21.51 17.51
C LYS B 296 31.14 20.70 17.50
N PHE B 297 31.57 20.25 18.67
CA PHE B 297 32.87 19.57 18.84
C PHE B 297 32.76 18.07 19.14
N SER B 298 31.52 17.59 19.21
CA SER B 298 31.29 16.15 19.41
C SER B 298 31.89 15.66 20.73
N ASN B 299 31.44 16.25 21.84
CA ASN B 299 31.96 15.96 23.17
C ASN B 299 31.37 14.65 23.73
N ASN B 300 32.23 13.65 23.94
CA ASN B 300 31.72 12.32 24.36
C ASN B 300 31.18 12.36 25.79
N GLY B 301 31.93 13.02 26.68
CA GLY B 301 31.58 13.09 28.11
C GLY B 301 30.21 13.70 28.27
N HIS B 302 29.93 14.76 27.52
CA HIS B 302 28.64 15.40 27.58
C HIS B 302 27.55 14.40 27.22
N ALA B 303 27.77 13.62 26.16
CA ALA B 303 26.75 12.71 25.68
C ALA B 303 26.35 11.70 26.77
N GLU B 304 27.35 11.08 27.41
CA GLU B 304 27.11 10.04 28.38
C GLU B 304 26.50 10.62 29.65
N MET B 305 26.93 11.83 30.03
CA MET B 305 26.32 12.50 31.19
C MET B 305 24.84 12.80 30.92
N LEU B 306 24.54 13.20 29.70
CA LEU B 306 23.15 13.41 29.35
C LEU B 306 22.35 12.11 29.45
N VAL B 307 22.92 10.99 29.00
CA VAL B 307 22.24 9.68 29.12
C VAL B 307 21.92 9.32 30.56
N LYS B 308 22.87 9.49 31.47
CA LYS B 308 22.60 9.19 32.87
C LYS B 308 21.61 10.17 33.50
N SER B 309 21.60 11.43 33.01
CA SER B 309 20.60 12.43 33.43
C SER B 309 19.20 12.01 33.03
N ILE B 310 19.09 11.53 31.80
CA ILE B 310 17.87 10.93 31.29
C ILE B 310 17.41 9.74 32.17
N GLY B 311 18.36 8.88 32.57
CA GLY B 311 18.05 7.79 33.47
C GLY B 311 17.43 8.29 34.78
N GLN B 312 18.04 9.34 35.35
CA GLN B 312 17.55 9.90 36.60
C GLN B 312 16.12 10.40 36.46
N GLU B 313 15.89 11.17 35.40
CA GLU B 313 14.58 11.71 35.12
C GLU B 313 13.55 10.62 34.83
N THR B 314 13.92 9.63 34.05
CA THR B 314 12.93 8.64 33.62
C THR B 314 12.81 7.41 34.54
N ALA B 315 13.79 7.20 35.43
CA ALA B 315 13.86 6.01 36.26
C ALA B 315 14.37 6.23 37.70
N GLY B 316 14.80 7.44 38.04
CA GLY B 316 15.49 7.67 39.34
C GLY B 316 16.78 6.86 39.42
N ALA B 317 17.42 6.64 38.28
CA ALA B 317 18.64 5.86 38.20
C ALA B 317 19.63 6.44 37.20
N GLY B 318 20.65 7.15 37.69
CA GLY B 318 21.73 7.70 36.86
C GLY B 318 22.64 6.62 36.28
N THR B 319 22.10 5.83 35.37
CA THR B 319 22.83 4.66 34.84
C THR B 319 22.71 4.62 33.32
N TRP B 320 23.70 4.01 32.67
CA TRP B 320 23.57 3.70 31.24
C TRP B 320 22.33 2.83 30.97
N ASP B 321 22.16 1.76 31.77
CA ASP B 321 21.07 0.79 31.49
C ASP B 321 19.75 1.52 31.50
N ALA B 322 19.50 2.33 32.52
CA ALA B 322 18.25 3.09 32.58
C ALA B 322 18.22 4.27 31.60
N GLY B 323 19.36 4.92 31.39
CA GLY B 323 19.35 6.10 30.53
C GLY B 323 19.09 5.72 29.08
N LEU B 324 19.66 4.60 28.64
CA LEU B 324 19.49 4.16 27.25
C LEU B 324 18.06 3.63 27.02
N VAL B 325 17.46 3.02 28.04
CA VAL B 325 16.01 2.72 27.96
C VAL B 325 15.23 4.03 27.77
N GLY B 326 15.56 5.04 28.56
CA GLY B 326 14.96 6.37 28.45
C GLY B 326 15.14 7.05 27.10
N VAL B 327 16.35 6.97 26.54
CA VAL B 327 16.61 7.47 25.18
C VAL B 327 15.69 6.79 24.15
N GLU B 328 15.64 5.46 24.17
CA GLU B 328 14.82 4.70 23.20
C GLU B 328 13.34 5.07 23.29
N GLU B 329 12.79 5.06 24.51
CA GLU B 329 11.38 5.40 24.74
C GLU B 329 11.07 6.84 24.28
N ALA B 330 11.98 7.77 24.57
CA ALA B 330 11.84 9.17 24.14
C ALA B 330 11.78 9.33 22.62
N LEU B 331 12.70 8.68 21.90
CA LEU B 331 12.68 8.71 20.44
C LEU B 331 11.39 8.09 19.88
N SER B 332 10.95 7.03 20.52
CA SER B 332 9.73 6.32 20.15
C SER B 332 8.53 7.28 20.26
N GLY B 333 8.52 8.05 21.34
CA GLY B 333 7.51 9.07 21.61
C GLY B 333 7.59 10.26 20.70
N LEU B 334 8.78 10.57 20.22
CA LEU B 334 8.95 11.64 19.24
C LEU B 334 8.43 11.24 17.85
N GLY B 335 8.06 9.97 17.70
CA GLY B 335 7.61 9.45 16.41
C GLY B 335 8.62 8.68 15.57
N VAL B 336 9.81 8.42 16.11
CA VAL B 336 10.84 7.67 15.37
C VAL B 336 10.64 6.17 15.49
N ASP B 337 10.84 5.44 14.40
CA ASP B 337 10.84 3.98 14.40
C ASP B 337 12.23 3.45 14.82
N THR B 338 12.29 2.88 16.02
CA THR B 338 13.55 2.53 16.67
C THR B 338 13.98 1.08 16.45
N ALA B 339 13.28 0.40 15.55
CA ALA B 339 13.48 -1.03 15.33
C ALA B 339 14.90 -1.45 14.96
N GLY B 340 15.55 -0.68 14.09
CA GLY B 340 16.91 -0.96 13.67
C GLY B 340 18.00 -0.29 14.52
N LEU B 341 17.59 0.34 15.63
CA LEU B 341 18.52 0.94 16.58
C LEU B 341 19.02 -0.05 17.64
N VAL B 342 20.31 -0.05 17.89
CA VAL B 342 20.87 -0.73 19.06
C VAL B 342 21.71 0.30 19.78
N LEU B 343 21.37 0.53 21.04
CA LEU B 343 21.93 1.66 21.81
C LEU B 343 22.85 1.14 22.86
N ASN B 344 24.14 1.44 22.73
CA ASN B 344 25.07 1.00 23.73
C ASN B 344 25.73 2.14 24.49
N ASP B 345 25.64 3.35 23.94
CA ASP B 345 26.07 4.56 24.62
C ASP B 345 25.50 5.82 23.96
N GLY B 346 25.83 6.97 24.52
CA GLY B 346 25.30 8.24 24.02
C GLY B 346 26.21 8.91 23.02
N SER B 347 27.50 8.65 23.12
CA SER B 347 28.48 9.40 22.35
C SER B 347 28.74 8.85 20.97
N GLY B 348 28.58 7.52 20.82
CA GLY B 348 28.97 6.85 19.57
C GLY B 348 30.32 6.18 19.64
N LEU B 349 31.01 6.31 20.78
CA LEU B 349 32.34 5.71 20.91
C LEU B 349 32.28 4.15 20.88
N SER B 350 31.21 3.60 21.49
CA SER B 350 31.02 2.16 21.54
C SER B 350 30.79 1.54 20.17
N ARG B 351 31.52 0.47 19.91
CA ARG B 351 31.34 -0.25 18.64
C ARG B 351 30.15 -1.21 18.75
N GLY B 352 29.42 -1.12 19.84
CA GLY B 352 28.18 -1.87 20.00
C GLY B 352 26.91 -1.13 19.55
N ASN B 353 27.06 0.12 19.10
CA ASN B 353 25.95 0.89 18.58
C ASN B 353 25.58 0.50 17.16
N LEU B 354 24.29 0.53 16.83
CA LEU B 354 23.88 0.39 15.42
C LEU B 354 22.73 1.35 15.11
N VAL B 355 22.81 1.97 13.94
CA VAL B 355 21.71 2.77 13.35
C VAL B 355 21.46 2.25 11.93
N THR B 356 20.47 2.80 11.25
CA THR B 356 20.32 2.66 9.80
C THR B 356 20.19 4.06 9.24
N ALA B 357 20.60 4.27 7.99
CA ALA B 357 20.47 5.60 7.39
C ALA B 357 19.02 6.07 7.39
N ASP B 358 18.09 5.14 7.14
CA ASP B 358 16.65 5.44 7.21
C ASP B 358 16.27 5.94 8.61
N THR B 359 16.76 5.26 9.65
CA THR B 359 16.44 5.66 11.00
C THR B 359 16.95 7.08 11.27
N VAL B 360 18.14 7.44 10.77
CA VAL B 360 18.71 8.76 11.04
C VAL B 360 17.85 9.86 10.39
N VAL B 361 17.47 9.64 9.14
CA VAL B 361 16.68 10.60 8.40
C VAL B 361 15.26 10.75 8.99
N ASP B 362 14.69 9.63 9.44
CA ASP B 362 13.45 9.64 10.19
C ASP B 362 13.59 10.57 11.39
N LEU B 363 14.62 10.35 12.21
CA LEU B 363 14.92 11.28 13.32
C LEU B 363 15.04 12.73 12.87
N LEU B 364 15.70 12.99 11.76
CA LEU B 364 15.98 14.38 11.40
C LEU B 364 14.68 15.09 11.04
N GLY B 365 13.79 14.35 10.41
CA GLY B 365 12.44 14.78 10.10
C GLY B 365 11.61 15.09 11.33
N GLN B 366 11.59 14.16 12.29
CA GLN B 366 10.80 14.35 13.49
C GLN B 366 11.34 15.50 14.33
N ALA B 367 12.65 15.59 14.41
CA ALA B 367 13.31 16.68 15.13
C ALA B 367 13.05 18.05 14.49
N GLY B 368 12.94 18.08 13.17
CA GLY B 368 12.75 19.32 12.43
C GLY B 368 11.44 20.01 12.75
N SER B 369 10.49 19.25 13.27
CA SER B 369 9.13 19.71 13.48
C SER B 369 8.72 19.67 14.96
N ALA B 370 9.71 19.56 15.86
CA ALA B 370 9.49 19.54 17.30
C ALA B 370 9.58 20.96 17.86
N PRO B 371 9.09 21.17 19.10
CA PRO B 371 9.14 22.50 19.71
C PRO B 371 10.55 23.08 19.74
N TRP B 372 11.54 22.24 20.01
CA TRP B 372 12.92 22.68 20.19
C TRP B 372 13.75 22.66 18.90
N ALA B 373 13.08 22.53 17.76
CA ALA B 373 13.74 22.43 16.45
C ALA B 373 14.85 23.45 16.21
N GLN B 374 14.65 24.70 16.64
CA GLN B 374 15.62 25.76 16.34
C GLN B 374 16.96 25.66 17.09
N THR B 375 16.94 25.37 18.39
CA THR B 375 18.21 25.19 19.12
C THR B 375 18.92 23.93 18.66
N TRP B 376 18.13 22.91 18.32
CA TRP B 376 18.64 21.67 17.78
C TRP B 376 19.49 21.96 16.55
N SER B 377 18.90 22.55 15.52
CA SER B 377 19.66 22.83 14.30
C SER B 377 20.79 23.84 14.53
N ALA B 378 20.61 24.76 15.47
CA ALA B 378 21.67 25.72 15.81
C ALA B 378 22.91 25.03 16.37
N SER B 379 22.72 23.90 17.03
CA SER B 379 23.85 23.22 17.69
C SER B 379 24.71 22.47 16.66
N LEU B 380 24.18 22.23 15.47
CA LEU B 380 24.90 21.41 14.49
C LEU B 380 26.01 22.19 13.81
N PRO B 381 27.19 21.55 13.61
CA PRO B 381 28.25 22.20 12.83
C PRO B 381 27.71 22.73 11.48
N VAL B 382 28.17 23.91 11.08
CA VAL B 382 27.84 24.49 9.77
C VAL B 382 29.03 24.38 8.79
N ALA B 383 28.79 23.77 7.63
CA ALA B 383 29.85 23.50 6.67
C ALA B 383 30.72 24.73 6.36
N GLY B 384 32.01 24.62 6.64
CA GLY B 384 33.01 25.55 6.16
C GLY B 384 33.04 26.94 6.78
N GLU B 385 32.54 27.05 8.00
CA GLU B 385 32.59 28.28 8.79
C GLU B 385 33.80 28.25 9.73
N SER B 386 34.77 29.16 9.54
CA SER B 386 36.04 29.09 10.29
C SER B 386 35.94 29.47 11.78
N ASP B 387 34.86 30.11 12.20
CA ASP B 387 34.58 30.33 13.63
C ASP B 387 34.25 28.97 14.29
N PRO B 388 35.16 28.45 15.13
CA PRO B 388 35.03 27.12 15.74
C PRO B 388 33.64 26.85 16.31
N PHE B 389 33.05 27.87 16.93
CA PHE B 389 31.75 27.75 17.59
C PHE B 389 30.59 27.75 16.60
N VAL B 390 30.87 28.08 15.34
CA VAL B 390 29.90 27.93 14.25
C VAL B 390 30.18 26.67 13.42
N GLY B 391 31.40 26.54 12.90
CA GLY B 391 31.74 25.45 12.01
C GLY B 391 32.02 24.12 12.72
N GLY B 392 32.52 24.20 13.95
CA GLY B 392 32.85 23.00 14.73
C GLY B 392 33.72 22.04 13.92
N THR B 393 33.32 20.78 13.89
CA THR B 393 34.09 19.75 13.18
C THR B 393 33.94 19.81 11.62
N LEU B 394 33.10 20.72 11.12
CA LEU B 394 32.97 20.96 9.70
C LEU B 394 33.64 22.24 9.25
N ALA B 395 34.38 22.88 10.17
CA ALA B 395 34.97 24.21 9.90
C ALA B 395 35.93 24.23 8.70
N ASN B 396 36.70 23.15 8.55
CA ASN B 396 37.68 23.04 7.46
C ASN B 396 37.23 22.19 6.24
N ARG B 397 35.93 21.88 6.18
CA ARG B 397 35.37 21.15 5.04
C ARG B 397 34.39 21.99 4.23
N MET B 398 34.39 21.81 2.90
CA MET B 398 33.38 22.36 2.01
C MET B 398 33.47 23.90 1.82
N ARG B 399 34.61 24.46 2.19
CA ARG B 399 34.90 25.88 1.93
C ARG B 399 35.03 26.11 0.42
N GLY B 400 34.42 27.18 -0.08
CA GLY B 400 34.45 27.49 -1.50
C GLY B 400 33.53 26.58 -2.32
N THR B 401 32.55 25.98 -1.65
CA THR B 401 31.55 25.16 -2.31
C THR B 401 30.15 25.72 -2.06
N ALA B 402 29.18 25.26 -2.85
CA ALA B 402 27.76 25.52 -2.60
C ALA B 402 27.27 25.18 -1.18
N ALA B 403 27.93 24.23 -0.50
CA ALA B 403 27.55 23.86 0.87
C ALA B 403 27.98 24.87 1.95
N GLU B 404 29.01 25.66 1.66
CA GLU B 404 29.59 26.58 2.64
C GLU B 404 28.53 27.51 3.24
N GLY B 405 28.46 27.57 4.58
CA GLY B 405 27.45 28.34 5.29
C GLY B 405 26.02 27.82 5.19
N VAL B 406 25.81 26.67 4.57
CA VAL B 406 24.48 26.16 4.30
C VAL B 406 24.25 24.82 5.02
N VAL B 407 25.04 23.81 4.67
CA VAL B 407 24.85 22.47 5.23
C VAL B 407 25.02 22.50 6.76
N GLU B 408 24.02 21.97 7.46
CA GLU B 408 24.11 21.77 8.92
C GLU B 408 24.12 20.26 9.21
N ALA B 409 25.21 19.76 9.78
CA ALA B 409 25.41 18.31 9.85
C ALA B 409 26.37 17.85 10.95
N LYS B 410 26.12 16.65 11.47
CA LYS B 410 26.91 16.06 12.54
C LYS B 410 27.89 15.11 11.89
N THR B 411 29.13 15.14 12.37
CA THR B 411 30.19 14.34 11.81
C THR B 411 30.41 13.08 12.69
N GLY B 412 31.35 12.24 12.30
CA GLY B 412 31.77 11.13 13.16
C GLY B 412 32.67 10.17 12.41
N THR B 413 33.81 9.85 13.02
CA THR B 413 34.81 8.99 12.43
C THR B 413 35.51 8.15 13.49
N MET B 414 35.64 6.85 13.21
CA MET B 414 36.66 6.04 13.87
C MET B 414 37.11 4.98 12.86
N SER B 415 38.01 4.08 13.22
CA SER B 415 38.58 3.21 12.21
C SER B 415 37.49 2.39 11.54
N GLY B 416 37.44 2.46 10.22
CA GLY B 416 36.43 1.74 9.48
C GLY B 416 34.99 2.24 9.57
N VAL B 417 34.79 3.42 10.15
CA VAL B 417 33.46 3.99 10.39
C VAL B 417 33.48 5.49 10.21
N SER B 418 32.51 6.02 9.47
CA SER B 418 32.48 7.47 9.29
C SER B 418 31.13 7.89 8.82
N ALA B 419 30.67 9.06 9.27
CA ALA B 419 29.31 9.45 8.95
C ALA B 419 29.15 10.97 8.82
N LEU B 420 28.16 11.37 8.00
CA LEU B 420 27.77 12.75 7.90
C LEU B 420 26.25 12.79 7.72
N SER B 421 25.54 13.37 8.68
CA SER B 421 24.09 13.41 8.61
C SER B 421 23.63 14.79 9.07
N GLY B 422 22.65 15.36 8.33
CA GLY B 422 22.14 16.67 8.67
C GLY B 422 21.10 17.23 7.73
N TYR B 423 21.10 18.56 7.63
CA TYR B 423 20.13 19.28 6.80
C TYR B 423 20.80 20.13 5.73
N VAL B 424 20.10 20.25 4.61
CA VAL B 424 20.45 21.17 3.54
C VAL B 424 19.23 22.13 3.38
N PRO B 425 19.21 23.25 4.14
CA PRO B 425 18.13 24.22 3.98
C PRO B 425 18.24 24.92 2.63
N GLY B 426 17.10 25.27 2.05
CA GLY B 426 17.06 25.98 0.78
C GLY B 426 15.89 26.92 0.75
N PRO B 427 15.94 27.95 -0.14
CA PRO B 427 14.88 28.95 -0.29
C PRO B 427 13.49 28.29 -0.40
N GLU B 428 13.45 27.18 -1.12
CA GLU B 428 12.25 26.36 -1.31
C GLU B 428 12.01 25.41 -0.14
N GLY B 429 12.76 24.30 -0.13
CA GLY B 429 12.55 23.24 0.85
C GLY B 429 13.83 22.69 1.46
N GLU B 430 13.71 22.23 2.71
CA GLU B 430 14.82 21.66 3.44
C GLU B 430 15.00 20.18 3.06
N LEU B 431 16.23 19.83 2.70
CA LEU B 431 16.63 18.44 2.52
C LEU B 431 17.23 17.89 3.81
N ALA B 432 16.88 16.65 4.15
CA ALA B 432 17.54 15.93 5.23
C ALA B 432 18.23 14.71 4.62
N PHE B 433 19.37 14.34 5.19
CA PHE B 433 20.22 13.32 4.59
C PHE B 433 21.06 12.60 5.66
N SER B 434 21.39 11.35 5.37
CA SER B 434 22.33 10.59 6.18
C SER B 434 23.24 9.75 5.29
N ILE B 435 24.55 9.86 5.57
CA ILE B 435 25.57 9.09 4.90
C ILE B 435 26.34 8.34 6.00
N VAL B 436 26.26 7.01 5.99
CA VAL B 436 26.99 6.16 6.96
C VAL B 436 27.85 5.12 6.22
N ASN B 437 29.18 5.29 6.35
CA ASN B 437 30.16 4.45 5.65
C ASN B 437 30.75 3.48 6.66
N ASN B 438 30.69 2.19 6.36
CA ASN B 438 31.34 1.14 7.18
C ASN B 438 32.18 0.21 6.30
N GLY B 439 33.24 -0.37 6.87
CA GLY B 439 34.01 -1.40 6.16
C GLY B 439 35.01 -0.94 5.12
N HIS B 440 35.12 0.37 4.88
CA HIS B 440 36.21 0.89 4.05
C HIS B 440 37.54 0.55 4.77
N SER B 441 38.61 0.44 4.01
CA SER B 441 39.86 -0.12 4.49
C SER B 441 40.92 0.91 4.76
N GLY B 442 40.70 2.17 4.35
CA GLY B 442 41.71 3.23 4.49
C GLY B 442 41.26 4.41 5.33
N PRO B 443 41.75 5.64 5.02
CA PRO B 443 41.27 6.84 5.73
C PRO B 443 39.75 7.04 5.52
N ALA B 444 39.12 7.75 6.45
CA ALA B 444 37.72 8.07 6.36
C ALA B 444 37.44 8.73 5.01
N PRO B 445 36.35 8.34 4.35
CA PRO B 445 36.06 8.95 3.03
C PRO B 445 35.38 10.33 3.20
N LEU B 446 36.10 11.30 3.77
CA LEU B 446 35.50 12.61 4.09
C LEU B 446 35.14 13.41 2.86
N ALA B 447 36.01 13.38 1.85
CA ALA B 447 35.76 14.04 0.56
C ALA B 447 34.52 13.46 -0.16
N VAL B 448 34.26 12.16 0.00
CA VAL B 448 33.06 11.58 -0.57
C VAL B 448 31.79 12.19 0.05
N GLN B 449 31.80 12.32 1.36
CA GLN B 449 30.69 12.87 2.11
C GLN B 449 30.47 14.33 1.70
N ASP B 450 31.56 15.08 1.67
CA ASP B 450 31.56 16.46 1.20
C ASP B 450 30.94 16.56 -0.20
N ALA B 451 31.38 15.73 -1.15
CA ALA B 451 30.86 15.85 -2.52
C ALA B 451 29.36 15.58 -2.57
N ILE B 452 28.90 14.60 -1.82
CA ILE B 452 27.47 14.33 -1.75
C ILE B 452 26.74 15.53 -1.14
N ALA B 453 27.28 16.06 -0.05
CA ALA B 453 26.68 17.25 0.61
C ALA B 453 26.62 18.43 -0.35
N VAL B 454 27.74 18.72 -1.02
CA VAL B 454 27.82 19.81 -1.98
C VAL B 454 26.78 19.64 -3.11
N ARG B 455 26.69 18.44 -3.68
CA ARG B 455 25.74 18.15 -4.75
C ARG B 455 24.30 18.39 -4.25
N LEU B 456 24.01 17.99 -3.02
CA LEU B 456 22.70 18.25 -2.40
C LEU B 456 22.41 19.74 -2.25
N ALA B 457 23.43 20.52 -1.88
CA ALA B 457 23.28 21.97 -1.75
C ALA B 457 22.92 22.62 -3.09
N GLU B 458 23.54 22.11 -4.17
CA GLU B 458 23.24 22.56 -5.52
C GLU B 458 21.79 22.24 -5.88
N TYR B 459 21.40 20.98 -5.67
CA TYR B 459 20.01 20.57 -5.87
C TYR B 459 19.03 21.49 -5.15
N ALA B 460 19.36 21.86 -3.92
CA ALA B 460 18.48 22.69 -3.12
C ALA B 460 18.53 24.18 -3.51
N GLY B 461 19.30 24.49 -4.56
CA GLY B 461 19.28 25.81 -5.14
C GLY B 461 20.39 26.75 -4.72
N HIS B 462 21.49 26.16 -4.23
CA HIS B 462 22.66 26.94 -3.82
C HIS B 462 23.80 26.88 -4.83
N GLN B 463 24.59 27.95 -4.83
CA GLN B 463 25.78 28.07 -5.66
C GLN B 463 26.91 28.53 -4.76
N ALA B 464 28.13 28.18 -5.16
CA ALA B 464 29.34 28.58 -4.43
C ALA B 464 29.44 30.12 -4.22
N PRO B 465 29.68 30.56 -2.95
CA PRO B 465 29.92 32.00 -2.66
C PRO B 465 31.24 32.53 -3.24
N GLU B 466 31.46 33.75 -3.34
N ARG C 1 -33.31 -1.51 -71.87
CA ARG C 1 -33.44 -0.76 -70.59
C ARG C 1 -33.06 -1.64 -69.41
N LEU C 2 -33.56 -2.87 -69.43
CA LEU C 2 -33.25 -3.87 -68.42
C LEU C 2 -32.65 -5.13 -69.06
N THR C 3 -32.97 -5.35 -70.33
CA THR C 3 -32.40 -6.46 -71.09
C THR C 3 -30.88 -6.24 -71.22
N GLU C 4 -30.46 -4.98 -71.22
CA GLU C 4 -29.05 -4.61 -71.32
C GLU C 4 -28.24 -4.87 -70.04
N LEU C 5 -28.83 -4.57 -68.89
CA LEU C 5 -28.22 -4.85 -67.60
C LEU C 5 -27.94 -6.34 -67.43
N ARG C 6 -28.91 -7.15 -67.85
CA ARG C 6 -28.81 -8.60 -67.74
C ARG C 6 -27.69 -9.15 -68.63
N GLU C 7 -27.64 -8.69 -69.89
CA GLU C 7 -26.55 -9.03 -70.81
C GLU C 7 -25.20 -8.68 -70.18
N ASP C 8 -25.11 -7.49 -69.62
CA ASP C 8 -23.86 -7.03 -69.04
C ASP C 8 -23.43 -7.89 -67.83
N ILE C 9 -24.36 -8.22 -66.93
CA ILE C 9 -24.03 -9.09 -65.80
C ILE C 9 -23.66 -10.51 -66.30
N ASP C 10 -24.37 -11.03 -67.31
CA ASP C 10 -24.02 -12.33 -67.88
C ASP C 10 -22.58 -12.33 -68.33
N ALA C 11 -22.22 -11.30 -69.09
CA ALA C 11 -20.86 -11.14 -69.60
C ALA C 11 -19.81 -11.11 -68.47
N ILE C 12 -20.07 -10.30 -67.45
CA ILE C 12 -19.16 -10.15 -66.32
C ILE C 12 -18.91 -11.54 -65.70
N LEU C 13 -19.98 -12.32 -65.56
CA LEU C 13 -19.92 -13.65 -64.96
C LEU C 13 -19.16 -14.67 -65.81
N GLU C 14 -18.85 -14.30 -67.06
CA GLU C 14 -18.04 -15.15 -67.91
C GLU C 14 -16.57 -14.82 -67.74
N ASP C 15 -16.16 -14.65 -66.50
CA ASP C 15 -14.79 -14.28 -66.18
C ASP C 15 -13.95 -15.53 -65.95
N PRO C 16 -12.66 -15.50 -66.32
CA PRO C 16 -11.78 -16.65 -66.03
C PRO C 16 -11.75 -17.06 -64.55
N ALA C 17 -11.89 -16.11 -63.63
CA ALA C 17 -11.79 -16.43 -62.20
C ALA C 17 -12.93 -17.35 -61.78
N LEU C 18 -13.99 -17.39 -62.58
CA LEU C 18 -15.21 -18.16 -62.25
C LEU C 18 -15.33 -19.46 -63.07
N GLU C 19 -14.24 -19.80 -63.73
CA GLU C 19 -14.15 -21.01 -64.53
C GLU C 19 -14.44 -22.21 -63.62
N GLY C 20 -15.48 -22.95 -63.97
CA GLY C 20 -15.85 -24.17 -63.26
C GLY C 20 -16.49 -23.96 -61.90
N ALA C 21 -16.98 -22.76 -61.65
CA ALA C 21 -17.61 -22.43 -60.36
C ALA C 21 -19.14 -22.21 -60.46
N VAL C 22 -19.80 -22.11 -59.30
CA VAL C 22 -21.24 -21.84 -59.19
C VAL C 22 -21.37 -20.47 -58.56
N SER C 23 -22.12 -19.59 -59.20
CA SER C 23 -22.38 -18.28 -58.59
C SER C 23 -23.88 -18.00 -58.47
N GLY C 24 -24.37 -17.94 -57.24
CA GLY C 24 -25.72 -17.42 -56.99
C GLY C 24 -25.68 -15.90 -57.03
N VAL C 25 -26.45 -15.32 -57.95
CA VAL C 25 -26.53 -13.87 -58.14
C VAL C 25 -27.97 -13.39 -58.25
N VAL C 26 -28.41 -12.59 -57.28
CA VAL C 26 -29.75 -12.02 -57.27
C VAL C 26 -29.71 -10.50 -57.07
N VAL C 27 -30.46 -9.77 -57.90
CA VAL C 27 -30.62 -8.32 -57.75
C VAL C 27 -32.11 -7.91 -57.77
N VAL C 28 -32.52 -7.15 -56.76
CA VAL C 28 -33.90 -6.71 -56.62
C VAL C 28 -33.93 -5.21 -56.39
N ASP C 29 -34.81 -4.52 -57.12
CA ASP C 29 -35.20 -3.17 -56.76
C ASP C 29 -36.11 -3.25 -55.53
N THR C 30 -35.67 -2.71 -54.39
CA THR C 30 -36.46 -2.86 -53.15
C THR C 30 -37.70 -1.97 -53.04
N ALA C 31 -37.84 -1.00 -53.95
CA ALA C 31 -38.99 -0.12 -54.00
C ALA C 31 -40.20 -0.78 -54.64
N THR C 32 -39.96 -1.59 -55.67
CA THR C 32 -41.02 -2.19 -56.48
C THR C 32 -41.11 -3.69 -56.27
N GLY C 33 -40.01 -4.29 -55.85
CA GLY C 33 -39.93 -5.74 -55.67
C GLY C 33 -39.54 -6.48 -56.94
N GLU C 34 -39.28 -5.73 -58.00
CA GLU C 34 -38.82 -6.29 -59.26
C GLU C 34 -37.43 -6.95 -59.17
N GLU C 35 -37.36 -8.16 -59.71
CA GLU C 35 -36.14 -8.95 -59.81
C GLU C 35 -35.41 -8.51 -61.05
N LEU C 36 -34.31 -7.79 -60.88
CA LEU C 36 -33.57 -7.30 -62.02
C LEU C 36 -32.68 -8.39 -62.59
N TYR C 37 -32.20 -9.29 -61.74
CA TYR C 37 -31.35 -10.38 -62.20
C TYR C 37 -31.42 -11.53 -61.25
N SER C 38 -31.38 -12.74 -61.79
CA SER C 38 -31.45 -13.95 -60.99
C SER C 38 -30.86 -15.14 -61.73
N ARG C 39 -29.81 -15.72 -61.13
CA ARG C 39 -29.13 -16.88 -61.65
C ARG C 39 -28.72 -17.72 -60.44
N ASP C 40 -29.19 -18.96 -60.41
CA ASP C 40 -28.90 -19.89 -59.34
C ASP C 40 -29.28 -19.32 -57.95
N GLY C 41 -30.36 -18.55 -57.95
CA GLY C 41 -30.87 -17.93 -56.72
C GLY C 41 -31.20 -18.90 -55.61
N GLY C 42 -31.66 -20.09 -55.99
CA GLY C 42 -32.10 -21.12 -55.02
C GLY C 42 -31.07 -22.16 -54.63
N GLU C 43 -29.85 -22.03 -55.17
CA GLU C 43 -28.76 -22.96 -54.89
C GLU C 43 -28.18 -22.78 -53.47
N GLN C 44 -27.96 -23.88 -52.76
CA GLN C 44 -27.34 -23.73 -51.45
C GLN C 44 -25.82 -23.65 -51.56
N LEU C 45 -25.26 -22.58 -50.99
CA LEU C 45 -23.84 -22.28 -51.07
C LEU C 45 -23.30 -21.81 -49.72
N LEU C 46 -21.99 -22.00 -49.52
CA LEU C 46 -21.28 -21.42 -48.39
C LEU C 46 -21.23 -19.92 -48.53
N PRO C 47 -21.61 -19.19 -47.49
CA PRO C 47 -21.60 -17.74 -47.51
C PRO C 47 -20.29 -17.12 -47.00
N ALA C 48 -19.39 -17.90 -46.38
CA ALA C 48 -18.27 -17.28 -45.64
C ALA C 48 -18.79 -16.16 -44.71
N SER C 49 -18.14 -14.99 -44.65
CA SER C 49 -18.59 -13.95 -43.69
C SER C 49 -19.92 -13.26 -43.96
N ASN C 50 -20.54 -13.55 -45.11
CA ASN C 50 -21.88 -13.04 -45.38
C ASN C 50 -22.90 -13.58 -44.39
N MET C 51 -22.58 -14.71 -43.77
CA MET C 51 -23.42 -15.24 -42.69
C MET C 51 -23.63 -14.15 -41.61
N LYS C 52 -22.67 -13.25 -41.43
CA LYS C 52 -22.82 -12.18 -40.41
C LYS C 52 -24.04 -11.29 -40.68
N LEU C 53 -24.51 -11.23 -41.93
CA LEU C 53 -25.77 -10.50 -42.22
C LEU C 53 -26.95 -11.07 -41.41
N PHE C 54 -27.03 -12.39 -41.36
CA PHE C 54 -28.08 -13.06 -40.60
C PHE C 54 -27.91 -12.86 -39.11
N THR C 55 -26.69 -13.05 -38.62
CA THR C 55 -26.38 -12.91 -37.21
C THR C 55 -26.71 -11.49 -36.75
N ALA C 56 -26.23 -10.50 -37.49
CA ALA C 56 -26.42 -9.10 -37.12
C ALA C 56 -27.90 -8.74 -37.05
N ALA C 57 -28.66 -9.14 -38.07
CA ALA C 57 -30.12 -8.88 -38.08
C ALA C 57 -30.85 -9.50 -36.86
N ALA C 58 -30.61 -10.78 -36.61
CA ALA C 58 -31.10 -11.48 -35.45
C ALA C 58 -30.76 -10.77 -34.11
N ALA C 59 -29.52 -10.35 -33.94
CA ALA C 59 -29.08 -9.64 -32.73
C ALA C 59 -29.91 -8.36 -32.51
N LEU C 60 -30.09 -7.59 -33.57
CA LEU C 60 -30.90 -6.36 -33.48
C LEU C 60 -32.34 -6.64 -33.09
N GLU C 61 -32.91 -7.70 -33.68
CA GLU C 61 -34.27 -8.11 -33.37
C GLU C 61 -34.43 -8.55 -31.91
N VAL C 62 -33.52 -9.40 -31.48
CA VAL C 62 -33.63 -10.09 -30.20
C VAL C 62 -33.18 -9.22 -29.04
N LEU C 63 -32.00 -8.59 -29.17
CA LEU C 63 -31.39 -7.84 -28.08
C LEU C 63 -31.78 -6.38 -28.07
N GLY C 64 -32.02 -5.83 -29.25
CA GLY C 64 -32.32 -4.42 -29.44
C GLY C 64 -31.11 -3.57 -29.81
N ALA C 65 -31.33 -2.60 -30.69
CA ALA C 65 -30.30 -1.63 -31.07
C ALA C 65 -29.69 -0.92 -29.87
N ASP C 66 -30.45 -0.84 -28.79
CA ASP C 66 -29.98 -0.18 -27.58
C ASP C 66 -29.43 -1.13 -26.50
N HIS C 67 -29.29 -2.43 -26.77
CA HIS C 67 -28.80 -3.41 -25.76
C HIS C 67 -27.35 -3.12 -25.37
N SER C 68 -27.01 -3.32 -24.10
CA SER C 68 -25.62 -3.18 -23.69
C SER C 68 -25.18 -4.41 -22.89
N PHE C 69 -23.87 -4.56 -22.68
CA PHE C 69 -23.30 -5.76 -22.06
C PHE C 69 -22.54 -5.42 -20.79
N GLY C 70 -22.81 -6.17 -19.73
CA GLY C 70 -22.24 -5.88 -18.40
C GLY C 70 -21.07 -6.75 -17.97
N THR C 71 -20.21 -6.20 -17.11
CA THR C 71 -19.12 -6.94 -16.48
C THR C 71 -19.08 -6.45 -15.03
N GLU C 72 -18.87 -7.36 -14.08
CA GLU C 72 -18.95 -7.06 -12.63
C GLU C 72 -17.83 -7.70 -11.84
N VAL C 73 -17.54 -7.14 -10.68
CA VAL C 73 -16.59 -7.71 -9.76
C VAL C 73 -17.31 -7.93 -8.43
N ALA C 74 -17.23 -9.15 -7.89
CA ALA C 74 -18.01 -9.49 -6.70
C ALA C 74 -17.23 -10.20 -5.61
N ALA C 75 -17.56 -9.84 -4.38
CA ALA C 75 -17.07 -10.49 -3.16
C ALA C 75 -18.27 -10.93 -2.28
N GLU C 76 -18.02 -11.85 -1.34
CA GLU C 76 -19.09 -12.39 -0.48
C GLU C 76 -19.79 -11.31 0.34
N SER C 77 -19.01 -10.33 0.76
CA SER C 77 -19.51 -9.13 1.41
C SER C 77 -18.46 -8.03 1.28
N ALA C 78 -18.87 -6.80 1.62
CA ALA C 78 -17.98 -5.64 1.63
C ALA C 78 -16.75 -5.91 2.49
N PRO C 79 -15.61 -5.26 2.17
CA PRO C 79 -14.36 -5.52 2.90
C PRO C 79 -14.38 -5.21 4.41
N GLY C 80 -13.54 -5.94 5.15
CA GLY C 80 -13.43 -5.83 6.60
C GLY C 80 -12.95 -4.46 7.05
N ARG C 81 -12.84 -4.29 8.36
CA ARG C 81 -12.38 -3.02 8.92
C ARG C 81 -10.96 -2.74 8.44
N ARG C 82 -10.22 -3.82 8.19
CA ARG C 82 -8.87 -3.78 7.62
C ARG C 82 -8.85 -3.92 6.10
N GLY C 83 -10.00 -3.65 5.47
CA GLY C 83 -10.15 -3.70 4.01
C GLY C 83 -9.76 -5.02 3.37
N GLU C 84 -10.13 -6.13 4.00
CA GLU C 84 -9.87 -7.44 3.43
C GLU C 84 -11.15 -8.11 2.91
N VAL C 85 -11.01 -8.82 1.79
CA VAL C 85 -12.01 -9.78 1.32
C VAL C 85 -11.37 -11.15 1.16
N GLN C 86 -12.20 -12.17 1.06
CA GLN C 86 -11.70 -13.52 0.88
C GLN C 86 -11.42 -13.79 -0.62
N ASP C 87 -12.40 -14.38 -1.34
CA ASP C 87 -12.26 -14.64 -2.77
C ASP C 87 -12.93 -13.56 -3.55
N LEU C 88 -12.45 -13.34 -4.77
CA LEU C 88 -12.95 -12.28 -5.63
C LEU C 88 -13.24 -12.79 -7.03
N TYR C 89 -14.41 -12.43 -7.55
CA TYR C 89 -14.87 -12.91 -8.86
C TYR C 89 -15.01 -11.77 -9.86
N LEU C 90 -14.34 -11.92 -10.99
CA LEU C 90 -14.53 -11.02 -12.13
C LEU C 90 -15.53 -11.72 -13.06
N VAL C 91 -16.68 -11.10 -13.27
CA VAL C 91 -17.79 -11.80 -13.91
C VAL C 91 -18.13 -11.20 -15.27
N GLY C 92 -17.86 -11.96 -16.33
CA GLY C 92 -18.17 -11.50 -17.68
C GLY C 92 -19.58 -11.89 -18.10
N ARG C 93 -20.31 -10.96 -18.70
CA ARG C 93 -21.60 -11.30 -19.25
C ARG C 93 -21.73 -10.98 -20.74
N GLY C 94 -20.70 -11.35 -21.49
CA GLY C 94 -20.77 -11.31 -22.94
C GLY C 94 -20.42 -10.00 -23.64
N ASP C 95 -19.68 -9.14 -22.97
CA ASP C 95 -19.19 -7.87 -23.59
C ASP C 95 -18.07 -8.21 -24.57
N PRO C 96 -18.28 -7.91 -25.86
CA PRO C 96 -17.27 -8.25 -26.88
C PRO C 96 -16.33 -7.08 -27.06
N THR C 97 -16.42 -6.07 -26.17
CA THR C 97 -15.64 -4.86 -26.32
C THR C 97 -14.95 -4.45 -25.02
N LEU C 98 -14.68 -5.43 -24.15
CA LEU C 98 -14.10 -5.15 -22.83
C LEU C 98 -12.56 -5.01 -22.91
N SER C 99 -12.05 -3.81 -22.65
CA SER C 99 -10.63 -3.48 -22.86
C SER C 99 -9.82 -3.62 -21.57
N ALA C 100 -8.49 -3.67 -21.72
CA ALA C 100 -7.60 -3.70 -20.56
C ALA C 100 -7.78 -2.42 -19.71
N GLU C 101 -8.15 -1.32 -20.36
CA GLU C 101 -8.39 -0.07 -19.65
C GLU C 101 -9.69 -0.16 -18.82
N ASP C 102 -10.69 -0.86 -19.34
CA ASP C 102 -11.87 -1.18 -18.53
C ASP C 102 -11.52 -1.98 -17.29
N LEU C 103 -10.62 -2.93 -17.46
CA LEU C 103 -10.20 -3.75 -16.34
C LEU C 103 -9.51 -2.86 -15.30
N ASP C 104 -8.71 -1.91 -15.79
CA ASP C 104 -7.96 -1.05 -14.88
C ASP C 104 -8.89 -0.13 -14.11
N ALA C 105 -9.89 0.43 -14.79
CA ALA C 105 -10.90 1.27 -14.15
C ALA C 105 -11.71 0.50 -13.10
N MET C 106 -12.08 -0.73 -13.43
CA MET C 106 -12.74 -1.61 -12.45
C MET C 106 -11.80 -1.91 -11.28
N ALA C 107 -10.51 -2.11 -11.57
CA ALA C 107 -9.52 -2.27 -10.50
C ALA C 107 -9.52 -1.08 -9.54
N ALA C 108 -9.54 0.12 -10.10
CA ALA C 108 -9.57 1.35 -9.31
C ALA C 108 -10.85 1.48 -8.48
N GLU C 109 -11.96 0.96 -8.99
CA GLU C 109 -13.21 0.93 -8.24
C GLU C 109 -13.13 -0.05 -7.06
N VAL C 110 -12.47 -1.18 -7.26
CA VAL C 110 -12.27 -2.16 -6.19
C VAL C 110 -11.47 -1.53 -5.03
N ALA C 111 -10.33 -0.94 -5.35
CA ALA C 111 -9.58 -0.19 -4.36
C ALA C 111 -10.42 0.96 -3.78
N ALA C 112 -11.14 1.71 -4.62
CA ALA C 112 -11.91 2.87 -4.13
C ALA C 112 -13.07 2.53 -3.17
N SER C 113 -13.50 1.26 -3.18
CA SER C 113 -14.48 0.79 -2.22
C SER C 113 -13.77 0.29 -0.93
N GLY C 114 -12.47 0.51 -0.85
CA GLY C 114 -11.71 0.22 0.35
C GLY C 114 -11.11 -1.16 0.46
N VAL C 115 -10.94 -1.85 -0.67
CA VAL C 115 -10.27 -3.15 -0.66
C VAL C 115 -8.77 -2.93 -0.61
N ARG C 116 -8.12 -3.53 0.38
CA ARG C 116 -6.67 -3.42 0.53
C ARG C 116 -6.00 -4.75 0.16
N THR C 117 -6.67 -5.86 0.50
CA THR C 117 -6.15 -7.18 0.18
C THR C 117 -7.25 -8.17 -0.23
N VAL C 118 -6.97 -8.95 -1.26
CA VAL C 118 -7.69 -10.17 -1.56
C VAL C 118 -6.91 -11.29 -0.89
N ARG C 119 -7.49 -11.86 0.18
CA ARG C 119 -6.81 -12.89 0.98
C ARG C 119 -6.84 -14.27 0.32
N GLY C 120 -7.96 -14.56 -0.35
CA GLY C 120 -8.13 -15.82 -1.07
C GLY C 120 -7.73 -15.68 -2.53
N ASP C 121 -8.51 -16.29 -3.42
CA ASP C 121 -8.14 -16.37 -4.83
C ASP C 121 -8.94 -15.39 -5.68
N LEU C 122 -8.42 -15.08 -6.85
CA LEU C 122 -9.17 -14.32 -7.83
C LEU C 122 -9.70 -15.27 -8.90
N TYR C 123 -11.01 -15.21 -9.12
CA TYR C 123 -11.66 -16.09 -10.06
C TYR C 123 -12.22 -15.35 -11.26
N ALA C 124 -12.05 -15.97 -12.43
CA ALA C 124 -12.64 -15.48 -13.68
C ALA C 124 -13.87 -16.29 -14.04
N ASP C 125 -15.00 -15.60 -14.13
CA ASP C 125 -16.30 -16.23 -14.22
C ASP C 125 -16.89 -15.95 -15.59
N ASP C 126 -16.90 -16.97 -16.45
CA ASP C 126 -17.48 -16.85 -17.75
C ASP C 126 -18.65 -17.83 -17.91
N THR C 127 -19.22 -18.24 -16.77
CA THR C 127 -20.32 -19.21 -16.75
C THR C 127 -21.57 -18.72 -17.47
N TRP C 128 -21.68 -17.42 -17.75
CA TRP C 128 -22.83 -16.88 -18.51
C TRP C 128 -22.97 -17.53 -19.90
N PHE C 129 -21.84 -17.84 -20.55
CA PHE C 129 -21.89 -18.71 -21.73
C PHE C 129 -21.36 -20.05 -21.32
N ASP C 130 -21.60 -21.05 -22.14
CA ASP C 130 -21.00 -22.37 -21.89
C ASP C 130 -19.48 -22.33 -22.17
N SER C 131 -18.81 -23.44 -21.92
CA SER C 131 -17.37 -23.52 -22.12
C SER C 131 -16.99 -24.19 -23.48
N GLU C 132 -17.92 -24.19 -24.43
CA GLU C 132 -17.57 -24.67 -25.76
C GLU C 132 -16.86 -23.54 -26.51
N ARG C 133 -15.54 -23.66 -26.65
CA ARG C 133 -14.71 -22.58 -27.16
C ARG C 133 -14.71 -22.40 -28.70
N LEU C 134 -14.83 -23.51 -29.41
CA LEU C 134 -14.70 -23.54 -30.87
C LEU C 134 -15.86 -24.34 -31.44
N VAL C 135 -16.34 -23.93 -32.61
CA VAL C 135 -17.30 -24.74 -33.38
C VAL C 135 -16.60 -26.07 -33.80
N ASP C 136 -17.34 -27.19 -33.73
CA ASP C 136 -16.85 -28.54 -34.11
C ASP C 136 -16.04 -28.53 -35.40
N ASP C 137 -16.63 -27.97 -36.46
CA ASP C 137 -16.06 -28.13 -37.80
C ASP C 137 -15.02 -27.08 -38.19
N TRP C 138 -14.74 -26.14 -37.30
CA TRP C 138 -13.63 -25.20 -37.51
C TRP C 138 -12.32 -25.96 -37.51
N TRP C 139 -11.36 -25.45 -38.27
CA TRP C 139 -10.06 -26.10 -38.42
C TRP C 139 -9.09 -25.77 -37.29
N PRO C 140 -8.49 -26.81 -36.67
CA PRO C 140 -7.41 -26.64 -35.69
C PRO C 140 -6.23 -25.75 -36.17
N GLU C 141 -5.88 -25.85 -37.46
CA GLU C 141 -4.78 -25.07 -38.02
C GLU C 141 -5.02 -23.56 -37.97
N ASP C 142 -6.29 -23.15 -37.94
CA ASP C 142 -6.69 -21.73 -37.85
C ASP C 142 -6.57 -21.16 -36.43
N GLU C 143 -6.48 -22.06 -35.44
CA GLU C 143 -6.58 -21.67 -34.02
C GLU C 143 -5.60 -20.61 -33.48
N PRO C 144 -4.37 -20.49 -34.04
CA PRO C 144 -3.49 -19.40 -33.56
C PRO C 144 -3.98 -17.98 -33.93
N TYR C 145 -4.80 -17.88 -34.98
CA TYR C 145 -5.14 -16.58 -35.59
C TYR C 145 -6.38 -15.89 -35.00
N ALA C 146 -6.33 -14.56 -34.98
CA ALA C 146 -7.38 -13.73 -34.35
C ALA C 146 -8.77 -14.14 -34.77
N TYR C 147 -8.94 -14.46 -36.06
CA TYR C 147 -10.27 -14.76 -36.58
C TYR C 147 -10.87 -16.09 -36.05
N SER C 148 -10.03 -16.88 -35.36
CA SER C 148 -10.45 -18.14 -34.76
C SER C 148 -10.29 -18.16 -33.21
N ALA C 149 -10.23 -16.97 -32.59
CA ALA C 149 -10.23 -16.86 -31.12
C ALA C 149 -11.31 -17.70 -30.46
N GLN C 150 -10.94 -18.32 -29.33
CA GLN C 150 -11.87 -19.07 -28.49
C GLN C 150 -13.00 -18.16 -27.99
N ILE C 151 -14.19 -18.75 -27.88
CA ILE C 151 -15.36 -17.99 -27.49
C ILE C 151 -15.62 -18.14 -26.00
N SER C 152 -15.84 -17.01 -25.34
CA SER C 152 -16.12 -16.98 -23.90
C SER C 152 -17.00 -15.78 -23.54
N ALA C 153 -17.75 -15.89 -22.44
CA ALA C 153 -18.53 -14.78 -21.93
C ALA C 153 -17.64 -13.68 -21.31
N LEU C 154 -16.43 -14.07 -20.90
CA LEU C 154 -15.44 -13.12 -20.40
C LEU C 154 -14.18 -13.15 -21.28
N THR C 155 -13.95 -12.07 -22.01
CA THR C 155 -12.78 -11.99 -22.86
C THR C 155 -12.28 -10.56 -23.06
N VAL C 156 -10.96 -10.37 -23.13
CA VAL C 156 -10.40 -9.01 -23.32
C VAL C 156 -10.31 -8.72 -24.81
N ALA C 157 -10.83 -7.57 -25.20
CA ALA C 157 -10.88 -7.16 -26.59
C ALA C 157 -9.71 -6.22 -26.85
N HIS C 158 -8.96 -6.51 -27.90
CA HIS C 158 -7.78 -5.74 -28.24
C HIS C 158 -8.06 -4.60 -29.25
N GLY C 159 -7.57 -3.40 -28.95
CA GLY C 159 -7.54 -2.30 -29.91
C GLY C 159 -8.89 -1.66 -30.14
N GLU C 160 -8.95 -0.69 -31.04
CA GLU C 160 -10.22 -0.04 -31.36
C GLU C 160 -11.09 -0.89 -32.30
N ARG C 161 -10.54 -1.96 -32.86
CA ARG C 161 -11.37 -2.94 -33.60
C ARG C 161 -11.94 -4.03 -32.70
N PHE C 162 -11.46 -4.07 -31.46
CA PHE C 162 -12.02 -5.01 -30.46
C PHE C 162 -11.85 -6.49 -30.81
N ASP C 163 -10.64 -6.88 -31.20
CA ASP C 163 -10.33 -8.29 -31.48
C ASP C 163 -10.23 -9.04 -30.17
N THR C 164 -11.13 -9.98 -29.94
CA THR C 164 -11.23 -10.64 -28.62
C THR C 164 -10.25 -11.82 -28.48
N GLY C 165 -9.91 -12.14 -27.24
CA GLY C 165 -9.23 -13.38 -26.91
C GLY C 165 -7.86 -13.52 -27.52
N VAL C 166 -7.18 -12.40 -27.74
CA VAL C 166 -5.86 -12.41 -28.33
C VAL C 166 -4.87 -11.60 -27.50
N THR C 167 -3.59 -11.83 -27.77
CA THR C 167 -2.50 -11.06 -27.21
C THR C 167 -1.63 -10.58 -28.38
N GLU C 168 -0.92 -9.49 -28.15
CA GLU C 168 -0.11 -8.91 -29.19
C GLU C 168 1.33 -9.33 -29.00
N VAL C 169 1.84 -10.12 -29.94
CA VAL C 169 3.24 -10.57 -29.91
C VAL C 169 4.06 -9.63 -30.73
N SER C 170 5.13 -9.10 -30.14
CA SER C 170 6.02 -8.29 -30.95
C SER C 170 7.44 -8.79 -30.91
N VAL C 171 8.00 -8.97 -32.10
CA VAL C 171 9.32 -9.57 -32.24
C VAL C 171 10.24 -8.54 -32.87
N THR C 172 11.34 -8.25 -32.18
CA THR C 172 12.28 -7.23 -32.60
C THR C 172 13.67 -7.83 -32.77
N PRO C 173 14.40 -7.40 -33.80
CA PRO C 173 15.71 -7.98 -34.01
C PRO C 173 16.69 -7.51 -32.95
N ALA C 174 17.69 -8.35 -32.65
CA ALA C 174 18.81 -7.94 -31.81
C ALA C 174 20.04 -7.88 -32.70
N ALA C 175 21.17 -8.39 -32.24
CA ALA C 175 22.37 -8.42 -33.08
C ALA C 175 22.33 -9.63 -34.01
N GLU C 176 22.88 -9.46 -35.20
CA GLU C 176 22.97 -10.52 -36.16
C GLU C 176 23.51 -11.82 -35.52
N GLY C 177 22.76 -12.91 -35.72
CA GLY C 177 23.12 -14.21 -35.19
C GLY C 177 22.60 -14.48 -33.79
N GLU C 178 22.23 -13.43 -33.06
CA GLU C 178 21.62 -13.58 -31.74
C GLU C 178 20.16 -13.90 -31.89
N PRO C 179 19.54 -14.52 -30.84
CA PRO C 179 18.10 -14.71 -30.85
C PRO C 179 17.37 -13.38 -31.01
N ALA C 180 16.21 -13.42 -31.64
CA ALA C 180 15.31 -12.28 -31.67
C ALA C 180 14.73 -12.01 -30.27
N ASP C 181 14.31 -10.76 -30.03
CA ASP C 181 13.63 -10.40 -28.78
C ASP C 181 12.12 -10.48 -29.00
N VAL C 182 11.46 -11.23 -28.11
CA VAL C 182 10.03 -11.49 -28.18
C VAL C 182 9.34 -10.96 -26.94
N ASP C 183 8.32 -10.13 -27.13
CA ASP C 183 7.43 -9.68 -26.07
C ASP C 183 6.04 -10.25 -26.36
N LEU C 184 5.41 -10.91 -25.39
CA LEU C 184 4.12 -11.55 -25.60
C LEU C 184 2.90 -10.67 -25.31
N GLY C 185 3.14 -9.39 -25.02
CA GLY C 185 2.05 -8.43 -24.75
C GLY C 185 1.31 -8.74 -23.46
N ALA C 186 -0.03 -8.69 -23.53
CA ALA C 186 -0.91 -8.99 -22.39
C ALA C 186 -0.65 -10.38 -21.78
N ALA C 187 -0.26 -11.32 -22.63
CA ALA C 187 -0.07 -12.71 -22.19
C ALA C 187 1.32 -13.00 -21.56
N GLU C 188 2.12 -11.95 -21.34
CA GLU C 188 3.40 -12.12 -20.61
C GLU C 188 3.05 -12.60 -19.20
N GLY C 189 3.66 -13.71 -18.81
CA GLY C 189 3.38 -14.33 -17.51
C GLY C 189 2.11 -15.14 -17.47
N TYR C 190 1.45 -15.29 -18.63
CA TYR C 190 0.30 -16.18 -18.76
C TYR C 190 0.64 -17.31 -19.74
N ALA C 191 0.83 -16.98 -21.01
CA ALA C 191 1.21 -17.97 -22.02
C ALA C 191 2.69 -18.26 -21.88
N GLU C 192 3.12 -19.43 -22.35
CA GLU C 192 4.54 -19.76 -22.37
C GLU C 192 5.24 -19.35 -23.69
N LEU C 193 6.48 -18.90 -23.58
CA LEU C 193 7.29 -18.53 -24.73
C LEU C 193 8.22 -19.67 -25.14
N ASP C 194 8.13 -20.08 -26.41
CA ASP C 194 9.11 -20.98 -26.97
C ASP C 194 9.80 -20.24 -28.13
N ASN C 195 10.86 -19.49 -27.81
CA ASN C 195 11.50 -18.62 -28.79
C ASN C 195 12.72 -19.27 -29.45
N ARG C 196 12.55 -19.79 -30.66
CA ARG C 196 13.67 -20.32 -31.41
C ARG C 196 13.97 -19.44 -32.65
N ALA C 197 13.65 -18.15 -32.57
CA ALA C 197 13.90 -17.26 -33.70
C ALA C 197 15.30 -16.63 -33.63
N VAL C 198 15.89 -16.40 -34.79
CA VAL C 198 17.21 -15.80 -34.87
C VAL C 198 17.13 -14.41 -35.55
N THR C 199 18.10 -13.56 -35.22
CA THR C 199 18.28 -12.33 -35.98
C THR C 199 19.16 -12.64 -37.18
N GLY C 200 18.66 -12.34 -38.38
CA GLY C 200 19.47 -12.56 -39.57
C GLY C 200 20.26 -11.30 -39.87
N ALA C 201 21.15 -11.42 -40.85
CA ALA C 201 21.95 -10.30 -41.31
C ALA C 201 21.08 -9.20 -41.88
N ALA C 202 21.55 -7.96 -41.76
CA ALA C 202 20.84 -6.83 -42.38
C ALA C 202 20.60 -7.13 -43.87
N GLY C 203 19.37 -6.89 -44.32
CA GLY C 203 19.02 -7.02 -45.74
C GLY C 203 18.68 -8.43 -46.20
N SER C 204 18.61 -9.39 -45.25
CA SER C 204 18.27 -10.80 -45.54
C SER C 204 16.76 -10.99 -45.52
N ALA C 205 16.30 -12.17 -45.94
CA ALA C 205 14.87 -12.47 -46.01
C ALA C 205 14.24 -12.66 -44.63
N ASN C 206 13.02 -12.17 -44.48
CA ASN C 206 12.23 -12.37 -43.31
C ASN C 206 11.46 -13.69 -43.38
N THR C 207 11.89 -14.70 -42.60
CA THR C 207 11.18 -15.98 -42.59
C THR C 207 10.49 -16.20 -41.22
N LEU C 208 10.33 -15.14 -40.43
CA LEU C 208 9.72 -15.24 -39.09
C LEU C 208 8.32 -15.83 -39.07
N VAL C 209 8.11 -16.78 -38.17
CA VAL C 209 6.80 -17.39 -37.99
C VAL C 209 6.44 -17.36 -36.49
N ILE C 210 5.21 -16.93 -36.20
CA ILE C 210 4.70 -16.89 -34.85
C ILE C 210 3.50 -17.83 -34.72
N ASP C 211 3.62 -18.83 -33.86
CA ASP C 211 2.64 -19.90 -33.83
C ASP C 211 2.09 -20.10 -32.44
N ARG C 212 0.93 -20.78 -32.33
CA ARG C 212 0.56 -21.43 -31.07
C ARG C 212 0.29 -22.91 -31.36
N PRO C 213 1.23 -23.80 -31.00
CA PRO C 213 1.00 -25.21 -31.28
C PRO C 213 -0.36 -25.67 -30.71
N VAL C 214 -1.07 -26.47 -31.49
CA VAL C 214 -2.45 -26.83 -31.18
C VAL C 214 -2.54 -27.52 -29.82
N GLY C 215 -3.56 -27.17 -29.06
CA GLY C 215 -3.74 -27.72 -27.71
C GLY C 215 -2.74 -27.20 -26.69
N THR C 216 -2.03 -26.11 -27.01
CA THR C 216 -1.08 -25.54 -26.05
C THR C 216 -1.44 -24.09 -25.77
N ASN C 217 -0.82 -23.56 -24.73
CA ASN C 217 -0.88 -22.14 -24.44
C ASN C 217 0.54 -21.59 -24.58
N THR C 218 1.20 -22.00 -25.65
CA THR C 218 2.56 -21.62 -25.90
C THR C 218 2.66 -20.85 -27.22
N ILE C 219 3.35 -19.72 -27.18
CA ILE C 219 3.66 -19.00 -28.38
C ILE C 219 5.07 -19.44 -28.82
N ALA C 220 5.12 -20.17 -29.93
CA ALA C 220 6.37 -20.64 -30.53
C ALA C 220 6.83 -19.71 -31.67
N VAL C 221 8.02 -19.14 -31.51
CA VAL C 221 8.54 -18.26 -32.53
C VAL C 221 9.74 -18.89 -33.23
N THR C 222 9.67 -18.94 -34.55
CA THR C 222 10.76 -19.52 -35.34
C THR C 222 11.11 -18.68 -36.56
N GLY C 223 12.23 -19.06 -37.18
CA GLY C 223 12.71 -18.43 -38.40
C GLY C 223 13.65 -17.27 -38.13
N SER C 224 13.76 -16.38 -39.12
CA SER C 224 14.81 -15.36 -39.11
C SER C 224 14.21 -13.99 -39.41
N LEU C 225 14.56 -13.01 -38.57
CA LEU C 225 14.16 -11.63 -38.77
C LEU C 225 15.42 -10.80 -38.99
N PRO C 226 15.50 -10.01 -40.11
CA PRO C 226 16.69 -9.22 -40.45
C PRO C 226 17.01 -8.17 -39.42
N ALA C 227 18.32 -8.00 -39.16
CA ALA C 227 18.80 -7.10 -38.10
C ALA C 227 18.31 -5.66 -38.32
N ASP C 228 18.08 -5.30 -39.58
CA ASP C 228 17.63 -3.94 -39.90
C ASP C 228 16.13 -3.85 -40.14
N ALA C 229 15.39 -4.91 -39.82
CA ALA C 229 13.94 -4.91 -40.00
C ALA C 229 13.25 -4.16 -38.88
N ALA C 230 12.15 -3.49 -39.24
CA ALA C 230 11.18 -3.00 -38.28
C ALA C 230 10.74 -4.18 -37.41
N PRO C 231 10.25 -3.90 -36.18
CA PRO C 231 9.65 -4.96 -35.37
C PRO C 231 8.49 -5.66 -36.09
N VAL C 232 8.31 -6.95 -35.84
CA VAL C 232 7.11 -7.66 -36.30
C VAL C 232 6.08 -7.72 -35.18
N THR C 233 4.86 -7.28 -35.49
CA THR C 233 3.78 -7.23 -34.53
C THR C 233 2.59 -7.99 -35.07
N ALA C 234 2.06 -8.92 -34.27
CA ALA C 234 0.98 -9.78 -34.71
C ALA C 234 0.07 -10.18 -33.56
N LEU C 235 -1.21 -10.33 -33.84
CA LEU C 235 -2.17 -10.82 -32.84
C LEU C 235 -2.20 -12.34 -32.90
N ARG C 236 -2.04 -12.96 -31.74
CA ARG C 236 -2.27 -14.38 -31.64
C ARG C 236 -3.22 -14.73 -30.49
N THR C 237 -3.97 -15.80 -30.67
CA THR C 237 -4.91 -16.27 -29.67
C THR C 237 -4.18 -16.91 -28.49
N VAL C 238 -4.85 -16.89 -27.34
CA VAL C 238 -4.46 -17.72 -26.19
C VAL C 238 -5.53 -18.75 -25.90
N ASP C 239 -5.15 -19.76 -25.10
CA ASP C 239 -6.09 -20.73 -24.55
C ASP C 239 -6.80 -20.07 -23.36
N GLU C 240 -8.10 -20.29 -23.25
CA GLU C 240 -8.93 -19.74 -22.13
C GLU C 240 -8.88 -18.21 -22.00
N PRO C 241 -9.61 -17.50 -22.87
CA PRO C 241 -9.67 -16.03 -22.83
C PRO C 241 -10.00 -15.47 -21.44
N ALA C 242 -10.93 -16.12 -20.70
CA ALA C 242 -11.35 -15.62 -19.40
C ALA C 242 -10.21 -15.66 -18.37
N ALA C 243 -9.32 -16.63 -18.52
CA ALA C 243 -8.16 -16.75 -17.66
C ALA C 243 -7.10 -15.69 -17.99
N LEU C 244 -7.01 -15.29 -19.25
CA LEU C 244 -6.20 -14.11 -19.60
C LEU C 244 -6.82 -12.87 -18.94
N ALA C 245 -8.14 -12.75 -19.06
CA ALA C 245 -8.84 -11.67 -18.37
C ALA C 245 -8.45 -11.65 -16.89
N GLY C 246 -8.53 -12.80 -16.24
CA GLY C 246 -8.19 -12.92 -14.83
C GLY C 246 -6.75 -12.48 -14.56
N HIS C 247 -5.83 -12.96 -15.39
CA HIS C 247 -4.43 -12.61 -15.30
C HIS C 247 -4.22 -11.10 -15.38
N LEU C 248 -4.83 -10.46 -16.37
CA LEU C 248 -4.77 -9.01 -16.53
C LEU C 248 -5.43 -8.26 -15.38
N PHE C 249 -6.53 -8.82 -14.86
CA PHE C 249 -7.23 -8.18 -13.75
C PHE C 249 -6.44 -8.24 -12.46
N GLU C 250 -5.69 -9.33 -12.26
CA GLU C 250 -4.77 -9.37 -11.15
C GLU C 250 -3.72 -8.25 -11.24
N GLU C 251 -3.19 -8.03 -12.44
CA GLU C 251 -2.17 -7.04 -12.65
C GLU C 251 -2.74 -5.63 -12.45
N ALA C 252 -3.95 -5.42 -12.98
CA ALA C 252 -4.68 -4.18 -12.78
C ALA C 252 -4.91 -3.93 -11.29
N LEU C 253 -5.37 -4.96 -10.60
CA LEU C 253 -5.59 -4.89 -9.17
C LEU C 253 -4.32 -4.45 -8.43
N GLU C 254 -3.21 -5.13 -8.68
CA GLU C 254 -1.96 -4.83 -7.99
C GLU C 254 -1.42 -3.44 -8.35
N SER C 255 -1.64 -3.05 -9.61
CA SER C 255 -1.31 -1.73 -10.11
C SER C 255 -2.13 -0.64 -9.41
N ASN C 256 -3.27 -1.01 -8.83
CA ASN C 256 -4.09 -0.08 -8.07
C ASN C 256 -4.03 -0.20 -6.54
N GLY C 257 -2.99 -0.86 -6.03
CA GLY C 257 -2.77 -0.96 -4.59
C GLY C 257 -3.48 -2.08 -3.85
N VAL C 258 -4.02 -3.03 -4.61
CA VAL C 258 -4.69 -4.21 -4.05
C VAL C 258 -3.83 -5.45 -4.24
N THR C 259 -3.50 -6.12 -3.14
CA THR C 259 -2.69 -7.33 -3.19
C THR C 259 -3.61 -8.56 -3.32
N VAL C 260 -3.28 -9.45 -4.25
CA VAL C 260 -3.96 -10.73 -4.33
C VAL C 260 -3.04 -11.80 -3.77
N LYS C 261 -3.37 -12.30 -2.58
CA LYS C 261 -2.57 -13.32 -1.90
C LYS C 261 -2.62 -14.70 -2.57
N GLY C 262 -3.80 -15.09 -3.07
CA GLY C 262 -4.03 -16.40 -3.68
C GLY C 262 -3.76 -16.50 -5.17
N ASP C 263 -4.32 -17.53 -5.81
CA ASP C 263 -4.08 -17.81 -7.23
C ASP C 263 -5.18 -17.22 -8.12
N VAL C 264 -4.94 -17.26 -9.43
CA VAL C 264 -5.90 -16.83 -10.45
C VAL C 264 -6.39 -18.07 -11.19
N GLY C 265 -7.69 -18.12 -11.45
CA GLY C 265 -8.25 -19.26 -12.14
C GLY C 265 -9.69 -19.08 -12.56
N LEU C 266 -10.24 -20.12 -13.19
CA LEU C 266 -11.61 -20.11 -13.65
C LEU C 266 -12.53 -20.55 -12.53
N GLY C 267 -13.73 -19.97 -12.46
CA GLY C 267 -14.66 -20.32 -11.41
C GLY C 267 -15.90 -19.45 -11.43
N GLY C 268 -17.04 -20.06 -11.11
CA GLY C 268 -18.32 -19.37 -11.05
C GLY C 268 -18.64 -18.92 -9.63
N VAL C 269 -19.30 -17.77 -9.51
CA VAL C 269 -19.71 -17.23 -8.22
C VAL C 269 -20.57 -18.29 -7.52
N PRO C 270 -20.18 -18.68 -6.28
CA PRO C 270 -20.94 -19.75 -5.60
C PRO C 270 -22.39 -19.33 -5.37
N ALA C 271 -23.34 -20.20 -5.72
CA ALA C 271 -24.77 -19.94 -5.48
C ALA C 271 -25.02 -19.77 -3.98
N ASP C 272 -24.13 -20.42 -3.23
CA ASP C 272 -23.84 -20.26 -1.80
C ASP C 272 -23.89 -18.83 -1.21
N TRP C 273 -23.47 -17.85 -2.00
CA TRP C 273 -23.38 -16.45 -1.57
C TRP C 273 -24.78 -15.83 -1.46
N GLN C 274 -25.16 -15.44 -0.26
CA GLN C 274 -26.52 -14.97 0.01
C GLN C 274 -26.76 -13.54 -0.48
N ASP C 275 -25.78 -12.67 -0.30
CA ASP C 275 -25.91 -11.26 -0.61
C ASP C 275 -24.56 -10.69 -1.05
N ALA C 276 -24.25 -10.93 -2.32
CA ALA C 276 -22.96 -10.57 -2.93
C ALA C 276 -22.77 -9.06 -2.96
N GLU C 277 -21.58 -8.61 -2.58
CA GLU C 277 -21.22 -7.22 -2.74
C GLU C 277 -20.59 -7.01 -4.13
N VAL C 278 -21.28 -6.26 -4.97
CA VAL C 278 -20.71 -5.87 -6.25
C VAL C 278 -19.80 -4.68 -6.01
N LEU C 279 -18.51 -4.91 -6.08
CA LEU C 279 -17.51 -3.92 -5.79
C LEU C 279 -17.08 -3.05 -6.97
N ALA C 280 -17.32 -3.53 -8.20
CA ALA C 280 -17.00 -2.79 -9.42
C ALA C 280 -17.84 -3.31 -10.57
N ASP C 281 -18.14 -2.46 -11.54
CA ASP C 281 -18.83 -2.90 -12.74
C ASP C 281 -18.50 -2.02 -13.93
N HIS C 282 -18.90 -2.46 -15.12
CA HIS C 282 -18.73 -1.72 -16.37
C HIS C 282 -19.84 -2.08 -17.37
N THR C 283 -20.33 -1.07 -18.08
CA THR C 283 -21.35 -1.25 -19.10
C THR C 283 -20.77 -0.89 -20.46
N SER C 284 -20.95 -1.75 -21.45
CA SER C 284 -20.40 -1.48 -22.78
C SER C 284 -21.20 -0.38 -23.48
N ALA C 285 -20.67 0.13 -24.59
CA ALA C 285 -21.50 0.87 -25.55
C ALA C 285 -22.70 0.00 -25.97
N GLU C 286 -23.73 0.64 -26.52
CA GLU C 286 -24.92 -0.05 -27.01
C GLU C 286 -24.63 -0.89 -28.25
N LEU C 287 -25.48 -1.87 -28.49
CA LEU C 287 -25.32 -2.76 -29.64
C LEU C 287 -25.19 -2.00 -30.96
N SER C 288 -25.98 -0.94 -31.16
CA SER C 288 -25.92 -0.13 -32.39
C SER C 288 -24.53 0.36 -32.73
N GLU C 289 -23.77 0.71 -31.71
CA GLU C 289 -22.43 1.25 -31.84
C GLU C 289 -21.46 0.09 -32.03
N ILE C 290 -21.69 -1.00 -31.29
CA ILE C 290 -20.84 -2.20 -31.36
C ILE C 290 -20.90 -2.84 -32.77
N LEU C 291 -22.05 -2.75 -33.44
CA LEU C 291 -22.21 -3.28 -34.80
C LEU C 291 -21.19 -2.73 -35.82
N VAL C 292 -20.62 -1.57 -35.52
CA VAL C 292 -19.67 -0.95 -36.43
C VAL C 292 -18.33 -1.69 -36.55
N PRO C 293 -17.55 -1.81 -35.46
CA PRO C 293 -16.33 -2.57 -35.70
C PRO C 293 -16.63 -4.03 -36.02
N PHE C 294 -17.76 -4.55 -35.53
CA PHE C 294 -18.21 -5.90 -35.89
C PHE C 294 -18.36 -6.09 -37.42
N MET C 295 -19.18 -5.25 -38.04
CA MET C 295 -19.53 -5.52 -39.45
C MET C 295 -18.51 -4.87 -40.42
N LYS C 296 -17.91 -3.74 -40.02
CA LYS C 296 -16.92 -3.10 -40.91
C LYS C 296 -15.70 -4.02 -41.12
N PHE C 297 -15.28 -4.70 -40.05
CA PHE C 297 -14.07 -5.51 -40.14
C PHE C 297 -14.34 -7.01 -40.12
N SER C 298 -15.62 -7.39 -40.04
CA SER C 298 -16.01 -8.81 -40.06
C SER C 298 -15.36 -9.56 -38.88
N ASN C 299 -15.65 -9.07 -37.66
CA ASN C 299 -15.16 -9.69 -36.43
C ASN C 299 -15.88 -11.01 -36.10
N ASN C 300 -15.13 -12.14 -36.12
CA ASN C 300 -15.77 -13.46 -35.87
C ASN C 300 -16.21 -13.66 -34.42
N GLY C 301 -15.35 -13.29 -33.47
CA GLY C 301 -15.66 -13.45 -32.07
C GLY C 301 -16.92 -12.67 -31.70
N HIS C 302 -17.06 -11.46 -32.24
CA HIS C 302 -18.29 -10.70 -32.03
C HIS C 302 -19.52 -11.50 -32.48
N ALA C 303 -19.42 -12.18 -33.63
CA ALA C 303 -20.57 -12.91 -34.16
C ALA C 303 -20.95 -14.07 -33.28
N GLU C 304 -19.96 -14.87 -32.85
CA GLU C 304 -20.25 -16.04 -32.02
C GLU C 304 -20.76 -15.60 -30.65
N MET C 305 -20.21 -14.50 -30.11
CA MET C 305 -20.69 -13.94 -28.84
C MET C 305 -22.12 -13.48 -28.89
N LEU C 306 -22.47 -12.73 -29.92
CA LEU C 306 -23.84 -12.35 -30.11
C LEU C 306 -24.80 -13.56 -30.17
N VAL C 307 -24.40 -14.63 -30.88
CA VAL C 307 -25.23 -15.86 -30.96
C VAL C 307 -25.54 -16.43 -29.59
N LYS C 308 -24.53 -16.56 -28.73
CA LYS C 308 -24.75 -17.12 -27.41
C LYS C 308 -25.57 -16.17 -26.52
N SER C 309 -25.37 -14.86 -26.69
CA SER C 309 -26.22 -13.89 -26.02
C SER C 309 -27.66 -14.02 -26.52
N ILE C 310 -27.83 -14.30 -27.82
CA ILE C 310 -29.16 -14.60 -28.38
C ILE C 310 -29.70 -15.87 -27.70
N GLY C 311 -28.83 -16.88 -27.51
CA GLY C 311 -29.22 -18.04 -26.73
C GLY C 311 -29.77 -17.67 -25.35
N GLN C 312 -29.03 -16.83 -24.62
CA GLN C 312 -29.42 -16.41 -23.27
C GLN C 312 -30.76 -15.65 -23.24
N GLU C 313 -30.95 -14.75 -24.19
CA GLU C 313 -32.15 -13.93 -24.22
C GLU C 313 -33.37 -14.73 -24.59
N THR C 314 -33.24 -15.62 -25.58
CA THR C 314 -34.41 -16.36 -26.07
C THR C 314 -34.73 -17.63 -25.31
N ALA C 315 -33.71 -18.35 -24.85
CA ALA C 315 -33.95 -19.63 -24.18
C ALA C 315 -33.34 -19.74 -22.78
N GLY C 316 -32.52 -18.77 -22.40
CA GLY C 316 -31.79 -18.85 -21.14
C GLY C 316 -30.65 -19.84 -21.18
N ALA C 317 -30.04 -19.99 -22.35
CA ALA C 317 -28.86 -20.87 -22.52
C ALA C 317 -27.81 -20.24 -23.46
N GLY C 318 -26.61 -20.00 -22.92
CA GLY C 318 -25.49 -19.42 -23.67
C GLY C 318 -24.70 -20.44 -24.48
N THR C 319 -25.35 -21.00 -25.50
CA THR C 319 -24.79 -22.11 -26.26
C THR C 319 -25.06 -21.83 -27.74
N TRP C 320 -24.25 -22.42 -28.61
CA TRP C 320 -24.51 -22.35 -30.06
C TRP C 320 -25.87 -22.91 -30.45
N ASP C 321 -26.23 -24.08 -29.90
CA ASP C 321 -27.46 -24.75 -30.29
C ASP C 321 -28.68 -23.86 -30.09
N ALA C 322 -28.77 -23.25 -28.91
CA ALA C 322 -29.90 -22.39 -28.53
C ALA C 322 -29.84 -21.03 -29.23
N GLY C 323 -28.66 -20.42 -29.27
CA GLY C 323 -28.46 -19.21 -30.05
C GLY C 323 -28.83 -19.34 -31.53
N LEU C 324 -28.41 -20.41 -32.17
CA LEU C 324 -28.67 -20.56 -33.62
C LEU C 324 -30.17 -20.78 -33.89
N VAL C 325 -30.85 -21.48 -32.97
CA VAL C 325 -32.31 -21.61 -33.07
C VAL C 325 -32.90 -20.22 -32.97
N GLY C 326 -32.46 -19.46 -31.96
CA GLY C 326 -32.92 -18.10 -31.75
C GLY C 326 -32.70 -17.23 -32.97
N VAL C 327 -31.53 -17.38 -33.62
CA VAL C 327 -31.26 -16.66 -34.88
C VAL C 327 -32.33 -16.98 -35.96
N GLU C 328 -32.54 -18.27 -36.22
CA GLU C 328 -33.53 -18.73 -37.21
C GLU C 328 -34.93 -18.22 -36.89
N GLU C 329 -35.32 -18.32 -35.61
CA GLU C 329 -36.65 -17.86 -35.18
C GLU C 329 -36.79 -16.36 -35.41
N ALA C 330 -35.77 -15.59 -35.02
CA ALA C 330 -35.77 -14.14 -35.25
C ALA C 330 -35.92 -13.79 -36.72
N LEU C 331 -35.21 -14.53 -37.58
CA LEU C 331 -35.25 -14.30 -39.01
C LEU C 331 -36.66 -14.50 -39.61
N SER C 332 -37.36 -15.58 -39.22
CA SER C 332 -38.75 -15.81 -39.62
C SER C 332 -39.68 -14.71 -39.12
N GLY C 333 -39.45 -14.29 -37.87
CA GLY C 333 -40.28 -13.26 -37.24
C GLY C 333 -40.16 -11.98 -38.04
N LEU C 334 -38.97 -11.78 -38.59
CA LEU C 334 -38.68 -10.66 -39.48
C LEU C 334 -39.37 -10.77 -40.86
N GLY C 335 -39.87 -11.96 -41.21
CA GLY C 335 -40.54 -12.19 -42.49
C GLY C 335 -39.69 -12.88 -43.55
N VAL C 336 -38.48 -13.33 -43.16
CA VAL C 336 -37.54 -14.02 -44.04
C VAL C 336 -37.86 -15.52 -44.07
N ASP C 337 -37.99 -16.07 -45.28
CA ASP C 337 -38.15 -17.50 -45.46
C ASP C 337 -36.78 -18.16 -45.27
N THR C 338 -36.65 -19.02 -44.26
CA THR C 338 -35.37 -19.60 -43.89
C THR C 338 -35.20 -21.05 -44.37
N ALA C 339 -36.03 -21.48 -45.32
CA ALA C 339 -36.03 -22.88 -45.75
C ALA C 339 -34.67 -23.39 -46.21
N GLY C 340 -33.99 -22.62 -47.06
CA GLY C 340 -32.66 -22.98 -47.60
C GLY C 340 -31.48 -22.61 -46.71
N LEU C 341 -31.76 -22.15 -45.49
CA LEU C 341 -30.71 -21.74 -44.55
C LEU C 341 -30.23 -22.91 -43.71
N VAL C 342 -28.91 -23.10 -43.64
CA VAL C 342 -28.35 -24.03 -42.68
C VAL C 342 -27.37 -23.26 -41.80
N LEU C 343 -27.67 -23.23 -40.50
CA LEU C 343 -26.92 -22.37 -39.58
C LEU C 343 -26.01 -23.17 -38.69
N ASN C 344 -24.69 -22.98 -38.82
CA ASN C 344 -23.74 -23.71 -37.98
C ASN C 344 -22.91 -22.83 -37.04
N ASP C 345 -22.83 -21.54 -37.36
CA ASP C 345 -22.23 -20.51 -36.50
C ASP C 345 -22.70 -19.11 -36.89
N GLY C 346 -22.24 -18.09 -36.19
CA GLY C 346 -22.65 -16.72 -36.48
C GLY C 346 -21.74 -15.99 -37.43
N SER C 347 -20.46 -16.36 -37.45
CA SER C 347 -19.41 -15.58 -38.14
C SER C 347 -19.23 -15.92 -39.60
N GLY C 348 -19.61 -17.15 -39.99
CA GLY C 348 -19.36 -17.66 -41.33
C GLY C 348 -18.06 -18.41 -41.50
N LEU C 349 -17.29 -18.59 -40.42
CA LEU C 349 -16.07 -19.41 -40.49
C LEU C 349 -16.37 -20.89 -40.78
N SER C 350 -17.45 -21.39 -40.22
CA SER C 350 -17.81 -22.80 -40.38
C SER C 350 -18.15 -23.16 -41.81
N ARG C 351 -17.56 -24.25 -42.29
CA ARG C 351 -17.91 -24.80 -43.59
C ARG C 351 -19.23 -25.58 -43.58
N GLY C 352 -19.90 -25.63 -42.44
CA GLY C 352 -21.25 -26.24 -42.32
C GLY C 352 -22.41 -25.26 -42.52
N ASN C 353 -22.11 -24.00 -42.85
CA ASN C 353 -23.16 -23.02 -43.15
C ASN C 353 -23.66 -23.11 -44.60
N LEU C 354 -24.97 -22.92 -44.82
CA LEU C 354 -25.52 -22.80 -46.17
C LEU C 354 -26.48 -21.65 -46.27
N VAL C 355 -26.37 -20.92 -47.37
CA VAL C 355 -27.36 -19.86 -47.67
C VAL C 355 -27.77 -20.01 -49.13
N THR C 356 -28.78 -19.25 -49.56
CA THR C 356 -29.03 -19.07 -50.99
C THR C 356 -29.04 -17.57 -51.26
N ALA C 357 -28.70 -17.19 -52.48
CA ALA C 357 -28.67 -15.77 -52.84
C ALA C 357 -30.07 -15.14 -52.74
N ASP C 358 -31.12 -15.92 -53.04
CA ASP C 358 -32.49 -15.45 -52.79
C ASP C 358 -32.73 -15.12 -51.31
N THR C 359 -32.24 -15.98 -50.41
CA THR C 359 -32.39 -15.79 -48.96
C THR C 359 -31.74 -14.51 -48.43
N VAL C 360 -30.53 -14.24 -48.90
CA VAL C 360 -29.78 -13.06 -48.50
C VAL C 360 -30.54 -11.81 -48.96
N VAL C 361 -31.01 -11.86 -50.20
CA VAL C 361 -31.74 -10.73 -50.77
C VAL C 361 -33.07 -10.50 -50.03
N ASP C 362 -33.72 -11.59 -49.62
CA ASP C 362 -34.96 -11.52 -48.82
C ASP C 362 -34.63 -10.78 -47.53
N LEU C 363 -33.54 -11.20 -46.86
CA LEU C 363 -33.10 -10.52 -45.64
C LEU C 363 -32.83 -9.04 -45.86
N LEU C 364 -32.17 -8.71 -46.97
CA LEU C 364 -31.78 -7.33 -47.26
C LEU C 364 -33.01 -6.43 -47.40
N GLY C 365 -34.09 -7.01 -47.92
CA GLY C 365 -35.37 -6.31 -48.06
C GLY C 365 -36.08 -6.09 -46.73
N GLN C 366 -36.15 -7.14 -45.92
CA GLN C 366 -36.81 -7.06 -44.64
C GLN C 366 -36.03 -6.18 -43.68
N ALA C 367 -34.69 -6.28 -43.73
CA ALA C 367 -33.85 -5.49 -42.85
C ALA C 367 -34.02 -4.02 -43.13
N GLY C 368 -34.13 -3.70 -44.42
CA GLY C 368 -34.20 -2.31 -44.89
C GLY C 368 -35.50 -1.59 -44.58
N SER C 369 -36.42 -2.26 -43.89
CA SER C 369 -37.69 -1.64 -43.52
C SER C 369 -38.04 -1.90 -42.05
N ALA C 370 -37.20 -2.68 -41.38
CA ALA C 370 -37.29 -2.88 -39.94
C ALA C 370 -36.94 -1.55 -39.23
N PRO C 371 -37.40 -1.36 -37.97
CA PRO C 371 -37.16 -0.06 -37.33
C PRO C 371 -35.68 0.27 -37.12
N TRP C 372 -34.84 -0.76 -37.03
CA TRP C 372 -33.41 -0.58 -36.84
C TRP C 372 -32.61 -0.50 -38.18
N ALA C 373 -33.32 -0.33 -39.30
CA ALA C 373 -32.70 -0.30 -40.64
C ALA C 373 -31.46 0.58 -40.75
N GLN C 374 -31.52 1.75 -40.13
CA GLN C 374 -30.48 2.74 -40.21
C GLN C 374 -29.18 2.30 -39.52
N THR C 375 -29.28 1.73 -38.33
CA THR C 375 -28.08 1.28 -37.63
C THR C 375 -27.44 0.10 -38.37
N TRP C 376 -28.30 -0.73 -38.96
CA TRP C 376 -27.92 -1.86 -39.80
C TRP C 376 -27.08 -1.43 -41.00
N SER C 377 -27.65 -0.52 -41.80
CA SER C 377 -27.00 -0.02 -43.02
C SER C 377 -25.66 0.68 -42.76
N ALA C 378 -25.62 1.47 -41.68
CA ALA C 378 -24.42 2.21 -41.32
C ALA C 378 -23.24 1.30 -40.91
N SER C 379 -23.56 0.07 -40.51
CA SER C 379 -22.53 -0.84 -40.02
C SER C 379 -21.80 -1.46 -41.19
N LEU C 380 -22.42 -1.42 -42.37
CA LEU C 380 -21.88 -2.08 -43.55
C LEU C 380 -20.69 -1.35 -44.17
N PRO C 381 -19.67 -2.10 -44.64
CA PRO C 381 -18.57 -1.41 -45.34
C PRO C 381 -19.11 -0.56 -46.51
N VAL C 382 -18.52 0.63 -46.73
CA VAL C 382 -18.88 1.50 -47.85
C VAL C 382 -17.78 1.46 -48.91
N ALA C 383 -18.15 1.02 -50.09
CA ALA C 383 -17.20 0.82 -51.17
C ALA C 383 -16.25 1.99 -51.38
N GLY C 384 -14.95 1.69 -51.41
CA GLY C 384 -13.95 2.63 -51.87
C GLY C 384 -13.60 3.73 -50.88
N GLU C 385 -14.10 3.66 -49.65
CA GLU C 385 -13.79 4.71 -48.66
C GLU C 385 -12.52 4.37 -47.90
N SER C 386 -11.57 5.29 -47.87
CA SER C 386 -10.23 5.01 -47.39
C SER C 386 -10.12 4.95 -45.85
N ASP C 387 -10.94 5.75 -45.16
CA ASP C 387 -11.08 5.66 -43.70
C ASP C 387 -11.56 4.25 -43.32
N PRO C 388 -10.74 3.51 -42.55
CA PRO C 388 -11.06 2.11 -42.22
C PRO C 388 -12.44 1.89 -41.56
N PHE C 389 -12.82 2.78 -40.64
CA PHE C 389 -14.11 2.70 -39.97
C PHE C 389 -15.33 3.05 -40.88
N VAL C 390 -15.06 3.49 -42.11
CA VAL C 390 -16.13 3.75 -43.06
C VAL C 390 -16.08 2.68 -44.17
N GLY C 391 -14.90 2.54 -44.80
CA GLY C 391 -14.71 1.55 -45.86
C GLY C 391 -14.59 0.11 -45.38
N GLY C 392 -14.04 -0.10 -44.18
CA GLY C 392 -13.88 -1.47 -43.68
C GLY C 392 -13.20 -2.37 -44.70
N THR C 393 -13.72 -3.58 -44.91
CA THR C 393 -13.11 -4.50 -45.87
C THR C 393 -13.33 -4.13 -47.35
N LEU C 394 -14.06 -3.05 -47.61
CA LEU C 394 -14.20 -2.57 -48.97
C LEU C 394 -13.36 -1.32 -49.21
N ALA C 395 -12.53 -0.93 -48.24
CA ALA C 395 -11.77 0.32 -48.33
C ALA C 395 -10.93 0.45 -49.60
N ASN C 396 -10.36 -0.65 -50.09
CA ASN C 396 -9.47 -0.60 -51.26
C ASN C 396 -10.13 -1.04 -52.57
N ARG C 397 -11.43 -1.29 -52.53
CA ARG C 397 -12.12 -1.80 -53.71
C ARG C 397 -13.05 -0.73 -54.29
N MET C 398 -13.15 -0.73 -55.62
CA MET C 398 -14.06 0.17 -56.32
C MET C 398 -13.77 1.67 -56.22
N ARG C 399 -12.55 2.06 -55.88
CA ARG C 399 -12.22 3.49 -55.92
C ARG C 399 -12.21 4.00 -57.37
N GLY C 400 -12.69 5.22 -57.57
CA GLY C 400 -12.82 5.84 -58.91
C GLY C 400 -13.87 5.20 -59.81
N THR C 401 -14.85 4.53 -59.21
CA THR C 401 -15.97 3.92 -59.95
C THR C 401 -17.27 4.51 -59.43
N ALA C 402 -18.37 4.23 -60.13
CA ALA C 402 -19.69 4.69 -59.74
C ALA C 402 -20.08 4.21 -58.33
N ALA C 403 -19.54 3.07 -57.89
CA ALA C 403 -19.84 2.48 -56.57
C ALA C 403 -19.14 3.21 -55.39
N GLU C 404 -18.06 3.95 -55.68
CA GLU C 404 -17.35 4.64 -54.60
C GLU C 404 -18.27 5.55 -53.77
N GLY C 405 -18.30 5.33 -52.46
CA GLY C 405 -19.16 6.10 -51.55
C GLY C 405 -20.65 5.79 -51.63
N VAL C 406 -21.01 4.83 -52.49
CA VAL C 406 -22.42 4.49 -52.78
C VAL C 406 -22.80 3.08 -52.25
N VAL C 407 -22.09 2.07 -52.73
CA VAL C 407 -22.42 0.69 -52.44
C VAL C 407 -22.08 0.42 -50.99
N GLU C 408 -23.03 -0.21 -50.25
CA GLU C 408 -22.84 -0.63 -48.85
C GLU C 408 -23.02 -2.14 -48.82
N ALA C 409 -21.96 -2.89 -48.47
CA ALA C 409 -22.06 -4.35 -48.63
C ALA C 409 -21.11 -5.17 -47.78
N LYS C 410 -21.56 -6.39 -47.46
CA LYS C 410 -20.79 -7.31 -46.62
C LYS C 410 -19.94 -8.22 -47.50
N THR C 411 -18.69 -8.39 -47.11
CA THR C 411 -17.73 -9.20 -47.83
C THR C 411 -17.63 -10.56 -47.13
N GLY C 412 -16.77 -11.44 -47.67
CA GLY C 412 -16.43 -12.71 -47.04
C GLY C 412 -15.63 -13.53 -48.04
N THR C 413 -14.50 -14.05 -47.59
CA THR C 413 -13.68 -14.93 -48.41
C THR C 413 -12.99 -16.00 -47.55
N MET C 414 -13.08 -17.27 -48.02
CA MET C 414 -12.24 -18.39 -47.57
C MET C 414 -11.85 -19.13 -48.85
N SER C 415 -11.07 -20.20 -48.73
CA SER C 415 -10.65 -20.93 -49.94
C SER C 415 -11.87 -21.55 -50.65
N GLY C 416 -12.06 -21.22 -51.93
CA GLY C 416 -13.18 -21.74 -52.70
C GLY C 416 -14.53 -21.08 -52.44
N VAL C 417 -14.56 -20.01 -51.64
CA VAL C 417 -15.81 -19.33 -51.23
C VAL C 417 -15.59 -17.83 -51.23
N SER C 418 -16.47 -17.06 -51.88
CA SER C 418 -16.37 -15.62 -51.77
C SER C 418 -17.73 -15.00 -52.00
N ALA C 419 -18.02 -13.91 -51.29
CA ALA C 419 -19.34 -13.30 -51.40
C ALA C 419 -19.32 -11.77 -51.28
N LEU C 420 -20.31 -11.14 -51.91
CA LEU C 420 -20.56 -9.71 -51.73
C LEU C 420 -22.05 -9.42 -51.86
N SER C 421 -22.63 -8.97 -50.76
CA SER C 421 -24.07 -8.69 -50.72
C SER C 421 -24.37 -7.39 -49.99
N GLY C 422 -25.32 -6.62 -50.51
CA GLY C 422 -25.69 -5.34 -49.92
C GLY C 422 -26.68 -4.50 -50.73
N TYR C 423 -26.49 -3.17 -50.68
CA TYR C 423 -27.44 -2.20 -51.23
C TYR C 423 -26.79 -1.25 -52.19
N VAL C 424 -27.56 -0.83 -53.19
CA VAL C 424 -27.12 0.24 -54.08
C VAL C 424 -28.16 1.33 -54.02
N PRO C 425 -27.97 2.31 -53.11
CA PRO C 425 -28.87 3.47 -53.04
C PRO C 425 -28.83 4.30 -54.30
N GLY C 426 -29.93 4.95 -54.62
CA GLY C 426 -30.00 5.84 -55.77
C GLY C 426 -31.26 6.66 -55.76
N PRO C 427 -31.28 7.74 -56.56
CA PRO C 427 -32.43 8.66 -56.68
C PRO C 427 -33.72 7.92 -56.99
N GLU C 428 -33.58 6.90 -57.85
CA GLU C 428 -34.67 6.15 -58.48
C GLU C 428 -35.29 5.10 -57.53
N GLY C 429 -34.41 4.36 -56.86
CA GLY C 429 -34.79 3.27 -55.94
C GLY C 429 -33.59 2.45 -55.49
N GLU C 430 -33.56 2.14 -54.18
CA GLU C 430 -32.50 1.34 -53.57
C GLU C 430 -32.47 -0.11 -54.08
N LEU C 431 -31.38 -0.50 -54.73
CA LEU C 431 -31.23 -1.89 -55.13
C LEU C 431 -30.67 -2.70 -53.98
N ALA C 432 -31.14 -3.94 -53.84
CA ALA C 432 -30.47 -4.91 -52.97
C ALA C 432 -29.92 -6.04 -53.84
N PHE C 433 -28.73 -6.53 -53.49
CA PHE C 433 -28.05 -7.56 -54.29
C PHE C 433 -27.30 -8.59 -53.43
N SER C 434 -27.15 -9.80 -53.97
CA SER C 434 -26.32 -10.83 -53.34
C SER C 434 -25.54 -11.59 -54.39
N ILE C 435 -24.23 -11.68 -54.17
CA ILE C 435 -23.35 -12.43 -55.07
C ILE C 435 -22.61 -13.44 -54.22
N VAL C 436 -22.81 -14.72 -54.50
CA VAL C 436 -22.18 -15.80 -53.71
C VAL C 436 -21.48 -16.74 -54.67
N ASN C 437 -20.14 -16.76 -54.62
CA ASN C 437 -19.30 -17.58 -55.47
C ASN C 437 -18.75 -18.77 -54.68
N ASN C 438 -18.93 -19.99 -55.20
CA ASN C 438 -18.38 -21.22 -54.59
C ASN C 438 -17.64 -22.05 -55.66
N GLY C 439 -16.53 -22.68 -55.27
CA GLY C 439 -15.90 -23.74 -56.08
C GLY C 439 -15.02 -23.24 -57.22
N HIS C 440 -14.83 -21.93 -57.30
CA HIS C 440 -13.79 -21.38 -58.18
C HIS C 440 -12.46 -21.90 -57.67
N SER C 441 -11.46 -22.03 -58.55
CA SER C 441 -10.21 -22.72 -58.17
C SER C 441 -9.06 -21.81 -57.75
N GLY C 442 -9.14 -20.52 -58.07
CA GLY C 442 -8.03 -19.62 -57.75
C GLY C 442 -8.34 -18.68 -56.58
N PRO C 443 -7.73 -17.48 -56.59
CA PRO C 443 -8.01 -16.46 -55.59
C PRO C 443 -9.45 -16.00 -55.72
N ALA C 444 -9.99 -15.43 -54.64
CA ALA C 444 -11.37 -14.96 -54.63
C ALA C 444 -11.64 -14.08 -55.87
N PRO C 445 -12.82 -14.23 -56.47
CA PRO C 445 -13.18 -13.39 -57.64
C PRO C 445 -13.66 -11.99 -57.29
N LEU C 446 -12.81 -11.21 -56.61
CA LEU C 446 -13.21 -9.92 -56.06
C LEU C 446 -13.50 -8.91 -57.15
N ALA C 447 -12.66 -8.90 -58.20
CA ALA C 447 -12.85 -8.01 -59.36
C ALA C 447 -14.20 -8.21 -60.06
N VAL C 448 -14.63 -9.47 -60.15
CA VAL C 448 -15.93 -9.84 -60.72
C VAL C 448 -17.05 -9.26 -59.83
N GLN C 449 -16.95 -9.49 -58.52
CA GLN C 449 -17.93 -8.92 -57.60
C GLN C 449 -18.00 -7.41 -57.74
N ASP C 450 -16.85 -6.76 -57.82
CA ASP C 450 -16.75 -5.32 -57.98
C ASP C 450 -17.43 -4.86 -59.25
N ALA C 451 -17.20 -5.57 -60.35
CA ALA C 451 -17.68 -5.13 -61.64
C ALA C 451 -19.21 -5.19 -61.63
N ILE C 452 -19.79 -6.24 -61.06
CA ILE C 452 -21.25 -6.27 -60.92
C ILE C 452 -21.74 -5.09 -60.05
N ALA C 453 -21.15 -4.93 -58.86
CA ALA C 453 -21.53 -3.83 -57.99
C ALA C 453 -21.44 -2.47 -58.72
N VAL C 454 -20.42 -2.31 -59.56
CA VAL C 454 -20.22 -1.04 -60.30
C VAL C 454 -21.30 -0.87 -61.34
N ARG C 455 -21.60 -1.96 -62.03
CA ARG C 455 -22.68 -1.95 -63.01
C ARG C 455 -24.04 -1.58 -62.38
N LEU C 456 -24.32 -2.11 -61.19
CA LEU C 456 -25.54 -1.75 -60.45
C LEU C 456 -25.59 -0.28 -60.04
N ALA C 457 -24.45 0.25 -59.62
CA ALA C 457 -24.31 1.64 -59.22
C ALA C 457 -24.65 2.55 -60.39
N GLU C 458 -24.17 2.17 -61.57
CA GLU C 458 -24.46 2.87 -62.83
C GLU C 458 -25.95 2.83 -63.12
N TYR C 459 -26.53 1.64 -63.10
CA TYR C 459 -27.94 1.44 -63.30
C TYR C 459 -28.77 2.34 -62.37
N ALA C 460 -28.36 2.41 -61.10
CA ALA C 460 -29.06 3.22 -60.09
C ALA C 460 -28.98 4.73 -60.36
N GLY C 461 -28.09 5.12 -61.29
CA GLY C 461 -27.96 6.52 -61.70
C GLY C 461 -26.73 7.26 -61.21
N HIS C 462 -25.74 6.53 -60.72
CA HIS C 462 -24.48 7.14 -60.29
C HIS C 462 -23.43 7.13 -61.39
N GLN C 463 -22.48 8.07 -61.29
CA GLN C 463 -21.23 8.06 -62.08
C GLN C 463 -20.01 8.23 -61.17
N ALA C 464 -18.82 7.86 -61.67
CA ALA C 464 -17.60 7.93 -60.88
C ALA C 464 -17.29 9.36 -60.41
N PRO C 465 -16.93 9.52 -59.12
CA PRO C 465 -16.39 10.81 -58.64
C PRO C 465 -15.16 11.22 -59.46
N GLU C 466 -14.96 12.40 -59.78
N ARG D 1 21.94 22.80 -14.60
CA ARG D 1 20.73 23.46 -15.18
C ARG D 1 19.52 23.39 -14.23
N LEU D 2 19.70 22.76 -13.08
CA LEU D 2 18.68 22.70 -12.01
C LEU D 2 18.10 24.11 -11.69
N THR D 3 18.98 25.08 -11.45
CA THR D 3 18.62 26.46 -11.10
C THR D 3 19.04 27.52 -12.13
N GLU D 4 19.79 27.09 -13.15
CA GLU D 4 20.08 27.93 -14.32
C GLU D 4 18.79 28.25 -15.08
N LEU D 5 17.84 27.30 -15.08
CA LEU D 5 16.54 27.49 -15.72
C LEU D 5 15.78 28.63 -15.07
N ARG D 6 15.70 28.61 -13.74
CA ARG D 6 15.03 29.65 -12.97
C ARG D 6 15.58 31.04 -13.32
N GLU D 7 16.90 31.16 -13.41
CA GLU D 7 17.54 32.44 -13.75
C GLU D 7 17.25 32.87 -15.20
N ASP D 8 17.38 31.92 -16.12
CA ASP D 8 17.16 32.16 -17.54
C ASP D 8 15.76 32.68 -17.78
N ILE D 9 14.77 32.05 -17.14
CA ILE D 9 13.37 32.50 -17.21
C ILE D 9 13.18 33.84 -16.48
N ASP D 10 13.75 33.96 -15.28
CA ASP D 10 13.72 35.22 -14.50
C ASP D 10 14.11 36.37 -15.41
N ALA D 11 15.19 36.17 -16.18
CA ALA D 11 15.73 37.18 -17.08
C ALA D 11 14.88 37.41 -18.33
N ILE D 12 14.28 36.35 -18.89
CA ILE D 12 13.39 36.50 -20.05
C ILE D 12 12.22 37.42 -19.70
N LEU D 13 11.70 37.27 -18.49
CA LEU D 13 10.57 38.06 -18.03
C LEU D 13 10.94 39.51 -17.69
N GLU D 14 12.20 39.88 -17.87
CA GLU D 14 12.67 41.23 -17.59
C GLU D 14 12.67 42.07 -18.86
N ASP D 15 12.22 41.46 -19.95
CA ASP D 15 12.07 42.10 -21.26
C ASP D 15 11.19 43.36 -21.22
N PRO D 16 11.59 44.41 -21.96
CA PRO D 16 10.80 45.63 -22.17
C PRO D 16 9.36 45.42 -22.62
N ALA D 17 9.11 44.42 -23.46
CA ALA D 17 7.74 44.16 -23.95
C ALA D 17 6.73 43.89 -22.81
N LEU D 18 7.22 43.47 -21.64
CA LEU D 18 6.37 43.16 -20.49
C LEU D 18 6.27 44.28 -19.46
N GLU D 19 6.66 45.49 -19.84
CA GLU D 19 6.57 46.65 -18.94
C GLU D 19 5.13 46.97 -18.51
N GLY D 20 4.89 46.91 -17.20
CA GLY D 20 3.56 47.17 -16.68
C GLY D 20 2.64 45.96 -16.70
N ALA D 21 3.12 44.87 -17.27
CA ALA D 21 2.33 43.64 -17.39
C ALA D 21 2.44 42.81 -16.12
N VAL D 22 1.39 42.06 -15.83
CA VAL D 22 1.45 40.99 -14.85
C VAL D 22 1.52 39.69 -15.64
N SER D 23 2.47 38.83 -15.30
CA SER D 23 2.63 37.56 -15.99
C SER D 23 2.64 36.40 -14.99
N GLY D 24 1.61 35.55 -15.09
CA GLY D 24 1.58 34.31 -14.35
C GLY D 24 2.34 33.30 -15.18
N VAL D 25 3.38 32.71 -14.60
CA VAL D 25 4.15 31.68 -15.28
C VAL D 25 4.42 30.49 -14.34
N VAL D 26 3.97 29.31 -14.75
CA VAL D 26 4.14 28.08 -13.95
C VAL D 26 4.66 26.94 -14.85
N VAL D 27 5.64 26.20 -14.34
CA VAL D 27 6.16 25.02 -15.02
C VAL D 27 6.26 23.86 -14.02
N VAL D 28 5.64 22.74 -14.35
CA VAL D 28 5.60 21.58 -13.47
C VAL D 28 6.12 20.37 -14.20
N ASP D 29 6.85 19.51 -13.48
CA ASP D 29 7.23 18.22 -14.01
C ASP D 29 6.12 17.27 -13.65
N THR D 30 5.43 16.78 -14.67
CA THR D 30 4.24 15.99 -14.45
C THR D 30 4.53 14.54 -14.00
N ALA D 31 5.73 14.04 -14.33
CA ALA D 31 6.16 12.72 -13.87
C ALA D 31 6.33 12.70 -12.35
N THR D 32 6.93 13.76 -11.80
CA THR D 32 7.21 13.85 -10.37
C THR D 32 6.16 14.66 -9.59
N GLY D 33 5.54 15.64 -10.25
CA GLY D 33 4.66 16.59 -9.57
C GLY D 33 5.40 17.84 -9.11
N GLU D 34 6.73 17.81 -9.19
CA GLU D 34 7.56 18.92 -8.76
C GLU D 34 7.32 20.19 -9.58
N GLU D 35 7.23 21.31 -8.86
CA GLU D 35 7.06 22.64 -9.42
C GLU D 35 8.41 23.23 -9.77
N LEU D 36 8.72 23.34 -11.06
CA LEU D 36 10.02 23.82 -11.53
C LEU D 36 10.18 25.34 -11.57
N TYR D 37 9.08 26.04 -11.83
CA TYR D 37 9.09 27.50 -11.84
C TYR D 37 7.71 28.01 -11.48
N SER D 38 7.65 29.07 -10.68
CA SER D 38 6.40 29.71 -10.35
C SER D 38 6.54 31.20 -10.09
N ARG D 39 5.83 31.99 -10.88
CA ARG D 39 5.67 33.40 -10.62
C ARG D 39 4.22 33.78 -10.81
N ASP D 40 3.68 34.48 -9.83
CA ASP D 40 2.29 34.95 -9.85
C ASP D 40 1.31 33.89 -10.33
N GLY D 41 1.51 32.67 -9.82
CA GLY D 41 0.71 31.51 -10.20
C GLY D 41 -0.74 31.58 -9.78
N GLY D 42 -1.02 32.39 -8.76
CA GLY D 42 -2.36 32.51 -8.20
C GLY D 42 -3.08 33.79 -8.56
N GLU D 43 -2.44 34.62 -9.39
CA GLU D 43 -3.05 35.86 -9.90
C GLU D 43 -4.13 35.56 -10.95
N GLN D 44 -5.34 36.09 -10.74
CA GLN D 44 -6.41 35.90 -11.72
C GLN D 44 -6.17 36.78 -12.94
N LEU D 45 -6.20 36.18 -14.13
CA LEU D 45 -5.84 36.90 -15.34
C LEU D 45 -6.78 36.50 -16.44
N LEU D 46 -7.05 37.40 -17.38
CA LEU D 46 -7.76 37.05 -18.60
C LEU D 46 -6.95 36.01 -19.39
N PRO D 47 -7.56 34.88 -19.77
CA PRO D 47 -6.92 33.83 -20.56
C PRO D 47 -7.00 33.94 -22.09
N ALA D 48 -7.83 34.83 -22.66
CA ALA D 48 -8.17 34.75 -24.11
C ALA D 48 -8.46 33.29 -24.53
N SER D 49 -7.98 32.83 -25.68
CA SER D 49 -8.32 31.47 -26.17
C SER D 49 -7.80 30.29 -25.38
N ASN D 50 -6.97 30.55 -24.36
CA ASN D 50 -6.62 29.47 -23.43
C ASN D 50 -7.81 28.95 -22.62
N MET D 51 -8.90 29.74 -22.57
CA MET D 51 -10.20 29.28 -22.04
C MET D 51 -10.66 27.96 -22.71
N LYS D 52 -10.34 27.79 -24.00
CA LYS D 52 -10.77 26.56 -24.71
C LYS D 52 -10.20 25.26 -24.11
N LEU D 53 -9.08 25.34 -23.37
CA LEU D 53 -8.54 24.14 -22.70
C LEU D 53 -9.53 23.55 -21.69
N PHE D 54 -10.16 24.44 -20.91
CA PHE D 54 -11.23 24.08 -20.01
C PHE D 54 -12.47 23.57 -20.74
N THR D 55 -12.83 24.22 -21.83
CA THR D 55 -13.99 23.82 -22.59
C THR D 55 -13.84 22.45 -23.17
N ALA D 56 -12.67 22.21 -23.78
CA ALA D 56 -12.36 20.94 -24.43
C ALA D 56 -12.29 19.77 -23.48
N ALA D 57 -11.65 19.98 -22.32
CA ALA D 57 -11.61 18.95 -21.28
C ALA D 57 -13.01 18.67 -20.75
N ALA D 58 -13.80 19.72 -20.51
CA ALA D 58 -15.14 19.52 -19.99
C ALA D 58 -15.98 18.77 -21.02
N ALA D 59 -15.78 19.07 -22.29
CA ALA D 59 -16.54 18.39 -23.37
C ALA D 59 -16.17 16.92 -23.46
N LEU D 60 -14.89 16.61 -23.32
CA LEU D 60 -14.50 15.21 -23.29
C LEU D 60 -15.09 14.45 -22.10
N GLU D 61 -15.18 15.11 -20.94
CA GLU D 61 -15.71 14.47 -19.72
C GLU D 61 -17.21 14.23 -19.85
N VAL D 62 -17.92 15.25 -20.37
CA VAL D 62 -19.36 15.26 -20.33
C VAL D 62 -19.93 14.48 -21.51
N LEU D 63 -19.49 14.83 -22.70
CA LEU D 63 -20.00 14.26 -23.92
C LEU D 63 -19.31 12.96 -24.31
N GLY D 64 -17.99 12.87 -24.10
CA GLY D 64 -17.19 11.71 -24.47
C GLY D 64 -16.49 11.83 -25.81
N ALA D 65 -15.34 11.18 -25.95
CA ALA D 65 -14.57 11.25 -27.20
C ALA D 65 -15.31 10.68 -28.43
N ASP D 66 -16.28 9.79 -28.19
CA ASP D 66 -16.99 9.20 -29.33
C ASP D 66 -18.34 9.82 -29.57
N HIS D 67 -18.61 10.93 -28.88
CA HIS D 67 -19.88 11.64 -29.06
C HIS D 67 -19.98 12.18 -30.49
N SER D 68 -21.12 11.98 -31.13
CA SER D 68 -21.37 12.58 -32.45
C SER D 68 -22.65 13.41 -32.46
N PHE D 69 -22.79 14.27 -33.47
CA PHE D 69 -23.90 15.21 -33.49
C PHE D 69 -24.82 14.95 -34.68
N GLY D 70 -26.12 15.05 -34.46
CA GLY D 70 -27.11 14.75 -35.51
C GLY D 70 -27.82 15.97 -36.09
N THR D 71 -28.25 15.83 -37.34
CA THR D 71 -29.06 16.78 -38.06
C THR D 71 -30.11 15.92 -38.80
N GLU D 72 -31.38 16.33 -38.78
CA GLU D 72 -32.43 15.53 -39.43
C GLU D 72 -33.32 16.39 -40.27
N VAL D 73 -34.14 15.71 -41.05
CA VAL D 73 -35.19 16.34 -41.84
C VAL D 73 -36.50 15.59 -41.54
N ALA D 74 -37.52 16.35 -41.19
CA ALA D 74 -38.78 15.79 -40.68
C ALA D 74 -40.00 16.37 -41.38
N ALA D 75 -40.98 15.51 -41.64
CA ALA D 75 -42.35 15.95 -42.02
C ALA D 75 -43.38 15.31 -41.11
N GLU D 76 -44.59 15.88 -41.07
CA GLU D 76 -45.66 15.38 -40.20
C GLU D 76 -45.92 13.89 -40.39
N SER D 77 -45.87 13.43 -41.65
CA SER D 77 -45.96 12.01 -41.95
C SER D 77 -45.34 11.68 -43.33
N ALA D 78 -45.05 10.39 -43.59
CA ALA D 78 -44.52 9.94 -44.89
C ALA D 78 -45.33 10.48 -46.06
N PRO D 79 -44.67 10.80 -47.20
CA PRO D 79 -45.48 11.23 -48.35
C PRO D 79 -46.29 10.05 -48.92
N GLY D 80 -47.40 10.34 -49.60
CA GLY D 80 -48.14 9.32 -50.37
C GLY D 80 -47.48 9.04 -51.71
N ARG D 81 -48.15 8.27 -52.56
CA ARG D 81 -47.62 7.90 -53.90
C ARG D 81 -47.40 9.09 -54.85
N ARG D 82 -48.19 10.17 -54.72
CA ARG D 82 -47.98 11.40 -55.52
C ARG D 82 -46.72 12.23 -55.08
N GLY D 83 -46.09 11.80 -53.98
CA GLY D 83 -44.83 12.38 -53.51
C GLY D 83 -44.93 13.76 -52.90
N GLU D 84 -46.00 14.04 -52.16
CA GLU D 84 -46.21 15.37 -51.59
C GLU D 84 -46.10 15.39 -50.08
N VAL D 85 -45.53 16.48 -49.55
CA VAL D 85 -45.62 16.83 -48.14
C VAL D 85 -46.07 18.28 -48.02
N GLN D 86 -46.55 18.64 -46.83
CA GLN D 86 -46.92 20.02 -46.59
C GLN D 86 -45.68 20.83 -46.22
N ASP D 87 -45.40 20.95 -44.92
CA ASP D 87 -44.23 21.66 -44.42
C ASP D 87 -43.05 20.68 -44.22
N LEU D 88 -41.83 21.22 -44.22
CA LEU D 88 -40.63 20.44 -43.99
C LEU D 88 -39.70 21.16 -43.04
N TYR D 89 -39.11 20.38 -42.13
CA TYR D 89 -38.24 20.90 -41.09
C TYR D 89 -36.85 20.37 -41.26
N LEU D 90 -35.87 21.29 -41.34
CA LEU D 90 -34.48 20.97 -41.23
C LEU D 90 -34.08 21.19 -39.77
N VAL D 91 -33.73 20.13 -39.06
CA VAL D 91 -33.57 20.17 -37.62
C VAL D 91 -32.11 19.97 -37.25
N GLY D 92 -31.46 21.02 -36.75
CA GLY D 92 -30.06 20.90 -36.29
C GLY D 92 -29.96 20.61 -34.80
N ARG D 93 -29.13 19.64 -34.43
CA ARG D 93 -28.86 19.34 -33.03
C ARG D 93 -27.36 19.53 -32.67
N GLY D 94 -26.76 20.62 -33.16
CA GLY D 94 -25.47 21.08 -32.65
C GLY D 94 -24.23 20.60 -33.39
N ASP D 95 -24.37 20.14 -34.63
CA ASP D 95 -23.18 19.67 -35.37
C ASP D 95 -22.37 20.93 -35.79
N PRO D 96 -21.15 21.07 -35.27
CA PRO D 96 -20.30 22.22 -35.62
C PRO D 96 -19.51 22.03 -36.90
N THR D 97 -19.78 20.92 -37.61
CA THR D 97 -19.05 20.57 -38.83
C THR D 97 -20.01 20.19 -39.97
N LEU D 98 -21.22 20.73 -39.94
CA LEU D 98 -22.18 20.40 -40.96
C LEU D 98 -21.91 21.26 -42.21
N SER D 99 -21.64 20.61 -43.36
CA SER D 99 -21.22 21.28 -44.57
C SER D 99 -22.32 21.35 -45.60
N ALA D 100 -22.12 22.18 -46.61
CA ALA D 100 -23.05 22.28 -47.74
C ALA D 100 -23.18 20.93 -48.48
N GLU D 101 -22.12 20.15 -48.49
CA GLU D 101 -22.17 18.84 -49.12
C GLU D 101 -23.10 17.90 -48.30
N ASP D 102 -23.01 17.98 -46.96
CA ASP D 102 -23.89 17.21 -46.08
C ASP D 102 -25.36 17.54 -46.31
N LEU D 103 -25.64 18.82 -46.62
CA LEU D 103 -27.00 19.26 -46.96
C LEU D 103 -27.48 18.62 -48.24
N ASP D 104 -26.58 18.53 -49.21
CA ASP D 104 -26.91 17.97 -50.51
C ASP D 104 -27.25 16.48 -50.34
N ALA D 105 -26.45 15.78 -49.55
CA ALA D 105 -26.65 14.39 -49.27
C ALA D 105 -28.01 14.16 -48.60
N MET D 106 -28.35 15.02 -47.65
CA MET D 106 -29.65 14.92 -46.97
C MET D 106 -30.79 15.19 -47.93
N ALA D 107 -30.62 16.20 -48.80
CA ALA D 107 -31.60 16.48 -49.85
C ALA D 107 -31.82 15.24 -50.75
N ALA D 108 -30.75 14.49 -51.04
CA ALA D 108 -30.88 13.27 -51.83
C ALA D 108 -31.67 12.19 -51.10
N GLU D 109 -31.47 12.07 -49.78
CA GLU D 109 -32.28 11.15 -48.99
C GLU D 109 -33.77 11.54 -49.01
N VAL D 110 -34.04 12.84 -48.92
CA VAL D 110 -35.41 13.36 -49.03
C VAL D 110 -36.07 12.90 -50.35
N ALA D 111 -35.37 13.06 -51.47
CA ALA D 111 -35.85 12.58 -52.77
C ALA D 111 -36.03 11.05 -52.76
N ALA D 112 -35.03 10.33 -52.25
CA ALA D 112 -35.06 8.86 -52.18
C ALA D 112 -36.17 8.28 -51.32
N SER D 113 -36.59 8.98 -50.28
CA SER D 113 -37.69 8.51 -49.43
C SER D 113 -39.08 8.87 -50.02
N GLY D 114 -39.09 9.40 -51.24
CA GLY D 114 -40.33 9.51 -52.02
C GLY D 114 -40.90 10.90 -52.18
N VAL D 115 -40.20 11.91 -51.68
CA VAL D 115 -40.70 13.28 -51.72
C VAL D 115 -40.30 13.97 -53.02
N ARG D 116 -41.26 14.56 -53.72
CA ARG D 116 -40.86 15.42 -54.82
C ARG D 116 -41.41 16.85 -54.79
N THR D 117 -42.40 17.11 -53.95
CA THR D 117 -42.93 18.44 -53.77
C THR D 117 -43.15 18.78 -52.29
N VAL D 118 -42.63 19.93 -51.89
CA VAL D 118 -42.93 20.49 -50.59
C VAL D 118 -43.97 21.59 -50.86
N ARG D 119 -45.24 21.30 -50.55
CA ARG D 119 -46.35 22.21 -50.84
C ARG D 119 -46.32 23.45 -49.95
N GLY D 120 -45.86 23.26 -48.72
CA GLY D 120 -45.88 24.34 -47.76
C GLY D 120 -44.51 24.92 -47.60
N ASP D 121 -44.17 25.30 -46.37
CA ASP D 121 -42.91 25.98 -46.07
C ASP D 121 -41.76 25.04 -45.66
N LEU D 122 -40.53 25.49 -45.88
CA LEU D 122 -39.36 24.83 -45.34
C LEU D 122 -38.87 25.65 -44.13
N TYR D 123 -38.77 24.97 -43.00
CA TYR D 123 -38.40 25.62 -41.74
C TYR D 123 -37.03 25.14 -41.27
N ALA D 124 -36.24 26.09 -40.75
CA ALA D 124 -34.95 25.80 -40.16
C ALA D 124 -35.12 25.78 -38.64
N ASP D 125 -34.92 24.62 -38.05
CA ASP D 125 -35.21 24.45 -36.64
C ASP D 125 -33.87 24.33 -35.89
N ASP D 126 -33.55 25.35 -35.06
CA ASP D 126 -32.33 25.33 -34.22
C ASP D 126 -32.66 25.38 -32.73
N THR D 127 -33.88 24.94 -32.38
CA THR D 127 -34.42 25.12 -31.04
C THR D 127 -33.75 24.20 -30.02
N TRP D 128 -32.88 23.30 -30.49
CA TRP D 128 -32.06 22.43 -29.61
C TRP D 128 -31.16 23.27 -28.68
N PHE D 129 -30.70 24.42 -29.17
CA PHE D 129 -30.02 25.42 -28.34
C PHE D 129 -30.98 26.64 -28.23
N ASP D 130 -30.71 27.52 -27.29
CA ASP D 130 -31.55 28.72 -27.19
C ASP D 130 -31.22 29.67 -28.32
N SER D 131 -31.89 30.80 -28.40
CA SER D 131 -31.62 31.72 -29.48
C SER D 131 -30.73 32.90 -29.04
N GLU D 132 -29.98 32.76 -27.95
CA GLU D 132 -29.00 33.80 -27.61
C GLU D 132 -27.77 33.63 -28.49
N ARG D 133 -27.59 34.55 -29.45
CA ARG D 133 -26.59 34.37 -30.50
C ARG D 133 -25.19 34.77 -30.04
N LEU D 134 -25.11 35.70 -29.08
CA LEU D 134 -23.82 36.30 -28.72
C LEU D 134 -23.74 36.42 -27.21
N VAL D 135 -22.55 36.31 -26.62
CA VAL D 135 -22.39 36.59 -25.18
C VAL D 135 -22.57 38.08 -24.92
N ASP D 136 -23.28 38.44 -23.84
CA ASP D 136 -23.59 39.85 -23.50
C ASP D 136 -22.41 40.80 -23.60
N ASP D 137 -21.28 40.44 -22.99
CA ASP D 137 -20.12 41.36 -22.99
C ASP D 137 -19.17 41.26 -24.20
N TRP D 138 -19.47 40.38 -25.16
CA TRP D 138 -18.77 40.41 -26.45
C TRP D 138 -18.98 41.80 -27.08
N TRP D 139 -18.02 42.23 -27.89
CA TRP D 139 -18.07 43.57 -28.49
C TRP D 139 -18.72 43.62 -29.87
N PRO D 140 -19.73 44.50 -30.06
CA PRO D 140 -20.44 44.59 -31.35
C PRO D 140 -19.53 44.86 -32.53
N GLU D 141 -18.42 45.57 -32.32
CA GLU D 141 -17.48 45.85 -33.44
C GLU D 141 -16.85 44.58 -33.99
N ASP D 142 -16.83 43.50 -33.20
CA ASP D 142 -16.25 42.24 -33.67
C ASP D 142 -17.19 41.40 -34.50
N GLU D 143 -18.48 41.71 -34.47
CA GLU D 143 -19.53 40.90 -35.09
C GLU D 143 -19.37 40.48 -36.57
N PRO D 144 -18.75 41.31 -37.41
CA PRO D 144 -18.66 40.83 -38.79
C PRO D 144 -17.69 39.67 -39.06
N TYR D 145 -16.76 39.44 -38.14
CA TYR D 145 -15.61 38.57 -38.38
C TYR D 145 -15.91 37.14 -37.89
N ALA D 146 -15.32 36.15 -38.57
CA ALA D 146 -15.64 34.74 -38.37
C ALA D 146 -15.59 34.32 -36.90
N TYR D 147 -14.65 34.90 -36.17
CA TYR D 147 -14.42 34.48 -34.78
C TYR D 147 -15.57 34.90 -33.85
N SER D 148 -16.45 35.79 -34.33
CA SER D 148 -17.58 36.28 -33.55
C SER D 148 -18.92 35.88 -34.17
N ALA D 149 -18.89 34.85 -35.04
CA ALA D 149 -20.11 34.29 -35.60
C ALA D 149 -21.19 33.96 -34.54
N GLN D 150 -22.44 34.17 -34.92
CA GLN D 150 -23.59 33.91 -34.08
C GLN D 150 -23.69 32.43 -33.78
N ILE D 151 -24.16 32.13 -32.58
CA ILE D 151 -24.24 30.75 -32.10
C ILE D 151 -25.63 30.17 -32.32
N SER D 152 -25.68 29.01 -32.97
CA SER D 152 -26.93 28.33 -33.22
C SER D 152 -26.71 26.82 -33.24
N ALA D 153 -27.72 26.05 -32.82
CA ALA D 153 -27.74 24.63 -33.00
C ALA D 153 -27.69 24.20 -34.48
N LEU D 154 -28.15 25.09 -35.38
CA LEU D 154 -28.18 24.76 -36.80
C LEU D 154 -27.35 25.75 -37.60
N THR D 155 -26.15 25.33 -37.99
CA THR D 155 -25.23 26.24 -38.68
C THR D 155 -24.41 25.49 -39.76
N VAL D 156 -24.22 26.12 -40.92
CA VAL D 156 -23.37 25.56 -41.96
C VAL D 156 -21.90 25.95 -41.76
N ALA D 157 -21.04 24.94 -41.68
CA ALA D 157 -19.60 25.12 -41.52
C ALA D 157 -18.90 25.13 -42.88
N HIS D 158 -18.03 26.11 -43.00
CA HIS D 158 -17.28 26.37 -44.21
C HIS D 158 -15.88 25.76 -44.17
N GLY D 159 -15.52 25.13 -45.28
CA GLY D 159 -14.17 24.59 -45.52
C GLY D 159 -13.77 23.45 -44.61
N GLU D 160 -12.51 23.03 -44.73
CA GLU D 160 -12.00 21.89 -43.99
C GLU D 160 -11.73 22.30 -42.55
N ARG D 161 -11.71 23.61 -42.28
CA ARG D 161 -11.57 24.13 -40.91
C ARG D 161 -12.90 24.25 -40.18
N PHE D 162 -14.01 24.15 -40.92
CA PHE D 162 -15.36 24.15 -40.32
C PHE D 162 -15.66 25.46 -39.56
N ASP D 163 -15.37 26.58 -40.22
CA ASP D 163 -15.79 27.88 -39.70
C ASP D 163 -17.30 28.02 -39.86
N THR D 164 -18.03 28.18 -38.74
CA THR D 164 -19.49 28.18 -38.77
C THR D 164 -20.10 29.59 -38.88
N GLY D 165 -21.34 29.64 -39.37
CA GLY D 165 -22.14 30.88 -39.39
C GLY D 165 -21.53 32.01 -40.21
N VAL D 166 -20.71 31.65 -41.21
CA VAL D 166 -20.08 32.60 -42.10
C VAL D 166 -20.36 32.28 -43.57
N THR D 167 -20.05 33.26 -44.44
CA THR D 167 -20.07 33.05 -45.89
C THR D 167 -18.75 33.53 -46.43
N GLU D 168 -18.28 32.98 -47.55
CA GLU D 168 -17.06 33.49 -48.13
C GLU D 168 -17.31 34.54 -49.21
N VAL D 169 -16.84 35.77 -48.97
CA VAL D 169 -17.03 36.90 -49.89
C VAL D 169 -15.81 36.90 -50.79
N SER D 170 -16.04 36.99 -52.10
CA SER D 170 -14.99 37.11 -53.12
C SER D 170 -15.06 38.45 -53.84
N VAL D 171 -13.95 39.17 -53.87
CA VAL D 171 -13.87 40.42 -54.57
C VAL D 171 -12.84 40.31 -55.71
N THR D 172 -13.32 40.53 -56.95
CA THR D 172 -12.47 40.47 -58.14
C THR D 172 -12.34 41.88 -58.76
N PRO D 173 -11.10 42.40 -58.87
CA PRO D 173 -10.96 43.71 -59.52
C PRO D 173 -11.34 43.64 -60.99
N ALA D 174 -11.86 44.73 -61.52
CA ALA D 174 -12.06 44.83 -62.96
C ALA D 174 -10.86 45.63 -63.48
N ALA D 175 -11.08 46.63 -64.31
CA ALA D 175 -9.97 47.45 -64.77
C ALA D 175 -9.92 48.73 -63.97
N GLU D 176 -8.80 49.42 -64.02
CA GLU D 176 -8.60 50.64 -63.26
C GLU D 176 -9.79 51.58 -63.46
N GLY D 177 -10.28 52.16 -62.36
CA GLY D 177 -11.41 53.08 -62.38
C GLY D 177 -12.78 52.46 -62.58
N GLU D 178 -12.83 51.14 -62.70
CA GLU D 178 -14.11 50.43 -62.83
C GLU D 178 -14.55 49.79 -61.50
N PRO D 179 -15.87 49.51 -61.34
CA PRO D 179 -16.29 48.86 -60.08
C PRO D 179 -15.70 47.44 -59.94
N ALA D 180 -15.52 46.99 -58.71
CA ALA D 180 -15.06 45.63 -58.50
C ALA D 180 -16.28 44.70 -58.40
N ASP D 181 -16.09 43.42 -58.72
CA ASP D 181 -17.16 42.44 -58.63
C ASP D 181 -17.05 41.77 -57.27
N VAL D 182 -18.22 41.59 -56.63
CA VAL D 182 -18.28 40.96 -55.32
C VAL D 182 -19.25 39.77 -55.41
N ASP D 183 -18.76 38.60 -55.03
CA ASP D 183 -19.61 37.45 -54.83
C ASP D 183 -19.79 37.21 -53.32
N LEU D 184 -21.01 36.88 -52.93
CA LEU D 184 -21.30 36.63 -51.52
C LEU D 184 -21.15 35.19 -51.06
N GLY D 185 -20.83 34.28 -51.98
CA GLY D 185 -20.61 32.87 -51.65
C GLY D 185 -21.93 32.17 -51.36
N ALA D 186 -21.89 31.30 -50.36
CA ALA D 186 -23.10 30.64 -49.85
C ALA D 186 -24.26 31.58 -49.48
N ALA D 187 -23.98 32.81 -49.08
CA ALA D 187 -25.05 33.74 -48.66
C ALA D 187 -25.67 34.55 -49.84
N GLU D 188 -25.24 34.20 -51.06
CA GLU D 188 -25.81 34.74 -52.28
C GLU D 188 -27.30 34.36 -52.29
N GLY D 189 -28.16 35.38 -52.38
CA GLY D 189 -29.62 35.21 -52.33
C GLY D 189 -30.18 35.13 -50.92
N TYR D 190 -29.31 35.26 -49.92
CA TYR D 190 -29.72 35.28 -48.50
C TYR D 190 -29.43 36.63 -47.82
N ALA D 191 -28.17 37.04 -47.85
CA ALA D 191 -27.72 38.32 -47.33
C ALA D 191 -27.84 39.39 -48.44
N GLU D 192 -28.02 40.64 -48.05
CA GLU D 192 -28.01 41.75 -49.01
C GLU D 192 -26.56 42.16 -49.26
N LEU D 193 -26.31 42.68 -50.45
CA LEU D 193 -25.02 43.21 -50.86
C LEU D 193 -25.13 44.71 -51.08
N ASP D 194 -24.23 45.47 -50.46
CA ASP D 194 -24.03 46.86 -50.75
C ASP D 194 -22.57 47.05 -51.20
N ASN D 195 -22.33 46.95 -52.51
CA ASN D 195 -20.99 46.99 -53.07
C ASN D 195 -20.66 48.39 -53.60
N ARG D 196 -19.81 49.12 -52.88
CA ARG D 196 -19.35 50.41 -53.35
C ARG D 196 -17.89 50.32 -53.79
N ALA D 197 -17.34 49.13 -53.81
CA ALA D 197 -15.91 48.98 -54.13
C ALA D 197 -15.61 49.31 -55.58
N VAL D 198 -14.47 49.94 -55.77
CA VAL D 198 -13.92 50.23 -57.10
C VAL D 198 -12.56 49.56 -57.24
N THR D 199 -12.04 49.60 -58.46
CA THR D 199 -10.75 49.10 -58.82
C THR D 199 -9.83 50.30 -59.01
N GLY D 200 -8.65 50.25 -58.41
CA GLY D 200 -7.61 51.27 -58.62
C GLY D 200 -6.65 50.85 -59.71
N ALA D 201 -5.62 51.68 -59.94
CA ALA D 201 -4.55 51.32 -60.85
C ALA D 201 -3.74 50.13 -60.32
N ALA D 202 -3.04 49.46 -61.23
CA ALA D 202 -2.12 48.43 -60.80
C ALA D 202 -1.18 49.09 -59.78
N GLY D 203 -0.86 48.39 -58.72
CA GLY D 203 0.07 48.90 -57.69
C GLY D 203 -0.44 50.09 -56.84
N SER D 204 -1.67 50.54 -57.09
CA SER D 204 -2.34 51.53 -56.23
C SER D 204 -2.49 50.97 -54.81
N ALA D 205 -2.69 51.85 -53.84
CA ALA D 205 -2.91 51.44 -52.46
C ALA D 205 -4.19 50.64 -52.33
N ASN D 206 -4.09 49.50 -51.64
CA ASN D 206 -5.24 48.65 -51.32
C ASN D 206 -5.98 49.24 -50.12
N THR D 207 -7.23 49.64 -50.31
CA THR D 207 -8.02 50.24 -49.25
C THR D 207 -9.35 49.49 -49.12
N LEU D 208 -9.42 48.28 -49.69
CA LEU D 208 -10.66 47.48 -49.60
C LEU D 208 -11.09 47.18 -48.16
N VAL D 209 -12.37 47.42 -47.88
CA VAL D 209 -13.01 47.05 -46.60
C VAL D 209 -14.36 46.33 -46.85
N ILE D 210 -14.51 45.17 -46.22
CA ILE D 210 -15.70 44.33 -46.28
C ILE D 210 -16.31 44.26 -44.87
N ASP D 211 -17.51 44.84 -44.73
CA ASP D 211 -18.16 45.03 -43.44
C ASP D 211 -19.52 44.32 -43.47
N ARG D 212 -20.07 44.08 -42.28
CA ARG D 212 -21.49 43.78 -42.09
C ARG D 212 -21.97 44.74 -41.01
N PRO D 213 -22.67 45.83 -41.39
CA PRO D 213 -22.99 46.78 -40.33
C PRO D 213 -23.86 46.13 -39.25
N VAL D 214 -23.65 46.57 -38.01
CA VAL D 214 -24.25 45.93 -36.83
C VAL D 214 -25.78 45.81 -36.93
N GLY D 215 -26.29 44.64 -36.60
CA GLY D 215 -27.76 44.45 -36.59
C GLY D 215 -28.40 44.38 -37.96
N THR D 216 -27.59 44.22 -39.01
CA THR D 216 -28.12 44.07 -40.35
C THR D 216 -27.63 42.77 -40.96
N ASN D 217 -28.25 42.36 -42.06
CA ASN D 217 -27.79 41.21 -42.81
C ASN D 217 -27.23 41.66 -44.15
N THR D 218 -26.47 42.75 -44.15
CA THR D 218 -25.95 43.33 -45.38
C THR D 218 -24.44 43.31 -45.38
N ILE D 219 -23.87 42.77 -46.45
CA ILE D 219 -22.45 42.82 -46.62
C ILE D 219 -22.16 44.12 -47.37
N ALA D 220 -21.48 45.07 -46.70
CA ALA D 220 -21.19 46.38 -47.28
C ALA D 220 -19.68 46.49 -47.64
N VAL D 221 -19.42 46.68 -48.93
CA VAL D 221 -18.04 46.76 -49.43
C VAL D 221 -17.69 48.19 -49.89
N THR D 222 -16.59 48.73 -49.36
CA THR D 222 -16.11 50.07 -49.72
C THR D 222 -14.62 50.00 -50.07
N GLY D 223 -14.08 51.12 -50.54
CA GLY D 223 -12.66 51.22 -50.80
C GLY D 223 -12.26 50.71 -52.18
N SER D 224 -10.96 50.51 -52.36
CA SER D 224 -10.38 50.32 -53.68
C SER D 224 -9.43 49.11 -53.71
N LEU D 225 -9.66 48.21 -54.66
CA LEU D 225 -8.74 47.07 -54.87
C LEU D 225 -7.96 47.39 -56.15
N PRO D 226 -6.62 47.24 -56.10
CA PRO D 226 -5.78 47.46 -57.30
C PRO D 226 -6.08 46.45 -58.45
N ALA D 227 -6.03 46.96 -59.67
CA ALA D 227 -6.28 46.14 -60.88
C ALA D 227 -5.46 44.86 -60.93
N ASP D 228 -4.18 44.95 -60.58
CA ASP D 228 -3.30 43.77 -60.58
C ASP D 228 -3.28 42.99 -59.26
N ALA D 229 -4.14 43.36 -58.30
CA ALA D 229 -4.28 42.56 -57.08
C ALA D 229 -4.94 41.23 -57.39
N ALA D 230 -4.46 40.15 -56.77
CA ALA D 230 -5.19 38.88 -56.79
C ALA D 230 -6.59 38.99 -56.14
N PRO D 231 -7.57 38.25 -56.69
CA PRO D 231 -8.92 38.35 -56.15
C PRO D 231 -8.95 38.02 -54.65
N VAL D 232 -9.68 38.84 -53.89
CA VAL D 232 -9.72 38.68 -52.44
C VAL D 232 -10.84 37.76 -52.01
N THR D 233 -10.53 36.86 -51.06
CA THR D 233 -11.56 36.10 -50.37
C THR D 233 -11.51 36.38 -48.88
N ALA D 234 -12.70 36.43 -48.27
CA ALA D 234 -12.81 36.78 -46.85
C ALA D 234 -14.08 36.19 -46.28
N LEU D 235 -13.95 35.56 -45.11
CA LEU D 235 -15.10 35.06 -44.38
C LEU D 235 -15.79 36.19 -43.61
N ARG D 236 -17.10 36.29 -43.76
CA ARG D 236 -17.88 37.24 -42.98
C ARG D 236 -19.10 36.54 -42.43
N THR D 237 -19.52 36.98 -41.24
CA THR D 237 -20.66 36.38 -40.57
C THR D 237 -21.96 36.81 -41.26
N VAL D 238 -23.02 36.03 -41.09
CA VAL D 238 -24.35 36.48 -41.48
C VAL D 238 -25.20 36.52 -40.22
N ASP D 239 -26.32 37.24 -40.31
CA ASP D 239 -27.34 37.17 -39.30
C ASP D 239 -28.10 35.85 -39.46
N GLU D 240 -28.44 35.24 -38.32
CA GLU D 240 -29.25 33.99 -38.24
C GLU D 240 -28.64 32.84 -39.03
N PRO D 241 -27.61 32.18 -38.47
CA PRO D 241 -27.03 31.11 -39.26
C PRO D 241 -28.03 30.01 -39.65
N ALA D 242 -29.05 29.76 -38.84
CA ALA D 242 -29.98 28.68 -39.17
C ALA D 242 -30.80 29.03 -40.45
N ALA D 243 -31.12 30.31 -40.60
CA ALA D 243 -31.86 30.76 -41.78
C ALA D 243 -31.02 30.61 -43.04
N LEU D 244 -29.70 30.83 -42.94
CA LEU D 244 -28.84 30.52 -44.07
C LEU D 244 -28.80 28.99 -44.34
N ALA D 245 -28.76 28.17 -43.28
CA ALA D 245 -28.83 26.73 -43.51
C ALA D 245 -30.13 26.39 -44.28
N GLY D 246 -31.23 26.99 -43.85
CA GLY D 246 -32.53 26.81 -44.51
C GLY D 246 -32.45 27.11 -46.00
N HIS D 247 -31.87 28.25 -46.32
CA HIS D 247 -31.71 28.72 -47.69
C HIS D 247 -30.85 27.75 -48.52
N LEU D 248 -29.69 27.35 -47.98
CA LEU D 248 -28.83 26.39 -48.66
C LEU D 248 -29.52 25.03 -48.86
N PHE D 249 -30.32 24.61 -47.88
CA PHE D 249 -31.06 23.34 -47.99
C PHE D 249 -32.15 23.41 -49.07
N GLU D 250 -32.80 24.58 -49.21
CA GLU D 250 -33.77 24.78 -50.28
C GLU D 250 -33.09 24.55 -51.61
N GLU D 251 -31.95 25.21 -51.80
CA GLU D 251 -31.19 25.06 -53.02
C GLU D 251 -30.79 23.58 -53.26
N ALA D 252 -30.36 22.90 -52.20
CA ALA D 252 -29.97 21.48 -52.28
C ALA D 252 -31.16 20.58 -52.66
N LEU D 253 -32.32 20.83 -52.06
CA LEU D 253 -33.54 20.12 -52.41
C LEU D 253 -33.90 20.31 -53.88
N GLU D 254 -33.78 21.56 -54.36
CA GLU D 254 -34.09 21.86 -55.74
C GLU D 254 -33.16 21.09 -56.70
N SER D 255 -31.88 21.05 -56.36
CA SER D 255 -30.90 20.33 -57.16
C SER D 255 -31.12 18.84 -57.16
N ASN D 256 -31.74 18.33 -56.09
CA ASN D 256 -32.14 16.91 -56.05
C ASN D 256 -33.59 16.64 -56.50
N GLY D 257 -34.18 17.61 -57.21
CA GLY D 257 -35.48 17.43 -57.82
C GLY D 257 -36.68 17.59 -56.89
N VAL D 258 -36.47 18.18 -55.72
CA VAL D 258 -37.57 18.48 -54.82
C VAL D 258 -37.94 19.97 -54.97
N THR D 259 -39.16 20.24 -55.41
CA THR D 259 -39.66 21.60 -55.51
C THR D 259 -40.26 22.06 -54.17
N VAL D 260 -39.80 23.21 -53.68
CA VAL D 260 -40.40 23.88 -52.52
C VAL D 260 -41.31 25.04 -52.98
N LYS D 261 -42.60 24.95 -52.68
CA LYS D 261 -43.55 25.96 -53.15
C LYS D 261 -43.66 27.15 -52.18
N GLY D 262 -43.51 26.90 -50.88
CA GLY D 262 -43.66 27.94 -49.87
C GLY D 262 -42.38 28.73 -49.62
N ASP D 263 -42.28 29.30 -48.43
CA ASP D 263 -41.16 30.15 -48.04
C ASP D 263 -40.17 29.42 -47.11
N VAL D 264 -39.02 30.04 -46.91
CA VAL D 264 -38.00 29.52 -46.03
C VAL D 264 -37.87 30.45 -44.82
N GLY D 265 -37.88 29.84 -43.63
CA GLY D 265 -37.76 30.62 -42.41
C GLY D 265 -37.44 29.75 -41.21
N LEU D 266 -37.30 30.40 -40.06
CA LEU D 266 -37.04 29.76 -38.81
C LEU D 266 -38.34 29.28 -38.17
N GLY D 267 -38.27 28.14 -37.49
CA GLY D 267 -39.43 27.57 -36.84
C GLY D 267 -39.15 26.16 -36.35
N GLY D 268 -39.73 25.83 -35.20
CA GLY D 268 -39.50 24.53 -34.58
C GLY D 268 -40.56 23.51 -34.92
N VAL D 269 -40.15 22.25 -35.03
CA VAL D 269 -41.10 21.16 -35.24
C VAL D 269 -42.23 21.34 -34.24
N PRO D 270 -43.49 21.44 -34.74
CA PRO D 270 -44.60 21.72 -33.83
C PRO D 270 -44.75 20.63 -32.79
N ALA D 271 -45.13 21.03 -31.58
CA ALA D 271 -45.25 20.09 -30.45
C ALA D 271 -46.27 18.97 -30.68
N ASP D 272 -47.29 19.25 -31.49
CA ASP D 272 -48.41 18.32 -31.74
C ASP D 272 -48.16 17.27 -32.83
N TRP D 273 -46.91 17.17 -33.30
CA TRP D 273 -46.54 16.12 -34.24
C TRP D 273 -46.13 14.88 -33.46
N GLN D 274 -47.05 13.94 -33.31
CA GLN D 274 -46.84 12.76 -32.45
C GLN D 274 -46.07 11.61 -33.10
N ASP D 275 -46.08 11.55 -34.43
CA ASP D 275 -45.41 10.49 -35.18
C ASP D 275 -44.68 11.07 -36.39
N ALA D 276 -43.72 11.95 -36.15
CA ALA D 276 -43.03 12.64 -37.23
C ALA D 276 -42.22 11.65 -38.07
N GLU D 277 -42.23 11.86 -39.37
CA GLU D 277 -41.47 11.05 -40.29
C GLU D 277 -40.11 11.70 -40.57
N VAL D 278 -39.05 10.98 -40.20
CA VAL D 278 -37.68 11.41 -40.48
C VAL D 278 -37.35 10.90 -41.87
N LEU D 279 -37.27 11.85 -42.81
CA LEU D 279 -37.00 11.57 -44.22
C LEU D 279 -35.49 11.54 -44.55
N ALA D 280 -34.67 12.12 -43.68
CA ALA D 280 -33.23 12.19 -43.93
C ALA D 280 -32.51 12.52 -42.66
N ASP D 281 -31.24 12.14 -42.58
CA ASP D 281 -30.43 12.59 -41.47
C ASP D 281 -28.93 12.45 -41.72
N HIS D 282 -28.13 12.93 -40.77
CA HIS D 282 -26.69 12.96 -40.90
C HIS D 282 -26.09 12.86 -39.50
N THR D 283 -24.98 12.13 -39.42
CA THR D 283 -24.26 12.00 -38.18
C THR D 283 -22.87 12.58 -38.43
N SER D 284 -22.46 13.57 -37.63
CA SER D 284 -21.13 14.17 -37.74
C SER D 284 -20.08 13.10 -37.46
N ALA D 285 -18.80 13.46 -37.61
CA ALA D 285 -17.72 12.64 -37.07
C ALA D 285 -17.74 12.72 -35.54
N GLU D 286 -17.05 11.81 -34.88
CA GLU D 286 -16.93 11.82 -33.42
C GLU D 286 -16.16 13.02 -32.86
N LEU D 287 -16.45 13.34 -31.61
CA LEU D 287 -15.86 14.50 -30.92
C LEU D 287 -14.33 14.50 -30.94
N SER D 288 -13.71 13.31 -30.88
CA SER D 288 -12.25 13.21 -30.97
C SER D 288 -11.72 13.81 -32.28
N GLU D 289 -12.45 13.64 -33.37
CA GLU D 289 -11.96 14.19 -34.63
C GLU D 289 -12.26 15.67 -34.71
N ILE D 290 -13.44 16.06 -34.28
CA ILE D 290 -13.88 17.48 -34.35
C ILE D 290 -12.91 18.34 -33.52
N LEU D 291 -12.34 17.76 -32.47
CA LEU D 291 -11.46 18.50 -31.58
C LEU D 291 -10.19 18.99 -32.26
N VAL D 292 -9.78 18.31 -33.33
CA VAL D 292 -8.61 18.77 -34.11
C VAL D 292 -8.85 20.14 -34.82
N PRO D 293 -9.79 20.25 -35.76
CA PRO D 293 -9.96 21.63 -36.31
C PRO D 293 -10.34 22.69 -35.24
N PHE D 294 -11.05 22.27 -34.20
CA PHE D 294 -11.43 23.19 -33.10
C PHE D 294 -10.22 23.83 -32.39
N MET D 295 -9.33 23.01 -31.83
CA MET D 295 -8.23 23.53 -31.01
C MET D 295 -7.01 23.99 -31.81
N LYS D 296 -6.72 23.31 -32.93
CA LYS D 296 -5.57 23.69 -33.75
C LYS D 296 -5.75 25.14 -34.18
N PHE D 297 -6.97 25.49 -34.62
CA PHE D 297 -7.20 26.83 -35.17
C PHE D 297 -7.96 27.76 -34.21
N SER D 298 -8.22 27.32 -32.99
CA SER D 298 -8.89 28.17 -31.97
C SER D 298 -10.28 28.67 -32.43
N ASN D 299 -11.12 27.74 -32.85
CA ASN D 299 -12.44 28.04 -33.41
C ASN D 299 -13.43 28.39 -32.34
N ASN D 300 -13.87 29.64 -32.26
CA ASN D 300 -14.70 30.11 -31.16
C ASN D 300 -16.09 29.53 -31.21
N GLY D 301 -16.66 29.46 -32.41
CA GLY D 301 -18.01 28.87 -32.60
C GLY D 301 -18.07 27.43 -32.11
N HIS D 302 -17.04 26.64 -32.43
CA HIS D 302 -16.95 25.30 -31.87
C HIS D 302 -16.98 25.36 -30.36
N ALA D 303 -16.23 26.28 -29.74
CA ALA D 303 -16.21 26.25 -28.27
C ALA D 303 -17.58 26.51 -27.70
N GLU D 304 -18.26 27.56 -28.18
CA GLU D 304 -19.56 27.93 -27.60
C GLU D 304 -20.63 26.88 -27.94
N MET D 305 -20.58 26.25 -29.11
CA MET D 305 -21.55 25.19 -29.42
C MET D 305 -21.35 24.02 -28.48
N LEU D 306 -20.09 23.72 -28.17
CA LEU D 306 -19.81 22.61 -27.22
C LEU D 306 -20.29 22.93 -25.80
N VAL D 307 -20.15 24.20 -25.39
CA VAL D 307 -20.73 24.64 -24.11
C VAL D 307 -22.25 24.37 -24.09
N LYS D 308 -22.99 24.80 -25.12
CA LYS D 308 -24.41 24.59 -25.14
C LYS D 308 -24.79 23.12 -25.22
N SER D 309 -24.01 22.32 -25.93
CA SER D 309 -24.21 20.89 -25.95
C SER D 309 -23.99 20.28 -24.55
N ILE D 310 -22.98 20.76 -23.85
CA ILE D 310 -22.78 20.37 -22.45
C ILE D 310 -24.00 20.72 -21.61
N GLY D 311 -24.59 21.89 -21.91
CA GLY D 311 -25.80 22.31 -21.22
C GLY D 311 -26.98 21.39 -21.46
N GLN D 312 -27.14 20.96 -22.71
CA GLN D 312 -28.24 20.03 -23.06
C GLN D 312 -28.08 18.70 -22.32
N GLU D 313 -26.86 18.18 -22.37
CA GLU D 313 -26.51 16.90 -21.79
C GLU D 313 -26.71 16.88 -20.28
N THR D 314 -26.28 17.94 -19.59
CA THR D 314 -26.34 17.95 -18.13
C THR D 314 -27.62 18.54 -17.51
N ALA D 315 -28.34 19.37 -18.26
CA ALA D 315 -29.45 20.14 -17.66
C ALA D 315 -30.62 20.33 -18.61
N GLY D 316 -30.55 19.71 -19.80
CA GLY D 316 -31.70 19.76 -20.73
C GLY D 316 -31.94 21.11 -21.41
N ALA D 317 -30.88 21.92 -21.53
CA ALA D 317 -31.02 23.22 -22.22
C ALA D 317 -29.69 23.65 -22.79
N GLY D 318 -29.75 24.05 -24.06
CA GLY D 318 -28.57 24.51 -24.78
C GLY D 318 -28.37 25.99 -24.48
N THR D 319 -27.90 26.29 -23.26
CA THR D 319 -27.68 27.70 -22.89
C THR D 319 -26.29 27.87 -22.29
N TRP D 320 -25.80 29.11 -22.29
CA TRP D 320 -24.51 29.42 -21.66
C TRP D 320 -24.55 29.16 -20.15
N ASP D 321 -25.64 29.58 -19.50
CA ASP D 321 -25.80 29.40 -18.06
C ASP D 321 -25.69 27.94 -17.72
N ALA D 322 -26.45 27.10 -18.42
CA ALA D 322 -26.37 25.69 -18.15
C ALA D 322 -24.99 25.10 -18.54
N GLY D 323 -24.51 25.41 -19.74
CA GLY D 323 -23.23 24.87 -20.21
C GLY D 323 -22.05 25.20 -19.32
N LEU D 324 -22.00 26.46 -18.85
CA LEU D 324 -20.86 26.90 -18.07
C LEU D 324 -20.85 26.33 -16.66
N VAL D 325 -22.02 26.16 -16.04
CA VAL D 325 -22.15 25.34 -14.82
C VAL D 325 -21.65 23.89 -15.10
N GLY D 326 -22.03 23.35 -16.26
CA GLY D 326 -21.59 22.00 -16.62
C GLY D 326 -20.07 21.87 -16.78
N VAL D 327 -19.46 22.90 -17.36
CA VAL D 327 -18.01 23.00 -17.48
C VAL D 327 -17.36 22.96 -16.10
N GLU D 328 -17.74 23.88 -15.21
CA GLU D 328 -17.15 24.00 -13.88
C GLU D 328 -17.30 22.68 -13.13
N GLU D 329 -18.49 22.05 -13.22
CA GLU D 329 -18.68 20.75 -12.56
C GLU D 329 -17.82 19.63 -13.14
N ALA D 330 -17.76 19.55 -14.47
CA ALA D 330 -16.86 18.59 -15.14
C ALA D 330 -15.40 18.74 -14.69
N LEU D 331 -14.96 19.99 -14.58
CA LEU D 331 -13.61 20.28 -14.15
C LEU D 331 -13.35 19.82 -12.70
N SER D 332 -14.27 20.15 -11.78
CA SER D 332 -14.14 19.64 -10.39
C SER D 332 -14.10 18.12 -10.34
N GLY D 333 -14.94 17.50 -11.15
CA GLY D 333 -15.00 16.04 -11.25
C GLY D 333 -13.69 15.43 -11.70
N LEU D 334 -12.92 16.20 -12.47
CA LEU D 334 -11.65 15.76 -13.02
C LEU D 334 -10.52 15.95 -12.01
N GLY D 335 -10.82 16.56 -10.88
CA GLY D 335 -9.83 16.80 -9.84
C GLY D 335 -9.20 18.19 -9.90
N VAL D 336 -9.67 19.02 -10.82
CA VAL D 336 -9.16 20.37 -10.91
C VAL D 336 -9.82 21.25 -9.84
N ASP D 337 -9.01 22.06 -9.17
CA ASP D 337 -9.48 23.05 -8.21
C ASP D 337 -9.88 24.28 -9.04
N THR D 338 -11.18 24.64 -8.99
CA THR D 338 -11.78 25.68 -9.86
C THR D 338 -12.00 27.03 -9.15
N ALA D 339 -11.52 27.14 -7.91
CA ALA D 339 -11.73 28.35 -7.10
C ALA D 339 -11.32 29.66 -7.79
N GLY D 340 -10.20 29.67 -8.51
CA GLY D 340 -9.73 30.86 -9.24
C GLY D 340 -10.34 31.09 -10.63
N LEU D 341 -11.20 30.17 -11.05
CA LEU D 341 -11.88 30.24 -12.36
C LEU D 341 -13.13 31.10 -12.37
N VAL D 342 -13.24 31.93 -13.41
CA VAL D 342 -14.48 32.68 -13.64
C VAL D 342 -14.82 32.45 -15.09
N LEU D 343 -15.92 31.72 -15.32
CA LEU D 343 -16.29 31.25 -16.63
C LEU D 343 -17.41 32.11 -17.17
N ASN D 344 -17.16 32.78 -18.29
CA ASN D 344 -18.20 33.56 -18.91
C ASN D 344 -18.47 33.10 -20.34
N ASP D 345 -17.53 32.33 -20.89
CA ASP D 345 -17.78 31.73 -22.21
C ASP D 345 -16.85 30.57 -22.43
N GLY D 346 -16.97 29.92 -23.58
CA GLY D 346 -16.18 28.70 -23.79
C GLY D 346 -14.96 29.00 -24.63
N SER D 347 -15.06 30.06 -25.47
CA SER D 347 -14.00 30.33 -26.46
C SER D 347 -12.88 31.18 -25.91
N GLY D 348 -13.15 31.95 -24.86
CA GLY D 348 -12.15 32.91 -24.39
C GLY D 348 -12.32 34.31 -24.95
N LEU D 349 -13.27 34.50 -25.85
CA LEU D 349 -13.46 35.83 -26.46
C LEU D 349 -14.00 36.84 -25.40
N SER D 350 -14.80 36.36 -24.46
CA SER D 350 -15.28 37.24 -23.36
C SER D 350 -14.17 37.75 -22.46
N ARG D 351 -14.22 39.05 -22.22
CA ARG D 351 -13.36 39.70 -21.22
C ARG D 351 -13.84 39.47 -19.80
N GLY D 352 -14.96 38.74 -19.64
CA GLY D 352 -15.40 38.34 -18.29
C GLY D 352 -14.79 37.02 -17.82
N ASN D 353 -13.92 36.40 -18.62
CA ASN D 353 -13.24 35.16 -18.18
C ASN D 353 -12.06 35.46 -17.23
N LEU D 354 -11.82 34.60 -16.25
CA LEU D 354 -10.59 34.67 -15.44
C LEU D 354 -10.03 33.28 -15.25
N VAL D 355 -8.71 33.15 -15.30
CA VAL D 355 -8.02 31.91 -14.91
C VAL D 355 -6.84 32.28 -14.01
N THR D 356 -6.11 31.28 -13.48
CA THR D 356 -4.76 31.47 -12.93
C THR D 356 -3.84 30.49 -13.61
N ALA D 357 -2.54 30.78 -13.64
CA ALA D 357 -1.59 29.87 -14.28
C ALA D 357 -1.51 28.55 -13.52
N ASP D 358 -1.67 28.62 -12.19
CA ASP D 358 -1.81 27.39 -11.38
C ASP D 358 -2.98 26.51 -11.81
N THR D 359 -4.15 27.11 -12.02
CA THR D 359 -5.34 26.40 -12.52
C THR D 359 -5.09 25.71 -13.89
N VAL D 360 -4.44 26.41 -14.80
CA VAL D 360 -4.14 25.87 -16.14
C VAL D 360 -3.21 24.65 -16.07
N VAL D 361 -2.08 24.84 -15.41
CA VAL D 361 -1.19 23.71 -15.15
C VAL D 361 -1.91 22.54 -14.44
N ASP D 362 -2.71 22.85 -13.41
CA ASP D 362 -3.53 21.82 -12.76
C ASP D 362 -4.28 20.99 -13.82
N LEU D 363 -5.04 21.69 -14.70
CA LEU D 363 -5.80 21.08 -15.78
C LEU D 363 -4.91 20.27 -16.71
N LEU D 364 -3.78 20.84 -17.08
CA LEU D 364 -2.84 20.15 -17.95
C LEU D 364 -2.43 18.81 -17.33
N GLY D 365 -2.26 18.79 -16.02
CA GLY D 365 -1.90 17.58 -15.28
C GLY D 365 -2.99 16.51 -15.29
N GLN D 366 -4.19 16.88 -14.85
CA GLN D 366 -5.33 15.96 -14.88
C GLN D 366 -5.64 15.43 -16.28
N ALA D 367 -5.44 16.28 -17.32
CA ALA D 367 -5.76 15.87 -18.70
C ALA D 367 -4.83 14.75 -19.16
N GLY D 368 -3.55 14.93 -18.88
CA GLY D 368 -2.55 13.91 -19.20
C GLY D 368 -2.83 12.55 -18.61
N SER D 369 -3.56 12.52 -17.49
CA SER D 369 -3.90 11.28 -16.81
C SER D 369 -5.34 10.78 -17.07
N ALA D 370 -6.11 11.51 -17.88
CA ALA D 370 -7.46 11.09 -18.24
C ALA D 370 -7.43 9.98 -19.30
N PRO D 371 -8.51 9.21 -19.42
CA PRO D 371 -8.65 8.20 -20.47
C PRO D 371 -8.56 8.76 -21.90
N TRP D 372 -8.88 10.05 -22.05
CA TRP D 372 -8.87 10.70 -23.36
C TRP D 372 -7.61 11.58 -23.58
N ALA D 373 -6.57 11.35 -22.79
CA ALA D 373 -5.32 12.13 -22.90
C ALA D 373 -4.71 12.18 -24.32
N GLN D 374 -4.84 11.08 -25.07
CA GLN D 374 -4.35 11.06 -26.47
C GLN D 374 -5.19 11.90 -27.44
N THR D 375 -6.51 11.84 -27.29
CA THR D 375 -7.43 12.66 -28.09
C THR D 375 -7.16 14.14 -27.83
N TRP D 376 -6.96 14.46 -26.57
CA TRP D 376 -6.63 15.80 -26.09
C TRP D 376 -5.33 16.26 -26.76
N SER D 377 -4.27 15.48 -26.60
CA SER D 377 -2.98 15.81 -27.20
C SER D 377 -3.04 16.10 -28.68
N ALA D 378 -3.82 15.30 -29.42
CA ALA D 378 -3.84 15.38 -30.87
C ALA D 378 -4.58 16.63 -31.36
N SER D 379 -5.24 17.33 -30.43
CA SER D 379 -5.93 18.59 -30.77
C SER D 379 -4.97 19.79 -30.65
N LEU D 380 -3.85 19.63 -29.93
CA LEU D 380 -2.97 20.80 -29.61
C LEU D 380 -1.96 21.21 -30.71
N PRO D 381 -1.90 22.54 -31.03
CA PRO D 381 -0.92 22.97 -32.02
C PRO D 381 0.46 22.41 -31.67
N VAL D 382 1.23 21.98 -32.69
CA VAL D 382 2.64 21.65 -32.55
C VAL D 382 3.58 22.78 -33.09
N ALA D 383 4.45 23.31 -32.23
CA ALA D 383 5.32 24.44 -32.56
C ALA D 383 6.08 24.23 -33.87
N GLY D 384 5.93 25.21 -34.77
CA GLY D 384 6.75 25.33 -35.95
C GLY D 384 6.47 24.36 -37.08
N GLU D 385 5.35 23.65 -37.02
CA GLU D 385 4.99 22.71 -38.10
C GLU D 385 4.18 23.41 -39.18
N SER D 386 4.62 23.26 -40.43
CA SER D 386 4.07 23.93 -41.62
C SER D 386 2.67 23.50 -42.02
N ASP D 387 2.36 22.21 -41.89
CA ASP D 387 1.03 21.72 -42.24
C ASP D 387 0.04 22.36 -41.27
N PRO D 388 -0.90 23.19 -41.78
CA PRO D 388 -1.79 23.95 -40.85
C PRO D 388 -2.53 23.04 -39.85
N PHE D 389 -2.89 21.82 -40.27
CA PHE D 389 -3.52 20.88 -39.33
C PHE D 389 -2.60 20.26 -38.28
N VAL D 390 -1.29 20.47 -38.42
CA VAL D 390 -0.36 20.01 -37.40
C VAL D 390 0.08 21.20 -36.53
N GLY D 391 0.60 22.25 -37.15
CA GLY D 391 1.11 23.44 -36.44
C GLY D 391 0.00 24.36 -35.90
N GLY D 392 -1.14 24.40 -36.61
CA GLY D 392 -2.25 25.24 -36.25
C GLY D 392 -1.80 26.67 -36.03
N THR D 393 -2.22 27.27 -34.91
CA THR D 393 -1.82 28.63 -34.60
C THR D 393 -0.35 28.77 -34.22
N LEU D 394 0.37 27.67 -34.08
CA LEU D 394 1.81 27.72 -33.78
C LEU D 394 2.68 27.48 -35.01
N ALA D 395 2.03 27.37 -36.17
CA ALA D 395 2.71 26.96 -37.40
C ALA D 395 3.92 27.82 -37.73
N ASN D 396 3.79 29.14 -37.56
CA ASN D 396 4.87 30.10 -37.88
C ASN D 396 5.68 30.54 -36.67
N ARG D 397 5.59 29.82 -35.56
CA ARG D 397 6.34 30.21 -34.38
C ARG D 397 7.37 29.16 -34.02
N MET D 398 8.54 29.59 -33.55
CA MET D 398 9.57 28.68 -33.04
C MET D 398 10.20 27.78 -34.11
N ARG D 399 10.03 28.14 -35.38
CA ARG D 399 10.68 27.39 -36.46
C ARG D 399 12.18 27.48 -36.29
N GLY D 400 12.84 26.34 -36.49
CA GLY D 400 14.29 26.23 -36.42
C GLY D 400 14.87 26.37 -35.04
N THR D 401 14.10 26.00 -34.02
CA THR D 401 14.55 25.99 -32.63
C THR D 401 14.33 24.60 -32.06
N ALA D 402 14.85 24.36 -30.87
CA ALA D 402 14.65 23.10 -30.17
C ALA D 402 13.16 22.79 -29.96
N ALA D 403 12.32 23.82 -29.93
CA ALA D 403 10.87 23.66 -29.75
C ALA D 403 10.09 23.16 -31.00
N GLU D 404 10.63 23.37 -32.19
CA GLU D 404 10.00 22.90 -33.42
C GLU D 404 9.69 21.37 -33.45
N GLY D 405 8.42 21.02 -33.66
CA GLY D 405 8.00 19.61 -33.71
C GLY D 405 7.95 18.92 -32.36
N VAL D 406 8.06 19.69 -31.29
CA VAL D 406 8.22 19.16 -29.94
C VAL D 406 7.23 19.78 -28.94
N VAL D 407 7.17 21.10 -28.88
CA VAL D 407 6.25 21.79 -27.99
C VAL D 407 4.83 21.74 -28.55
N GLU D 408 3.89 21.33 -27.71
CA GLU D 408 2.50 21.30 -28.08
C GLU D 408 1.78 22.14 -27.05
N ALA D 409 1.01 23.11 -27.54
CA ALA D 409 0.53 24.20 -26.70
C ALA D 409 -0.64 24.95 -27.31
N LYS D 410 -1.49 25.49 -26.45
CA LYS D 410 -2.60 26.31 -26.87
C LYS D 410 -2.25 27.79 -26.71
N THR D 411 -2.66 28.56 -27.72
CA THR D 411 -2.37 29.97 -27.82
C THR D 411 -3.61 30.78 -27.39
N GLY D 412 -3.42 32.08 -27.23
CA GLY D 412 -4.56 32.99 -27.16
C GLY D 412 -4.08 34.41 -27.10
N THR D 413 -4.66 35.31 -27.90
CA THR D 413 -4.31 36.71 -27.79
C THR D 413 -5.49 37.59 -28.12
N MET D 414 -5.60 38.69 -27.37
CA MET D 414 -6.51 39.79 -27.68
C MET D 414 -5.76 41.03 -27.20
N SER D 415 -6.42 42.19 -27.31
CA SER D 415 -5.83 43.45 -26.87
C SER D 415 -5.40 43.38 -25.41
N GLY D 416 -4.13 43.63 -25.13
CA GLY D 416 -3.62 43.57 -23.75
C GLY D 416 -3.65 42.17 -23.12
N VAL D 417 -3.74 41.14 -23.96
CA VAL D 417 -3.83 39.76 -23.43
C VAL D 417 -3.16 38.76 -24.35
N SER D 418 -2.30 37.91 -23.75
CA SER D 418 -1.68 36.83 -24.51
C SER D 418 -1.37 35.62 -23.62
N ALA D 419 -1.34 34.41 -24.22
CA ALA D 419 -1.17 33.22 -23.41
C ALA D 419 -0.65 32.06 -24.23
N LEU D 420 0.20 31.25 -23.60
CA LEU D 420 0.72 30.04 -24.22
C LEU D 420 0.89 29.01 -23.13
N SER D 421 0.14 27.92 -23.26
CA SER D 421 0.15 26.87 -22.26
C SER D 421 0.14 25.52 -22.95
N GLY D 422 0.95 24.59 -22.45
CA GLY D 422 1.00 23.25 -22.99
C GLY D 422 2.05 22.35 -22.34
N TYR D 423 2.67 21.53 -23.19
CA TYR D 423 3.55 20.44 -22.78
C TYR D 423 4.89 20.45 -23.52
N VAL D 424 5.91 19.94 -22.83
CA VAL D 424 7.22 19.73 -23.41
C VAL D 424 7.68 18.30 -23.07
N PRO D 425 7.73 17.41 -24.07
CA PRO D 425 8.14 16.04 -23.81
C PRO D 425 9.64 15.94 -23.49
N GLY D 426 9.96 15.20 -22.43
CA GLY D 426 11.36 14.93 -22.08
C GLY D 426 11.68 13.46 -22.27
N PRO D 427 12.88 13.03 -21.82
CA PRO D 427 13.19 11.60 -21.88
C PRO D 427 12.41 10.79 -20.82
N GLU D 428 12.08 11.46 -19.71
CA GLU D 428 11.50 10.87 -18.51
C GLU D 428 9.96 10.81 -18.59
N GLY D 429 9.33 11.98 -18.72
CA GLY D 429 7.91 12.15 -18.96
C GLY D 429 7.75 13.44 -19.75
N GLU D 430 6.91 14.34 -19.26
CA GLU D 430 6.77 15.64 -19.92
C GLU D 430 6.71 16.76 -18.90
N LEU D 431 7.04 17.96 -19.33
CA LEU D 431 6.76 19.17 -18.56
C LEU D 431 5.43 19.72 -19.02
N ALA D 432 4.72 20.34 -18.09
CA ALA D 432 3.51 21.09 -18.39
C ALA D 432 3.80 22.52 -17.99
N PHE D 433 3.30 23.48 -18.77
CA PHE D 433 3.57 24.88 -18.47
C PHE D 433 2.40 25.79 -18.82
N SER D 434 2.30 26.91 -18.10
CA SER D 434 1.34 27.93 -18.46
C SER D 434 1.97 29.32 -18.37
N ILE D 435 1.88 30.08 -19.47
CA ILE D 435 2.34 31.47 -19.50
C ILE D 435 1.13 32.32 -19.87
N VAL D 436 0.72 33.21 -18.94
CA VAL D 436 -0.40 34.12 -19.19
C VAL D 436 0.03 35.55 -18.84
N ASN D 437 0.00 36.43 -19.85
CA ASN D 437 0.41 37.82 -19.74
C ASN D 437 -0.81 38.70 -19.96
N ASN D 438 -1.06 39.63 -19.03
CA ASN D 438 -2.08 40.68 -19.18
C ASN D 438 -1.42 42.05 -18.97
N GLY D 439 -1.93 43.08 -19.63
CA GLY D 439 -1.57 44.47 -19.25
C GLY D 439 -0.40 45.12 -19.98
N HIS D 440 0.29 44.36 -20.84
CA HIS D 440 1.33 44.90 -21.73
C HIS D 440 0.68 45.87 -22.71
N SER D 441 1.41 46.90 -23.12
CA SER D 441 0.81 47.92 -23.99
C SER D 441 1.26 47.89 -25.46
N GLY D 442 2.19 47.01 -25.81
CA GLY D 442 2.54 46.85 -27.23
C GLY D 442 1.92 45.59 -27.84
N PRO D 443 2.65 44.91 -28.74
CA PRO D 443 2.14 43.63 -29.27
C PRO D 443 2.22 42.55 -28.21
N ALA D 444 1.42 41.49 -28.35
CA ALA D 444 1.53 40.30 -27.49
C ALA D 444 3.01 39.92 -27.28
N PRO D 445 3.37 39.52 -26.07
CA PRO D 445 4.80 39.23 -25.94
C PRO D 445 5.15 37.82 -26.45
N LEU D 446 4.90 37.60 -27.75
CA LEU D 446 5.02 36.28 -28.37
C LEU D 446 6.45 35.75 -28.32
N ALA D 447 7.40 36.65 -28.51
CA ALA D 447 8.80 36.30 -28.54
C ALA D 447 9.23 35.84 -27.15
N VAL D 448 8.62 36.44 -26.13
CA VAL D 448 8.93 36.08 -24.76
C VAL D 448 8.41 34.66 -24.53
N GLN D 449 7.17 34.44 -24.93
CA GLN D 449 6.56 33.14 -24.80
C GLN D 449 7.41 32.09 -25.53
N ASP D 450 7.75 32.36 -26.79
CA ASP D 450 8.64 31.45 -27.54
C ASP D 450 9.91 31.20 -26.76
N ALA D 451 10.58 32.26 -26.29
CA ALA D 451 11.85 32.10 -25.58
C ALA D 451 11.73 31.12 -24.42
N ILE D 452 10.64 31.22 -23.64
CA ILE D 452 10.44 30.30 -22.54
C ILE D 452 10.17 28.88 -23.07
N ALA D 453 9.32 28.74 -24.08
CA ALA D 453 9.03 27.42 -24.61
C ALA D 453 10.29 26.76 -25.13
N VAL D 454 11.09 27.52 -25.88
CA VAL D 454 12.36 27.02 -26.42
C VAL D 454 13.33 26.57 -25.30
N ARG D 455 13.56 27.43 -24.32
CA ARG D 455 14.37 27.11 -23.14
C ARG D 455 13.92 25.82 -22.43
N LEU D 456 12.59 25.68 -22.25
CA LEU D 456 12.00 24.51 -21.65
C LEU D 456 12.28 23.26 -22.48
N ALA D 457 12.20 23.38 -23.82
CA ALA D 457 12.57 22.30 -24.74
C ALA D 457 14.05 21.91 -24.59
N GLU D 458 14.91 22.92 -24.41
CA GLU D 458 16.33 22.65 -24.21
C GLU D 458 16.54 21.93 -22.88
N TYR D 459 15.84 22.37 -21.84
CA TYR D 459 15.95 21.77 -20.52
C TYR D 459 15.54 20.30 -20.58
N ALA D 460 14.57 20.01 -21.44
CA ALA D 460 14.10 18.65 -21.68
C ALA D 460 14.97 17.83 -22.66
N GLY D 461 16.19 18.29 -22.93
CA GLY D 461 17.16 17.53 -23.70
C GLY D 461 17.12 17.65 -25.21
N HIS D 462 16.30 18.57 -25.72
CA HIS D 462 16.19 18.82 -27.17
C HIS D 462 17.17 19.90 -27.60
N GLN D 463 17.69 19.77 -28.82
CA GLN D 463 18.61 20.78 -29.34
C GLN D 463 18.09 21.47 -30.61
N ALA D 464 18.67 22.63 -30.92
CA ALA D 464 18.30 23.40 -32.11
C ALA D 464 18.73 22.71 -33.40
N PRO D 465 17.83 22.67 -34.40
CA PRO D 465 18.14 22.12 -35.73
C PRO D 465 19.00 23.10 -36.54
N GLU D 466 20.25 22.76 -36.81
CA GLU D 466 21.17 23.67 -37.51
C GLU D 466 20.87 23.65 -39.01
C7 IM2 E . -4.31 -40.95 42.58
C2 IM2 E . -7.75 -39.99 44.20
C6 IM2 E . -5.38 -40.15 41.90
C5 IM2 E . -5.95 -39.14 42.92
C3 IM2 E . -6.65 -40.13 44.89
O7 IM2 E . -4.55 -42.19 42.62
C61 IM2 E . -4.67 -39.41 40.81
O62 IM2 E . -5.58 -38.46 40.25
C62 IM2 E . -4.22 -40.32 39.69
N4 IM2 E . -5.60 -39.59 44.26
C31 IM2 E . -6.50 -40.79 46.18
O31 IM2 E . -7.53 -41.04 46.85
O32 IM2 E . -5.36 -41.08 46.56
S21 IM2 E . -9.24 -40.68 44.58
C22 IM2 E . -10.39 -39.45 44.67
C23 IM2 E . -9.84 -38.25 45.38
N24 IM2 E . -10.08 -38.32 46.80
C25 IM2 E . -10.67 -39.36 47.33
N26 IM2 E . -11.84 -39.24 47.79
C1 IM2 E . -7.47 -39.17 42.98
MG MG F . -11.66 -11.57 34.50
MG MG G . -5.79 -47.62 67.90
S SO4 H . 5.95 -12.02 50.56
O1 SO4 H . 6.90 -13.10 50.18
O2 SO4 H . 6.73 -10.78 50.56
O3 SO4 H . 5.39 -12.49 51.83
O4 SO4 H . 4.75 -11.82 49.65
S SO4 I . -17.26 -32.24 39.47
O1 SO4 I . -16.77 -33.62 39.29
O2 SO4 I . -16.19 -31.31 39.07
O3 SO4 I . -17.55 -31.95 40.88
O4 SO4 I . -18.49 -32.11 38.69
S SO4 J . 0.94 -30.43 25.51
O1 SO4 J . 0.80 -31.28 26.73
O2 SO4 J . 1.41 -29.04 25.82
O3 SO4 J . -0.36 -30.32 24.80
O4 SO4 J . 1.92 -31.20 24.70
S SO4 K . -10.91 -25.46 49.40
O1 SO4 K . -11.27 -26.61 50.25
O2 SO4 K . -10.53 -24.33 50.27
O3 SO4 K . -12.10 -25.00 48.63
O4 SO4 K . -9.78 -25.82 48.51
C1 GOL L . 9.46 -16.33 24.30
O1 GOL L . 9.27 -17.18 25.43
C2 GOL L . 8.20 -15.49 24.06
O2 GOL L . 8.52 -14.14 23.81
C3 GOL L . 7.30 -15.99 22.92
O3 GOL L . 6.23 -15.07 22.75
S SO4 M . 9.39 -25.00 25.64
O1 SO4 M . 9.73 -24.64 24.25
O2 SO4 M . 8.71 -26.30 25.67
O3 SO4 M . 10.64 -25.07 26.44
O4 SO4 M . 8.53 -23.96 26.19
S SO4 N . 13.52 -18.18 43.77
O1 SO4 N . 14.99 -18.08 43.82
O2 SO4 N . 13.07 -18.81 42.49
O3 SO4 N . 13.14 -19.00 44.95
O4 SO4 N . 12.94 -16.82 43.80
S SO4 O . 6.06 -64.88 45.71
O1 SO4 O . 6.33 -63.76 44.80
O2 SO4 O . 5.75 -66.06 44.90
O3 SO4 O . 7.27 -65.13 46.52
O4 SO4 O . 4.92 -64.59 46.59
S SO4 P . -38.10 -35.29 35.72
O1 SO4 P . -37.08 -34.28 35.42
O2 SO4 P . -38.83 -35.48 34.47
O3 SO4 P . -37.49 -36.56 36.19
O4 SO4 P . -39.04 -34.81 36.77
S SO4 Q . -13.91 -22.44 46.44
O1 SO4 Q . -13.66 -23.68 45.68
O2 SO4 Q . -15.34 -22.53 46.95
O3 SO4 Q . -12.92 -22.47 47.55
O4 SO4 Q . -13.75 -21.18 45.66
S SO4 R . -9.37 -18.88 46.47
O1 SO4 R . -8.72 -19.75 45.50
O2 SO4 R . -10.37 -19.59 47.30
O3 SO4 R . -8.30 -18.33 47.35
O4 SO4 R . -10.13 -17.86 45.71
S SO4 S . -30.15 -29.85 46.42
O1 SO4 S . -29.97 -29.12 45.16
O2 SO4 S . -31.31 -30.73 46.30
O3 SO4 S . -28.95 -30.64 46.69
O4 SO4 S . -30.39 -28.89 47.52
C7 IM2 T . 32.63 10.72 17.37
C2 IM2 T . 35.38 13.11 16.98
C6 IM2 T . 33.96 10.67 18.09
C5 IM2 T . 34.21 12.08 18.61
C3 IM2 T . 34.16 13.38 16.69
O7 IM2 T . 32.70 10.38 16.18
C61 IM2 T . 33.74 9.79 19.28
O62 IM2 T . 35.01 9.78 19.94
C62 IM2 T . 33.44 8.39 18.79
N4 IM2 T . 33.43 12.92 17.69
C31 IM2 T . 33.76 14.03 15.44
O31 IM2 T . 34.66 14.52 14.72
O32 IM2 T . 32.53 14.10 15.10
S21 IM2 T . 36.41 13.29 15.75
C22 IM2 T . 36.40 15.08 16.10
C23 IM2 T . 37.70 15.51 16.75
N24 IM2 T . 38.43 16.39 15.87
C25 IM2 T . 39.75 16.38 15.80
N26 IM2 T . 40.36 17.26 15.12
C1 IM2 T . 35.63 12.57 18.36
S SO4 U . 25.36 30.72 40.39
O1 SO4 U . 24.49 29.64 39.86
O2 SO4 U . 26.71 30.28 40.83
O3 SO4 U . 24.69 31.28 41.58
O4 SO4 U . 25.51 31.72 39.30
S SO4 V . 47.13 14.92 22.07
O1 SO4 V . 46.02 14.03 22.46
O2 SO4 V . 47.03 15.29 20.64
O3 SO4 V . 48.44 14.27 22.25
O4 SO4 V . 47.03 16.13 22.89
S SO4 W . 34.53 0.99 35.56
O1 SO4 W . 34.02 1.50 34.24
O2 SO4 W . 34.19 1.92 36.70
O3 SO4 W . 35.99 0.95 35.44
O4 SO4 W . 33.93 -0.36 35.76
S SO4 X . 39.45 25.47 24.85
O1 SO4 X . 40.79 24.96 25.20
O2 SO4 X . 39.22 26.73 25.56
O3 SO4 X . 38.42 24.53 25.30
O4 SO4 X . 39.37 25.71 23.40
S SO4 Y . 18.52 -0.58 -1.62
O1 SO4 Y . 19.27 -0.75 -2.88
O2 SO4 Y . 17.16 -1.14 -1.67
O3 SO4 Y . 19.24 -1.28 -0.55
O4 SO4 Y . 18.43 0.86 -1.34
S SO4 Z . 40.72 26.49 31.74
O1 SO4 Z . 41.03 26.87 30.35
O2 SO4 Z . 39.49 25.68 31.83
O3 SO4 Z . 41.83 25.72 32.35
O4 SO4 Z . 40.45 27.73 32.49
S SO4 AA . 43.55 24.46 27.84
O1 SO4 AA . 44.71 25.13 27.11
O2 SO4 AA . 43.39 23.12 27.16
O3 SO4 AA . 43.95 24.45 29.21
O4 SO4 AA . 42.29 25.27 27.66
S SO4 BA . 42.31 1.59 15.93
O1 SO4 BA . 43.02 1.51 14.65
O2 SO4 BA . 41.85 0.25 16.31
O3 SO4 BA . 43.21 2.11 16.97
O4 SO4 BA . 41.18 2.51 15.79
C7 IM2 CA . -15.44 -13.89 -43.36
C2 IM2 CA . -12.36 -11.21 -43.22
C6 IM2 CA . -14.13 -14.15 -42.68
C5 IM2 CA . -13.65 -12.82 -42.09
C3 IM2 CA . -13.57 -11.16 -43.70
O7 IM2 CA . -15.42 -14.19 -44.56
C61 IM2 CA . -14.40 -15.20 -41.65
O62 IM2 CA . -13.11 -15.51 -41.07
C62 IM2 CA . -14.83 -16.46 -42.35
N4 IM2 CA . -14.38 -11.90 -42.98
C31 IM2 CA . -13.99 -10.33 -44.84
O31 IM2 CA . -13.13 -9.66 -45.47
O32 IM2 CA . -15.21 -10.30 -45.10
S21 IM2 CA . -11.26 -9.97 -43.50
C22 IM2 CA . -10.99 -9.32 -45.02
C23 IM2 CA . -9.98 -8.22 -44.84
N24 IM2 CA . -9.97 -7.17 -45.82
C25 IM2 CA . -9.46 -5.98 -45.45
N26 IM2 CA . -9.38 -5.04 -46.27
C1 IM2 CA . -12.19 -12.39 -42.28
S SO4 DA . -18.69 2.33 -16.50
O1 SO4 DA . -19.67 1.62 -17.39
O2 SO4 DA . -19.18 2.34 -15.12
O3 SO4 DA . -18.55 3.70 -17.06
O4 SO4 DA . -17.33 1.74 -16.45
S SO4 EA . -0.30 -12.45 -39.41
O1 SO4 EA . 1.17 -12.50 -39.47
O2 SO4 EA . -0.76 -12.12 -38.05
O3 SO4 EA . -0.82 -13.76 -39.83
O4 SO4 EA . -0.79 -11.41 -40.32
S SO4 FA . -13.86 -26.87 -27.33
O1 SO4 FA . -14.22 -26.11 -26.10
O2 SO4 FA . -14.16 -26.14 -28.60
O3 SO4 FA . -14.63 -28.13 -27.40
O4 SO4 FA . -12.40 -27.05 -27.29
S SO4 GA . -6.61 -1.53 -33.73
O1 SO4 GA . -5.34 -2.10 -33.19
O2 SO4 GA . -6.82 -0.20 -33.09
O3 SO4 GA . -7.76 -2.45 -33.41
O4 SO4 GA . -6.49 -1.32 -35.20
S SO4 HA . -4.98 -2.02 -26.85
O1 SO4 HA . -4.71 -1.56 -28.22
O2 SO4 HA . -6.27 -2.73 -26.77
O3 SO4 HA . -3.88 -2.89 -26.36
O4 SO4 HA . -5.07 -0.85 -25.96
S SO4 IA . -31.93 -20.43 -62.51
O1 SO4 IA . -30.67 -19.99 -63.14
O2 SO4 IA . -32.82 -20.99 -63.54
O3 SO4 IA . -31.68 -21.46 -61.49
O4 SO4 IA . -32.62 -19.31 -61.88
S SO4 JA . -2.42 -3.51 -31.07
O1 SO4 JA . -1.32 -2.83 -31.87
O2 SO4 JA . -2.86 -4.70 -31.79
O3 SO4 JA . -1.86 -3.70 -29.75
O4 SO4 JA . -3.62 -2.54 -31.07
C7 IM2 KA . -8.27 33.32 -28.70
C2 IM2 KA . -6.47 33.93 -32.19
C6 IM2 KA . -8.84 34.16 -29.80
C5 IM2 KA . -8.57 33.50 -31.16
C3 IM2 KA . -6.38 32.84 -31.44
O7 IM2 KA . -7.30 33.85 -28.16
C61 IM2 KA . -10.32 34.23 -29.47
O62 IM2 KA . -10.95 34.82 -30.60
C62 IM2 KA . -10.60 35.16 -28.28
N4 IM2 KA . -7.58 32.45 -31.02
C31 IM2 KA . -5.14 32.17 -31.07
O31 IM2 KA . -4.05 32.65 -31.48
O32 IM2 KA . -5.18 31.14 -30.33
S21 IM2 KA . -5.19 34.66 -33.04
C22 IM2 KA . -5.26 33.84 -34.53
C23 IM2 KA . -3.86 33.86 -35.09
N24 IM2 KA . -3.29 32.58 -35.29
C25 IM2 KA . -2.66 32.29 -36.40
N26 IM2 KA . -3.34 32.00 -37.40
C1 IM2 KA . -7.88 34.46 -32.15
MG MG LA . -28.38 31.24 -52.57
MG MG MA . 14.05 17.52 -31.00
S SO4 NA . -24.60 9.95 -42.92
O1 SO4 NA . -23.34 9.31 -43.37
O2 SO4 NA . -24.51 10.19 -41.47
O3 SO4 NA . -25.77 9.08 -43.07
O4 SO4 NA . -24.80 11.20 -43.73
S SO4 OA . -10.02 39.10 -43.25
O1 SO4 OA . -9.26 38.41 -44.31
O2 SO4 OA . -9.33 39.03 -41.94
O3 SO4 OA . -11.31 38.43 -43.09
O4 SO4 OA . -10.23 40.49 -43.69
S SO4 PA . -28.37 38.12 -29.01
O1 SO4 PA . -27.02 37.74 -28.59
O2 SO4 PA . -29.07 38.56 -27.76
O3 SO4 PA . -29.12 36.99 -29.66
O4 SO4 PA . -28.29 39.20 -30.02
S SO4 QA . -10.30 25.96 -45.57
O1 SO4 QA . -11.19 25.96 -44.37
O2 SO4 QA . -10.67 24.86 -46.50
O3 SO4 QA . -8.90 25.74 -45.10
O4 SO4 QA . -10.34 27.25 -46.30
C1 GOL RA . -40.63 28.58 -33.12
O1 GOL RA . -40.54 27.31 -32.48
C2 GOL RA . -42.06 28.88 -33.58
O2 GOL RA . -42.10 30.17 -34.15
C3 GOL RA . -42.52 27.93 -34.67
O3 GOL RA . -42.87 26.68 -34.11
S SO4 SA . -23.41 45.50 -57.74
O1 SO4 SA . -21.99 45.15 -57.63
O2 SO4 SA . -24.25 44.41 -57.19
O3 SO4 SA . -23.68 46.74 -56.99
O4 SO4 SA . -23.74 45.77 -59.17
S SO4 TA . -28.64 13.01 -32.07
O1 SO4 TA . -27.25 13.14 -32.53
O2 SO4 TA . -29.46 12.51 -33.19
O3 SO4 TA . -28.66 12.05 -30.94
O4 SO4 TA . -29.17 14.32 -31.61
S SO4 UA . -12.98 28.70 -49.23
O1 SO4 UA . -12.06 29.22 -50.26
O2 SO4 UA . -12.74 27.27 -48.99
O3 SO4 UA . -12.72 29.41 -47.97
O4 SO4 UA . -14.37 28.87 -49.68
O1 MES VA . -1.35 15.45 -23.19
C2 MES VA . -0.03 15.87 -23.54
C3 MES VA . 0.66 14.73 -24.31
N4 MES VA . 0.63 13.57 -23.42
C5 MES VA . -0.61 13.15 -22.75
C6 MES VA . -1.32 14.39 -22.20
C7 MES VA . 1.91 12.82 -23.28
C8 MES VA . 1.62 11.38 -22.91
S MES VA . 2.51 10.29 -23.82
O1S MES VA . 2.62 9.08 -22.95
O2S MES VA . 1.73 9.90 -25.03
O3S MES VA . 3.85 10.84 -24.28
#